data_5XN6
#
_entry.id   5XN6
#
_cell.length_a   103.062
_cell.length_b   102.981
_cell.length_c   103.486
_cell.angle_alpha   109.390
_cell.angle_beta   109.590
_cell.angle_gamma   109.130
#
_symmetry.space_group_name_H-M   'P 1'
#
loop_
_entity.id
_entity.type
_entity.pdbx_description
1 polymer 'Os07g0580900 protein'
2 polymer 'Os02g0668100 protein'
#
loop_
_entity_poly.entity_id
_entity_poly.type
_entity_poly.pdbx_seq_one_letter_code
_entity_poly.pdbx_strand_id
1 'polypeptide(L)'
;TGFDFNAYMGEKAAAVNRALDASIPADEPPAALHEAMRYALLAGGKRVRPALCLAACAVVGGREAWAMPAAAAVEMVHTM
SLVHDDLPCMDDDDLRRGKPTCHVVYGEPIAVLTGDALLSLSFHHMARFDSYPPDIDADKHPARVVRAIGELARCIGSEG
LVAGQVVDLEMTGSTETVPLERLEYIHLHKTAALLEASVVIGAILGGGSDEQIESLRMYARSIGLLFQVVDDILDVTKSS
EELGKTAGKDLASDKTTYPKLLGLEKSREFAEKLLSDAREQLSGFDQETAAPLLHLANYIAYRQN
;
A,B,E
2 'polypeptide(L)'
;SFDLRLYWTSLIADVEAELDAAMPIRTPERIHSAMRYAVLPGAGNEGTAKRAPPVLCVAACELLGAPREAALPAAVALEM
LHAASLVHDDLPCFDAAPTRRGRPSTHAAYGTDMAVLAGDALFPLAYTHVIAHTPSPDPVPHAVLLRVLGELARAVGSTG
MAAGQFLDLAGATALGEAEVMKVLTKKFGEMAECSAACGAMLGGAGPDEEAALRRYGRTIGVLYQLVDDIRSASGNGKMR
SNASVLRALGMDRALGIVEELKAQAKMEADRFGDKYGERVLPLYSFVDYAVERGFELQDAATTP
;
C,D,F
#
# COMPACT_ATOMS: atom_id res chain seq x y z
N PHE A 3 -10.41 -35.59 5.30
CA PHE A 3 -10.71 -34.17 5.13
C PHE A 3 -10.26 -33.67 3.76
N ASP A 4 -11.21 -32.95 3.14
CA ASP A 4 -11.05 -32.23 1.88
C ASP A 4 -11.61 -30.80 1.99
N PHE A 5 -10.67 -29.88 2.02
CA PHE A 5 -10.93 -28.47 2.18
C PHE A 5 -11.73 -27.77 1.10
N ASN A 6 -11.46 -28.05 -0.16
CA ASN A 6 -12.19 -27.36 -1.20
C ASN A 6 -13.65 -27.75 -1.12
N ALA A 7 -13.90 -29.01 -0.83
CA ALA A 7 -15.26 -29.49 -0.71
C ALA A 7 -15.89 -28.77 0.45
N TYR A 8 -15.12 -28.63 1.52
CA TYR A 8 -15.65 -27.93 2.67
C TYR A 8 -16.04 -26.52 2.30
N MET A 9 -15.20 -25.82 1.58
CA MET A 9 -15.52 -24.44 1.23
C MET A 9 -16.75 -24.38 0.38
N GLY A 10 -16.85 -25.31 -0.55
CA GLY A 10 -17.98 -25.29 -1.44
C GLY A 10 -19.23 -25.44 -0.62
N GLU A 11 -19.23 -26.32 0.36
CA GLU A 11 -20.42 -26.47 1.17
C GLU A 11 -20.79 -25.28 2.03
N LYS A 12 -19.81 -24.65 2.65
CA LYS A 12 -20.12 -23.53 3.52
C LYS A 12 -20.56 -22.37 2.71
N ALA A 13 -20.03 -22.25 1.53
CA ALA A 13 -20.38 -21.15 0.68
C ALA A 13 -21.83 -21.29 0.38
N ALA A 14 -22.26 -22.51 0.08
CA ALA A 14 -23.67 -22.72 -0.22
C ALA A 14 -24.52 -22.44 0.97
N ALA A 15 -24.07 -22.83 2.15
CA ALA A 15 -24.87 -22.58 3.32
C ALA A 15 -25.06 -21.11 3.53
N VAL A 16 -23.97 -20.37 3.39
CA VAL A 16 -24.05 -18.96 3.61
C VAL A 16 -24.96 -18.36 2.59
N ASN A 17 -24.87 -18.84 1.37
CA ASN A 17 -25.67 -18.31 0.31
C ASN A 17 -27.13 -18.50 0.58
N ARG A 18 -27.49 -19.67 1.05
CA ARG A 18 -28.87 -19.93 1.32
C ARG A 18 -29.36 -19.04 2.44
N ALA A 19 -28.54 -18.85 3.46
CA ALA A 19 -28.99 -17.99 4.55
C ALA A 19 -29.22 -16.63 4.01
N LEU A 20 -28.34 -16.18 3.15
CA LEU A 20 -28.48 -14.85 2.59
C LEU A 20 -29.74 -14.70 1.79
N ASP A 21 -30.07 -15.68 0.98
CA ASP A 21 -31.28 -15.57 0.17
C ASP A 21 -32.42 -15.48 1.10
N ALA A 22 -32.37 -16.28 2.14
CA ALA A 22 -33.44 -16.32 3.12
C ALA A 22 -33.66 -15.02 3.84
N SER A 23 -32.62 -14.27 4.12
CA SER A 23 -32.77 -13.00 4.82
C SER A 23 -33.49 -11.88 4.10
N ILE A 24 -33.50 -11.89 2.78
CA ILE A 24 -34.09 -10.82 1.99
C ILE A 24 -35.20 -11.32 1.08
N PRO A 25 -36.46 -11.14 1.51
CA PRO A 25 -37.62 -11.52 0.69
C PRO A 25 -37.81 -10.55 -0.46
N ALA A 26 -37.82 -11.06 -1.70
CA ALA A 26 -37.97 -10.21 -2.87
C ALA A 26 -39.45 -9.96 -3.17
N ASP A 27 -40.31 -10.18 -2.19
CA ASP A 27 -41.76 -9.98 -2.35
C ASP A 27 -42.24 -8.75 -1.60
N GLU A 28 -41.47 -8.34 -0.61
CA GLU A 28 -41.81 -7.21 0.22
C GLU A 28 -41.76 -5.98 -0.64
N PRO A 29 -42.57 -4.93 -0.24
CA PRO A 29 -42.64 -3.79 -1.17
C PRO A 29 -41.50 -2.90 -1.69
N PRO A 30 -40.48 -2.36 -0.92
CA PRO A 30 -39.58 -1.51 -1.74
C PRO A 30 -38.80 -2.52 -2.51
N ALA A 31 -39.48 -3.09 -3.51
CA ALA A 31 -38.93 -4.14 -4.32
C ALA A 31 -37.72 -3.82 -5.12
N ALA A 32 -37.67 -2.72 -5.84
CA ALA A 32 -36.39 -2.51 -6.50
C ALA A 32 -35.24 -2.51 -5.51
N LEU A 33 -35.46 -1.89 -4.35
CA LEU A 33 -34.43 -1.79 -3.32
C LEU A 33 -34.04 -3.17 -2.81
N HIS A 34 -35.04 -4.02 -2.58
CA HIS A 34 -34.78 -5.39 -2.13
C HIS A 34 -34.06 -6.19 -3.19
N GLU A 35 -34.45 -6.02 -4.44
CA GLU A 35 -33.74 -6.67 -5.54
C GLU A 35 -32.32 -6.14 -5.61
N ALA A 36 -32.19 -4.82 -5.50
CA ALA A 36 -30.87 -4.18 -5.52
C ALA A 36 -29.99 -4.76 -4.42
N MET A 37 -30.56 -4.98 -3.25
CA MET A 37 -29.84 -5.61 -2.15
C MET A 37 -29.46 -7.04 -2.52
N ARG A 38 -30.38 -7.72 -3.18
CA ARG A 38 -30.14 -9.10 -3.57
C ARG A 38 -29.11 -9.14 -4.69
N TYR A 39 -29.27 -8.24 -5.66
CA TYR A 39 -28.33 -8.16 -6.77
C TYR A 39 -26.92 -7.97 -6.26
N ALA A 40 -26.81 -7.25 -5.14
CA ALA A 40 -25.52 -7.04 -4.53
C ALA A 40 -25.10 -8.28 -3.74
N LEU A 41 -25.91 -8.65 -2.76
CA LEU A 41 -25.50 -9.66 -1.78
C LEU A 41 -25.34 -11.04 -2.39
N LEU A 42 -26.30 -11.46 -3.20
CA LEU A 42 -26.32 -12.83 -3.72
C LEU A 42 -25.38 -13.01 -4.90
N ALA A 43 -24.60 -11.98 -5.20
CA ALA A 43 -23.80 -11.93 -6.43
C ALA A 43 -22.56 -12.82 -6.40
N GLY A 44 -22.77 -14.11 -6.21
CA GLY A 44 -21.66 -15.07 -6.17
C GLY A 44 -20.65 -14.78 -5.09
N GLY A 45 -19.39 -15.09 -5.36
CA GLY A 45 -18.33 -14.86 -4.40
C GLY A 45 -17.94 -16.14 -3.67
N LYS A 46 -16.74 -16.15 -3.11
CA LYS A 46 -16.20 -17.33 -2.44
C LYS A 46 -16.74 -17.48 -1.03
N ARG A 47 -17.24 -16.41 -0.46
CA ARG A 47 -17.76 -16.52 0.89
C ARG A 47 -16.78 -16.86 2.03
N VAL A 48 -15.59 -16.28 1.93
CA VAL A 48 -14.55 -16.41 2.93
C VAL A 48 -14.73 -15.82 4.30
N ARG A 49 -15.28 -14.62 4.42
CA ARG A 49 -15.45 -14.01 5.74
C ARG A 49 -16.50 -14.74 6.51
N PRO A 50 -17.63 -15.11 5.81
CA PRO A 50 -18.59 -15.91 6.56
C PRO A 50 -17.90 -17.17 6.93
N ALA A 51 -17.07 -17.71 6.04
CA ALA A 51 -16.38 -18.93 6.39
C ALA A 51 -15.51 -18.83 7.62
N LEU A 52 -14.74 -17.77 7.81
CA LEU A 52 -13.91 -17.71 9.01
C LEU A 52 -14.75 -17.68 10.25
N CYS A 53 -15.76 -16.82 10.27
CA CYS A 53 -16.66 -16.74 11.40
C CYS A 53 -17.14 -18.12 11.81
N LEU A 54 -17.66 -18.87 10.85
CA LEU A 54 -18.24 -20.18 11.09
C LEU A 54 -17.24 -21.17 11.69
N ALA A 55 -16.10 -21.34 11.02
CA ALA A 55 -15.06 -22.24 11.48
C ALA A 55 -14.56 -21.85 12.87
N ALA A 56 -14.62 -20.55 13.16
CA ALA A 56 -14.19 -20.04 14.45
C ALA A 56 -15.14 -20.47 15.55
N CYS A 57 -16.37 -20.78 15.18
CA CYS A 57 -17.38 -21.19 16.14
C CYS A 57 -17.25 -22.66 16.51
N ALA A 58 -16.89 -23.47 15.53
CA ALA A 58 -16.75 -24.92 15.74
C ALA A 58 -15.41 -25.27 16.39
N VAL A 59 -14.39 -24.44 16.14
CA VAL A 59 -13.06 -24.70 16.66
C VAL A 59 -13.01 -24.46 18.17
N VAL A 60 -13.87 -23.58 18.67
CA VAL A 60 -13.84 -23.20 20.07
C VAL A 60 -15.07 -23.79 20.75
N GLY A 62 -18.79 -25.68 20.43
CA GLY A 62 -19.96 -25.05 19.86
C GLY A 62 -20.06 -25.38 18.42
N ARG A 63 -21.23 -25.17 17.82
CA ARG A 63 -21.39 -25.69 16.47
C ARG A 63 -21.81 -24.59 15.48
N GLU A 64 -21.38 -24.78 14.24
CA GLU A 64 -21.42 -23.75 13.18
C GLU A 64 -22.77 -23.11 12.86
N ALA A 65 -23.87 -23.75 13.23
CA ALA A 65 -25.16 -23.13 12.97
C ALA A 65 -25.47 -22.03 14.00
N TRP A 66 -24.75 -22.03 15.13
CA TRP A 66 -24.90 -20.96 16.12
C TRP A 66 -24.52 -19.59 15.55
N ALA A 67 -23.48 -19.59 14.72
CA ALA A 67 -22.86 -18.35 14.24
C ALA A 67 -23.15 -18.07 12.77
N MET A 68 -24.11 -18.77 12.20
CA MET A 68 -24.52 -18.50 10.84
C MET A 68 -25.20 -17.12 10.66
N PRO A 69 -25.94 -16.62 11.69
CA PRO A 69 -26.48 -15.27 11.47
C PRO A 69 -25.37 -14.22 11.35
N ALA A 70 -24.32 -14.36 12.16
CA ALA A 70 -23.19 -13.44 12.11
C ALA A 70 -22.38 -13.64 10.83
N ALA A 71 -22.30 -14.88 10.35
CA ALA A 71 -21.63 -15.17 9.09
C ALA A 71 -22.38 -14.53 7.93
N ALA A 72 -23.69 -14.41 8.07
CA ALA A 72 -24.48 -13.68 7.10
C ALA A 72 -24.20 -12.20 7.25
N ALA A 73 -24.03 -11.78 8.50
CA ALA A 73 -23.87 -10.37 8.85
C ALA A 73 -22.59 -9.75 8.27
N VAL A 74 -21.46 -10.42 8.47
CA VAL A 74 -20.20 -9.90 7.96
C VAL A 74 -20.15 -9.97 6.44
N GLU A 75 -20.89 -10.90 5.85
CA GLU A 75 -20.91 -10.98 4.40
C GLU A 75 -21.80 -9.89 3.84
N MET A 76 -22.76 -9.43 4.64
CA MET A 76 -23.58 -8.25 4.33
C MET A 76 -22.79 -6.96 4.59
N VAL A 77 -22.14 -6.91 5.74
CA VAL A 77 -21.25 -5.81 6.09
C VAL A 77 -20.25 -5.63 4.96
N HIS A 78 -19.67 -6.74 4.51
CA HIS A 78 -18.70 -6.71 3.43
C HIS A 78 -19.32 -6.29 2.10
N THR A 79 -20.58 -6.64 1.89
CA THR A 79 -21.26 -6.28 0.65
C THR A 79 -21.46 -4.77 0.60
N MET A 80 -21.86 -4.20 1.72
CA MET A 80 -21.98 -2.75 1.86
C MET A 80 -20.63 -2.07 1.61
N SER A 81 -19.55 -2.81 1.87
CA SER A 81 -18.19 -2.33 1.66
C SER A 81 -17.79 -2.41 0.20
N LEU A 82 -18.69 -2.88 -0.66
CA LEU A 82 -18.37 -3.02 -2.07
C LEU A 82 -19.37 -2.26 -2.93
N VAL A 83 -20.60 -2.13 -2.42
CA VAL A 83 -21.61 -1.40 -3.15
C VAL A 83 -21.22 0.08 -3.19
N HIS A 84 -20.55 0.52 -2.14
CA HIS A 84 -20.12 1.92 -2.04
C HIS A 84 -18.76 2.15 -2.69
N ASP A 85 -17.90 1.13 -2.65
CA ASP A 85 -16.58 1.22 -3.27
C ASP A 85 -16.67 1.38 -4.79
N ASP A 86 -17.76 0.89 -5.36
CA ASP A 86 -17.95 0.90 -6.81
C ASP A 86 -18.55 2.21 -7.31
N LEU A 87 -19.07 3.01 -6.38
CA LEU A 87 -19.65 4.30 -6.73
C LEU A 87 -18.65 5.18 -7.46
N PRO A 88 -19.12 6.01 -8.37
CA PRO A 88 -18.24 6.93 -9.04
C PRO A 88 -17.60 7.90 -8.08
N CYS A 89 -18.31 8.35 -7.06
CA CYS A 89 -17.70 9.33 -6.15
C CYS A 89 -16.46 8.77 -5.54
N MET A 90 -16.37 7.46 -5.40
CA MET A 90 -15.19 6.88 -4.81
C MET A 90 -14.14 6.19 -5.62
N ASP A 91 -14.34 4.90 -5.92
CA ASP A 91 -13.46 4.17 -6.82
C ASP A 91 -13.83 3.94 -8.29
N ASP A 92 -15.05 4.22 -8.68
CA ASP A 92 -15.46 3.97 -10.06
C ASP A 92 -15.26 2.50 -10.28
N ASP A 93 -14.55 2.09 -11.33
CA ASP A 93 -14.32 0.67 -11.64
C ASP A 93 -15.65 -0.01 -11.57
N ASP A 94 -16.54 0.48 -12.41
CA ASP A 94 -17.92 0.08 -12.44
C ASP A 94 -18.15 -1.39 -12.60
N LEU A 95 -17.37 -2.04 -13.45
CA LEU A 95 -17.58 -3.46 -13.63
C LEU A 95 -16.40 -4.36 -13.26
N ARG A 96 -16.69 -5.36 -12.43
CA ARG A 96 -15.71 -6.37 -12.02
C ARG A 96 -16.45 -7.73 -11.96
N ARG A 97 -15.71 -8.81 -11.69
CA ARG A 97 -16.14 -10.20 -11.95
C ARG A 97 -16.58 -9.99 -13.39
N GLY A 98 -17.82 -10.37 -13.66
CA GLY A 98 -18.39 -10.33 -14.99
C GLY A 98 -19.71 -9.61 -14.83
N LYS A 99 -19.89 -9.06 -13.62
CA LYS A 99 -21.11 -8.36 -13.25
C LYS A 99 -20.91 -6.86 -13.39
N PRO A 100 -21.90 -6.18 -13.99
CA PRO A 100 -21.89 -4.72 -13.88
C PRO A 100 -22.13 -4.34 -12.42
N THR A 101 -21.34 -3.39 -11.91
CA THR A 101 -21.45 -2.99 -10.51
C THR A 101 -22.86 -2.50 -10.19
N CYS A 102 -23.19 -2.45 -8.89
CA CYS A 102 -24.55 -2.19 -8.48
C CYS A 102 -25.04 -0.80 -8.88
N HIS A 103 -24.13 0.17 -8.96
CA HIS A 103 -24.52 1.52 -9.34
C HIS A 103 -24.79 1.61 -10.85
N VAL A 104 -24.29 0.63 -11.60
CA VAL A 104 -24.50 0.59 -13.04
C VAL A 104 -25.96 0.24 -13.36
N VAL A 105 -26.46 -0.81 -12.73
CA VAL A 105 -27.80 -1.31 -12.98
C VAL A 105 -28.90 -0.41 -12.41
N TYR A 106 -28.65 0.16 -11.24
CA TYR A 106 -29.70 0.86 -10.51
C TYR A 106 -29.44 2.36 -10.33
N GLY A 107 -28.27 2.81 -10.74
CA GLY A 107 -27.92 4.22 -10.59
C GLY A 107 -27.26 4.46 -9.25
N GLU A 108 -26.75 5.69 -9.06
CA GLU A 108 -26.06 6.03 -7.82
C GLU A 108 -26.90 5.92 -6.54
N PRO A 109 -28.07 6.59 -6.47
CA PRO A 109 -28.74 6.69 -5.16
C PRO A 109 -29.26 5.34 -4.65
N ILE A 110 -29.70 4.47 -5.54
CA ILE A 110 -30.14 3.15 -5.13
C ILE A 110 -28.95 2.38 -4.55
N ALA A 111 -27.80 2.53 -5.19
CA ALA A 111 -26.57 1.91 -4.71
C ALA A 111 -26.22 2.46 -3.33
N VAL A 112 -26.57 3.73 -3.11
CA VAL A 112 -26.34 4.35 -1.82
C VAL A 112 -27.22 3.73 -0.74
N LEU A 113 -28.51 3.60 -1.04
CA LEU A 113 -29.46 3.08 -0.08
C LEU A 113 -29.35 1.56 0.08
N THR A 114 -28.69 0.92 -0.87
CA THR A 114 -28.57 -0.54 -0.83
C THR A 114 -27.50 -0.96 0.19
N GLY A 115 -26.40 -0.23 0.23
CA GLY A 115 -25.41 -0.43 1.28
C GLY A 115 -25.99 -0.11 2.65
N ASP A 116 -26.75 0.99 2.73
CA ASP A 116 -27.35 1.43 3.99
C ASP A 116 -28.39 0.45 4.52
N ALA A 117 -29.07 -0.25 3.63
CA ALA A 117 -30.06 -1.24 4.02
C ALA A 117 -29.40 -2.49 4.56
N LEU A 118 -28.30 -2.88 3.91
CA LEU A 118 -27.52 -4.05 4.29
C LEU A 118 -26.89 -3.90 5.67
N LEU A 119 -26.06 -2.86 5.81
CA LEU A 119 -25.45 -2.50 7.09
C LEU A 119 -26.44 -2.72 8.23
N SER A 120 -27.58 -2.05 8.13
CA SER A 120 -28.69 -2.26 9.04
C SER A 120 -29.08 -3.74 9.11
N LEU A 121 -29.45 -4.31 7.97
CA LEU A 121 -29.86 -5.71 7.91
C LEU A 121 -28.89 -6.65 8.64
N SER A 122 -27.60 -6.42 8.46
CA SER A 122 -26.60 -7.24 9.14
C SER A 122 -26.70 -7.12 10.65
N PHE A 123 -26.81 -5.90 11.15
CA PHE A 123 -26.96 -5.68 12.58
C PHE A 123 -28.32 -6.17 13.03
N HIS A 124 -29.31 -5.98 12.17
CA HIS A 124 -30.67 -6.47 12.43
C HIS A 124 -30.65 -7.97 12.63
N HIS A 125 -30.30 -8.66 11.55
CA HIS A 125 -30.23 -10.11 11.50
C HIS A 125 -29.42 -10.72 12.65
N MET A 126 -28.39 -10.00 13.11
CA MET A 126 -27.58 -10.50 14.21
C MET A 126 -28.29 -10.35 15.55
N ALA A 127 -29.03 -9.27 15.72
CA ALA A 127 -29.69 -9.00 16.98
C ALA A 127 -30.94 -9.86 17.12
N ARG A 128 -31.69 -10.00 16.03
CA ARG A 128 -32.88 -10.85 16.00
C ARG A 128 -32.58 -12.25 16.49
N PHE A 129 -33.30 -12.67 17.54
CA PHE A 129 -33.15 -14.04 18.02
C PHE A 129 -33.93 -15.00 17.13
N ASP A 130 -34.79 -14.46 16.26
CA ASP A 130 -35.51 -15.25 15.27
C ASP A 130 -34.55 -15.90 14.29
N SER A 131 -33.33 -15.37 14.24
CA SER A 131 -32.33 -15.79 13.27
C SER A 131 -31.57 -17.02 13.73
N TYR A 132 -31.53 -17.22 15.04
CA TYR A 132 -30.68 -18.23 15.64
C TYR A 132 -31.38 -19.56 15.88
N PRO A 133 -30.66 -20.68 15.71
CA PRO A 133 -31.13 -22.04 15.95
C PRO A 133 -31.59 -22.26 17.39
N PRO A 134 -32.23 -23.42 17.68
CA PRO A 134 -32.72 -23.71 19.04
C PRO A 134 -31.69 -24.33 19.99
N ASP A 135 -30.74 -25.12 19.46
CA ASP A 135 -29.81 -25.86 20.31
C ASP A 135 -28.72 -24.88 20.73
N ILE A 136 -29.11 -23.74 21.29
CA ILE A 136 -28.18 -22.72 21.73
C ILE A 136 -28.29 -22.71 23.26
N ASP A 137 -27.16 -22.60 23.94
CA ASP A 137 -27.14 -22.49 25.40
C ASP A 137 -27.80 -21.18 25.81
N ALA A 138 -29.13 -21.12 25.71
CA ALA A 138 -29.87 -19.88 25.85
C ALA A 138 -29.44 -18.76 26.80
N ASP A 139 -28.86 -19.17 27.92
CA ASP A 139 -28.29 -18.25 28.90
C ASP A 139 -27.19 -17.25 28.64
N LYS A 140 -26.00 -17.79 28.48
CA LYS A 140 -24.80 -17.05 28.16
C LYS A 140 -24.96 -16.44 26.74
N HIS A 141 -25.55 -17.20 25.81
CA HIS A 141 -25.65 -16.83 24.38
C HIS A 141 -26.24 -15.45 24.05
N PRO A 142 -27.34 -15.02 24.72
CA PRO A 142 -27.77 -13.63 24.51
C PRO A 142 -26.68 -12.60 24.82
N ALA A 143 -26.04 -12.75 25.97
CA ALA A 143 -24.93 -11.86 26.34
C ALA A 143 -23.77 -11.95 25.35
N ARG A 144 -23.62 -13.09 24.71
CA ARG A 144 -22.63 -13.25 23.63
C ARG A 144 -23.00 -12.38 22.44
N VAL A 145 -24.27 -12.41 22.05
CA VAL A 145 -24.71 -11.71 20.85
C VAL A 145 -24.53 -10.21 20.99
N VAL A 146 -24.71 -9.71 22.21
CA VAL A 146 -24.45 -8.30 22.47
C VAL A 146 -22.98 -7.95 22.18
N ARG A 147 -22.06 -8.75 22.69
CA ARG A 147 -20.65 -8.42 22.48
C ARG A 147 -20.20 -8.81 21.07
N ALA A 148 -20.89 -9.77 20.45
CA ALA A 148 -20.60 -10.12 19.07
C ALA A 148 -20.99 -8.97 18.15
N ILE A 149 -22.13 -8.36 18.46
CA ILE A 149 -22.57 -7.19 17.73
C ILE A 149 -21.60 -6.02 17.93
N GLY A 150 -21.18 -5.85 19.18
CA GLY A 150 -20.30 -4.75 19.56
C GLY A 150 -18.87 -4.94 19.15
N GLU A 151 -18.47 -6.19 18.92
CA GLU A 151 -17.19 -6.47 18.32
C GLU A 151 -17.31 -6.23 16.82
N LEU A 152 -18.42 -6.69 16.25
CA LEU A 152 -18.72 -6.42 14.85
C LEU A 152 -18.75 -4.92 14.60
N ALA A 153 -19.41 -4.19 15.50
CA ALA A 153 -19.54 -2.75 15.39
C ALA A 153 -18.21 -2.02 15.54
N ARG A 154 -17.33 -2.57 16.38
CA ARG A 154 -16.05 -1.93 16.69
C ARG A 154 -15.11 -1.95 15.48
N CYS A 155 -15.23 -2.98 14.66
CA CYS A 155 -14.34 -3.18 13.51
C CYS A 155 -14.84 -2.51 12.24
N ILE A 156 -16.08 -2.03 12.23
CA ILE A 156 -16.65 -1.45 11.03
C ILE A 156 -16.42 0.04 10.93
N GLY A 157 -16.60 0.74 12.05
CA GLY A 157 -16.66 2.18 12.01
C GLY A 157 -15.33 2.93 11.92
N SER A 158 -15.21 3.92 12.81
CA SER A 158 -14.09 4.85 12.82
C SER A 158 -12.80 4.22 13.36
N GLU A 159 -12.89 2.99 13.85
CA GLU A 159 -11.73 2.31 14.41
C GLU A 159 -11.37 1.07 13.60
N GLY A 160 -12.02 0.95 12.46
CA GLY A 160 -11.89 -0.19 11.60
C GLY A 160 -11.77 0.13 10.17
N LEU A 161 -12.67 -0.38 9.36
CA LEU A 161 -12.58 -0.19 7.94
C LEU A 161 -12.63 1.19 7.41
N VAL A 162 -13.51 2.02 7.93
CA VAL A 162 -13.63 3.35 7.40
C VAL A 162 -12.31 4.06 7.56
N ALA A 163 -11.63 3.87 8.66
CA ALA A 163 -10.35 4.51 8.86
C ALA A 163 -9.49 4.00 7.76
N GLY A 164 -9.64 2.74 7.44
CA GLY A 164 -8.89 2.17 6.35
C GLY A 164 -9.32 2.72 5.02
N GLN A 165 -10.61 2.80 4.75
CA GLN A 165 -11.04 3.25 3.45
C GLN A 165 -10.52 4.66 3.27
N VAL A 166 -10.53 5.47 4.33
CA VAL A 166 -10.07 6.87 4.21
C VAL A 166 -8.62 7.18 4.00
N VAL A 167 -7.77 6.60 4.81
CA VAL A 167 -6.34 6.86 4.65
C VAL A 167 -5.85 6.57 3.23
N ASP A 168 -6.44 5.57 2.59
CA ASP A 168 -6.15 5.28 1.20
C ASP A 168 -6.57 6.47 0.34
N LEU A 169 -7.70 7.06 0.67
CA LEU A 169 -8.26 8.18 -0.08
C LEU A 169 -7.53 9.50 0.18
N GLU A 170 -6.40 9.41 0.86
CA GLU A 170 -5.61 10.59 1.20
C GLU A 170 -4.63 10.93 0.09
N MET A 171 -3.90 9.91 -0.37
CA MET A 171 -2.92 10.03 -1.45
C MET A 171 -1.90 11.13 -1.18
N THR A 177 4.32 9.25 -2.82
CA THR A 177 4.84 7.95 -2.40
C THR A 177 4.64 7.75 -0.88
N VAL A 178 4.38 6.51 -0.49
CA VAL A 178 3.86 6.19 0.85
C VAL A 178 4.81 5.30 1.68
N PRO A 179 4.96 5.62 2.99
CA PRO A 179 5.77 4.85 3.95
C PRO A 179 5.14 3.52 4.39
N LEU A 180 5.94 2.66 5.00
CA LEU A 180 5.51 1.30 5.38
C LEU A 180 4.45 1.28 6.48
N GLU A 181 4.82 1.82 7.65
CA GLU A 181 3.92 1.89 8.81
C GLU A 181 2.51 2.28 8.40
N ARG A 182 2.41 3.28 7.55
CA ARG A 182 1.13 3.75 7.06
C ARG A 182 0.53 2.78 6.03
N LEU A 183 1.39 2.08 5.29
CA LEU A 183 0.88 1.11 4.32
C LEU A 183 0.22 -0.04 5.05
N GLU A 184 0.93 -0.63 6.00
CA GLU A 184 0.37 -1.76 6.74
C GLU A 184 -0.78 -1.32 7.63
N TYR A 185 -0.80 -0.05 8.01
CA TYR A 185 -1.92 0.46 8.81
C TYR A 185 -3.21 0.44 8.00
N ILE A 186 -3.13 0.85 6.74
CA ILE A 186 -4.29 0.84 5.85
C ILE A 186 -4.85 -0.56 5.67
N HIS A 187 -3.97 -1.47 5.27
CA HIS A 187 -4.36 -2.87 5.10
C HIS A 187 -4.88 -3.45 6.40
N LEU A 188 -4.14 -3.28 7.48
CA LEU A 188 -4.55 -3.79 8.79
C LEU A 188 -5.93 -3.27 9.17
N HIS A 189 -6.35 -2.17 8.55
CA HIS A 189 -7.64 -1.59 8.90
C HIS A 189 -8.64 -1.48 7.75
N LYS A 190 -8.34 -2.01 6.57
CA LYS A 190 -9.39 -2.11 5.55
C LYS A 190 -9.73 -3.57 5.27
N THR A 191 -8.77 -4.47 5.43
CA THR A 191 -9.07 -5.88 5.25
C THR A 191 -9.01 -6.62 6.57
N ALA A 192 -7.94 -6.39 7.33
CA ALA A 192 -7.67 -7.17 8.53
C ALA A 192 -8.72 -6.94 9.60
N ALA A 193 -9.36 -5.78 9.57
CA ALA A 193 -10.38 -5.47 10.56
C ALA A 193 -11.60 -6.37 10.41
N LEU A 194 -12.08 -6.53 9.19
CA LEU A 194 -13.28 -7.31 8.94
C LEU A 194 -13.08 -8.77 9.29
N LEU A 195 -11.86 -9.25 9.14
CA LEU A 195 -11.58 -10.65 9.41
C LEU A 195 -11.51 -10.86 10.91
N GLU A 196 -10.95 -9.89 11.63
CA GLU A 196 -10.94 -9.94 13.09
C GLU A 196 -12.36 -10.06 13.62
N ALA A 197 -13.24 -9.27 13.03
CA ALA A 197 -14.64 -9.27 13.40
C ALA A 197 -15.23 -10.68 13.24
N SER A 198 -15.06 -11.24 12.05
CA SER A 198 -15.63 -12.54 11.73
C SER A 198 -15.21 -13.63 12.71
N VAL A 199 -13.91 -13.82 12.89
CA VAL A 199 -13.46 -14.94 13.72
C VAL A 199 -13.67 -14.69 15.21
N VAL A 200 -13.86 -13.43 15.61
CA VAL A 200 -14.06 -13.15 17.02
C VAL A 200 -15.52 -13.37 17.39
N ILE A 201 -16.42 -12.78 16.61
CA ILE A 201 -17.85 -12.95 16.84
C ILE A 201 -18.26 -14.38 16.57
N GLY A 202 -17.42 -15.09 15.80
CA GLY A 202 -17.60 -16.51 15.60
C GLY A 202 -17.18 -17.25 16.85
N ALA A 203 -16.06 -16.83 17.42
CA ALA A 203 -15.55 -17.40 18.66
C ALA A 203 -16.46 -17.06 19.82
N ILE A 204 -16.96 -15.83 19.83
CA ILE A 204 -17.90 -15.41 20.85
C ILE A 204 -19.17 -16.25 20.80
N LEU A 205 -19.76 -16.37 19.61
CA LEU A 205 -20.97 -17.17 19.44
C LEU A 205 -20.68 -18.66 19.59
N GLY A 206 -19.40 -19.01 19.65
CA GLY A 206 -19.01 -20.36 20.02
C GLY A 206 -18.95 -20.48 21.53
N GLY A 207 -18.71 -19.35 22.19
CA GLY A 207 -18.67 -19.30 23.65
C GLY A 207 -17.27 -19.39 24.21
N GLY A 208 -16.28 -19.32 23.32
CA GLY A 208 -14.89 -19.54 23.68
C GLY A 208 -14.32 -18.63 24.75
N SER A 209 -13.23 -19.08 25.36
CA SER A 209 -12.53 -18.30 26.36
C SER A 209 -11.87 -17.09 25.75
N ASP A 210 -11.52 -16.12 26.59
CA ASP A 210 -10.87 -14.90 26.12
C ASP A 210 -9.53 -15.24 25.49
N GLU A 211 -8.83 -16.19 26.10
CA GLU A 211 -7.58 -16.67 25.57
C GLU A 211 -7.82 -17.16 24.13
N GLN A 212 -8.87 -17.96 23.97
CA GLN A 212 -9.23 -18.52 22.67
C GLN A 212 -9.63 -17.44 21.69
N ILE A 213 -10.41 -16.48 22.19
CA ILE A 213 -10.91 -15.38 21.37
C ILE A 213 -9.77 -14.49 20.91
N GLU A 214 -8.90 -14.08 21.83
CA GLU A 214 -7.80 -13.18 21.48
C GLU A 214 -6.83 -13.84 20.50
N SER A 215 -6.50 -15.10 20.74
CA SER A 215 -5.57 -15.82 19.87
C SER A 215 -6.11 -15.93 18.46
N LEU A 216 -7.43 -16.12 18.35
CA LEU A 216 -8.09 -16.13 17.06
C LEU A 216 -8.10 -14.74 16.43
N ARG A 217 -8.01 -13.71 17.27
CA ARG A 217 -8.06 -12.33 16.79
C ARG A 217 -6.75 -11.91 16.12
N MET A 218 -5.62 -12.11 16.80
CA MET A 218 -4.33 -11.86 16.17
C MET A 218 -4.05 -12.90 15.10
N TYR A 219 -4.77 -14.02 15.13
CA TYR A 219 -4.74 -14.94 14.02
C TYR A 219 -5.25 -14.24 12.77
N ALA A 220 -6.43 -13.66 12.88
CA ALA A 220 -7.05 -12.97 11.75
C ALA A 220 -6.29 -11.70 11.39
N ARG A 221 -5.70 -11.06 12.39
CA ARG A 221 -4.95 -9.82 12.18
C ARG A 221 -3.78 -10.06 11.22
N SER A 222 -3.18 -11.23 11.32
CA SER A 222 -2.05 -11.60 10.47
C SER A 222 -2.51 -12.05 9.09
N ILE A 223 -3.52 -12.91 9.04
CA ILE A 223 -4.05 -13.36 7.75
C ILE A 223 -4.79 -12.22 7.06
N GLY A 224 -5.03 -11.14 7.79
CA GLY A 224 -5.58 -9.92 7.22
C GLY A 224 -4.57 -9.28 6.30
N LEU A 225 -3.40 -8.98 6.84
CA LEU A 225 -2.29 -8.48 6.03
C LEU A 225 -1.94 -9.47 4.95
N LEU A 226 -1.74 -10.72 5.36
CA LEU A 226 -1.45 -11.82 4.46
C LEU A 226 -2.35 -11.81 3.23
N PHE A 227 -3.65 -11.58 3.47
CA PHE A 227 -4.63 -11.48 2.41
C PHE A 227 -4.22 -10.46 1.36
N GLN A 228 -3.98 -9.22 1.80
CA GLN A 228 -3.79 -8.12 0.87
C GLN A 228 -2.34 -7.92 0.44
N VAL A 229 -1.40 -8.54 1.16
CA VAL A 229 -0.01 -8.52 0.71
C VAL A 229 0.08 -9.33 -0.57
N VAL A 230 -0.48 -10.53 -0.51
CA VAL A 230 -0.60 -11.40 -1.68
C VAL A 230 -1.29 -10.67 -2.84
N ASP A 231 -2.34 -9.92 -2.52
CA ASP A 231 -3.05 -9.13 -3.52
C ASP A 231 -2.14 -8.10 -4.17
N ASP A 232 -1.16 -7.65 -3.40
CA ASP A 232 -0.19 -6.69 -3.92
C ASP A 232 0.95 -7.42 -4.65
N ILE A 233 1.00 -8.75 -4.50
CA ILE A 233 2.01 -9.54 -5.20
C ILE A 233 1.45 -10.11 -6.49
N LEU A 234 0.29 -10.75 -6.41
CA LEU A 234 -0.36 -11.35 -7.58
C LEU A 234 -0.59 -10.32 -8.69
N ASP A 235 -0.54 -9.04 -8.32
CA ASP A 235 -0.74 -7.95 -9.28
C ASP A 235 0.33 -7.96 -10.35
N VAL A 236 1.56 -8.30 -9.96
CA VAL A 236 2.68 -8.34 -10.90
C VAL A 236 2.47 -9.39 -11.99
N THR A 237 1.93 -10.54 -11.60
CA THR A 237 1.66 -11.62 -12.54
C THR A 237 0.62 -11.20 -13.57
N LYS A 238 0.84 -11.59 -14.83
CA LYS A 238 -0.07 -11.26 -15.93
C LYS A 238 -0.42 -9.77 -15.97
N LYS A 255 -0.49 2.79 -7.89
CA LYS A 255 -0.82 2.83 -6.47
C LYS A 255 0.34 2.25 -5.72
N THR A 256 0.78 2.94 -4.69
CA THR A 256 1.92 2.47 -3.92
C THR A 256 1.63 1.10 -3.36
N THR A 257 2.60 0.20 -3.46
CA THR A 257 2.41 -1.16 -2.97
C THR A 257 3.61 -1.75 -2.27
N TYR A 258 3.45 -2.99 -1.86
CA TYR A 258 4.45 -3.72 -1.09
C TYR A 258 5.69 -4.20 -1.85
N PRO A 259 5.51 -4.78 -3.05
CA PRO A 259 6.75 -5.18 -3.74
C PRO A 259 7.51 -3.96 -4.25
N LYS A 260 6.84 -2.82 -4.32
CA LYS A 260 7.49 -1.59 -4.73
C LYS A 260 8.37 -1.04 -3.62
N LEU A 261 7.87 -1.13 -2.39
CA LEU A 261 8.59 -0.59 -1.23
C LEU A 261 9.71 -1.51 -0.74
N LEU A 262 9.50 -2.82 -0.85
CA LEU A 262 10.43 -3.78 -0.27
C LEU A 262 11.24 -4.57 -1.31
N GLY A 263 10.66 -4.77 -2.49
CA GLY A 263 11.23 -5.68 -3.47
C GLY A 263 10.26 -6.83 -3.61
N LEU A 264 10.32 -7.55 -4.72
CA LEU A 264 9.34 -8.60 -4.99
C LEU A 264 9.44 -9.76 -4.00
N GLU A 265 10.57 -10.45 -3.97
CA GLU A 265 10.70 -11.60 -3.11
C GLU A 265 11.00 -11.16 -1.68
N LYS A 266 11.14 -9.85 -1.49
CA LYS A 266 11.15 -9.27 -0.16
C LYS A 266 9.71 -9.22 0.35
N SER A 267 8.78 -9.35 -0.58
CA SER A 267 7.35 -9.38 -0.26
C SER A 267 6.85 -10.82 -0.20
N ARG A 268 7.58 -11.73 -0.86
CA ARG A 268 7.25 -13.15 -0.76
C ARG A 268 7.88 -13.71 0.52
N GLU A 269 8.91 -13.02 1.00
CA GLU A 269 9.54 -13.36 2.27
C GLU A 269 8.62 -12.91 3.38
N PHE A 270 8.16 -11.66 3.30
CA PHE A 270 7.25 -11.12 4.29
C PHE A 270 6.01 -11.97 4.38
N ALA A 271 5.45 -12.30 3.22
CA ALA A 271 4.24 -13.12 3.18
C ALA A 271 4.46 -14.44 3.91
N GLU A 272 5.60 -15.07 3.63
CA GLU A 272 5.94 -16.37 4.20
C GLU A 272 5.99 -16.33 5.73
N LYS A 273 6.32 -15.15 6.25
CA LYS A 273 6.42 -14.96 7.70
C LYS A 273 5.04 -14.81 8.34
N LEU A 274 4.19 -14.01 7.71
CA LEU A 274 2.86 -13.72 8.26
C LEU A 274 2.01 -14.98 8.38
N LEU A 275 2.15 -15.88 7.41
CA LEU A 275 1.47 -17.17 7.48
C LEU A 275 1.90 -17.88 8.75
N SER A 276 3.19 -18.21 8.81
CA SER A 276 3.79 -18.88 9.96
C SER A 276 3.44 -18.18 11.28
N ASP A 277 3.27 -16.86 11.22
CA ASP A 277 2.81 -16.09 12.37
C ASP A 277 1.44 -16.56 12.82
N ALA A 278 0.52 -16.64 11.87
CA ALA A 278 -0.87 -17.01 12.15
C ALA A 278 -1.00 -18.45 12.62
N ARG A 279 -0.10 -19.30 12.15
CA ARG A 279 -0.20 -20.73 12.44
C ARG A 279 0.04 -21.04 13.91
N GLU A 280 1.13 -20.50 14.46
CA GLU A 280 1.48 -20.76 15.86
C GLU A 280 0.51 -20.07 16.81
N GLN A 281 -0.44 -19.32 16.26
CA GLN A 281 -1.52 -18.78 17.06
C GLN A 281 -2.54 -19.87 17.35
N LEU A 282 -2.69 -20.80 16.41
CA LEU A 282 -3.56 -21.96 16.59
C LEU A 282 -2.85 -23.05 17.39
N SER A 283 -1.73 -22.69 18.00
CA SER A 283 -0.97 -23.60 18.86
C SER A 283 -1.82 -24.09 20.02
N GLY A 284 -2.68 -23.20 20.52
CA GLY A 284 -3.49 -23.49 21.68
C GLY A 284 -4.72 -24.32 21.37
N PHE A 285 -5.07 -24.43 20.09
CA PHE A 285 -6.17 -25.29 19.71
C PHE A 285 -5.68 -26.68 19.34
N ASP A 286 -6.63 -27.51 18.95
CA ASP A 286 -6.34 -28.84 18.46
C ASP A 286 -6.58 -28.88 16.95
N GLN A 287 -5.54 -29.26 16.21
CA GLN A 287 -5.55 -29.19 14.74
C GLN A 287 -6.74 -29.95 14.12
N GLU A 288 -7.25 -30.91 14.88
CA GLU A 288 -8.58 -31.50 14.74
C GLU A 288 -9.84 -30.78 14.22
N THR A 289 -9.97 -29.56 14.73
CA THR A 289 -11.19 -28.77 14.69
C THR A 289 -10.82 -27.47 14.01
N ALA A 290 -9.50 -27.24 13.96
CA ALA A 290 -8.92 -26.02 13.44
C ALA A 290 -8.40 -26.24 12.03
N ALA A 291 -8.46 -27.49 11.58
CA ALA A 291 -8.04 -27.84 10.23
C ALA A 291 -8.68 -26.95 9.16
N PRO A 292 -9.96 -26.55 9.35
CA PRO A 292 -10.47 -25.53 8.42
C PRO A 292 -9.74 -24.19 8.51
N LEU A 293 -9.52 -23.68 9.72
CA LEU A 293 -8.82 -22.40 9.88
C LEU A 293 -7.40 -22.45 9.32
N LEU A 294 -6.80 -23.64 9.34
CA LEU A 294 -5.47 -23.86 8.78
C LEU A 294 -5.48 -23.83 7.26
N HIS A 295 -6.34 -24.67 6.68
CA HIS A 295 -6.48 -24.76 5.24
C HIS A 295 -6.96 -23.43 4.66
N LEU A 296 -7.74 -22.71 5.46
CA LEU A 296 -8.17 -21.36 5.12
C LEU A 296 -6.97 -20.45 4.88
N ALA A 297 -6.17 -20.31 5.93
CA ALA A 297 -5.01 -19.43 5.89
C ALA A 297 -4.07 -19.80 4.76
N ASN A 298 -3.90 -21.10 4.51
CA ASN A 298 -3.09 -21.55 3.39
C ASN A 298 -3.67 -21.10 2.05
N TYR A 299 -4.99 -21.16 1.93
CA TYR A 299 -5.68 -20.76 0.71
C TYR A 299 -5.45 -19.28 0.41
N ILE A 300 -5.49 -18.47 1.46
CA ILE A 300 -5.30 -17.05 1.33
C ILE A 300 -3.92 -16.73 0.79
N ALA A 301 -2.96 -17.60 1.07
CA ALA A 301 -1.57 -17.35 0.72
C ALA A 301 -1.27 -17.70 -0.72
N TYR A 302 -1.45 -18.97 -1.06
CA TYR A 302 -1.02 -19.49 -2.35
C TYR A 302 -2.12 -19.43 -3.39
N ARG A 303 -3.10 -18.55 -3.17
CA ARG A 303 -4.15 -18.34 -4.16
C ARG A 303 -3.56 -17.76 -5.44
N GLN A 304 -4.02 -18.23 -6.58
CA GLN A 304 -3.49 -17.78 -7.85
C GLN A 304 -4.55 -17.00 -8.62
N ASN A 305 -5.34 -16.22 -7.90
CA ASN A 305 -6.41 -15.42 -8.49
C ASN A 305 -5.87 -14.34 -9.43
N ARG B 5 -42.98 20.84 26.85
CA ARG B 5 -42.42 21.98 27.55
C ARG B 5 -40.93 22.11 27.28
N LEU B 6 -40.26 23.04 27.95
CA LEU B 6 -38.83 23.20 27.72
C LEU B 6 -38.15 21.89 28.07
N TYR B 7 -38.79 21.14 28.95
CA TYR B 7 -38.24 19.86 29.42
C TYR B 7 -37.43 19.30 28.30
N TRP B 8 -38.03 19.41 27.14
CA TRP B 8 -37.42 18.99 25.91
C TRP B 8 -36.08 19.64 25.72
N THR B 9 -35.98 20.90 26.06
CA THR B 9 -34.73 21.61 25.92
C THR B 9 -33.68 20.96 26.77
N SER B 10 -34.04 20.62 27.99
CA SER B 10 -33.09 20.02 28.89
C SER B 10 -32.57 18.74 28.31
N LEU B 11 -33.50 17.94 27.83
CA LEU B 11 -33.09 16.66 27.32
C LEU B 11 -32.14 16.83 26.19
N ILE B 12 -32.46 17.76 25.30
CA ILE B 12 -31.61 17.93 24.14
C ILE B 12 -30.23 18.37 24.54
N ALA B 13 -30.10 19.25 25.52
CA ALA B 13 -28.76 19.68 25.90
C ALA B 13 -27.95 18.51 26.42
N ASP B 14 -28.59 17.68 27.22
CA ASP B 14 -27.87 16.53 27.74
C ASP B 14 -27.43 15.60 26.60
N VAL B 15 -28.31 15.40 25.62
CA VAL B 15 -27.96 14.51 24.54
C VAL B 15 -26.77 15.05 23.86
N GLU B 16 -26.76 16.34 23.61
CA GLU B 16 -25.64 16.92 22.93
C GLU B 16 -24.33 16.69 23.68
N ALA B 17 -24.32 16.83 24.99
CA ALA B 17 -23.09 16.60 25.72
C ALA B 17 -22.59 15.18 25.60
N GLU B 18 -23.43 14.18 25.79
CA GLU B 18 -22.86 12.85 25.67
C GLU B 18 -22.34 12.64 24.27
N LEU B 19 -23.02 13.16 23.26
CA LEU B 19 -22.55 12.95 21.90
C LEU B 19 -21.18 13.52 21.67
N ASP B 20 -20.93 14.72 22.16
CA ASP B 20 -19.63 15.32 21.91
C ASP B 20 -18.55 14.46 22.46
N ALA B 21 -18.75 13.93 23.65
CA ALA B 21 -17.70 13.14 24.27
C ALA B 21 -17.73 11.75 23.80
N ALA B 22 -18.61 11.48 22.86
CA ALA B 22 -18.71 10.15 22.29
C ALA B 22 -17.85 10.29 21.09
N MET B 23 -18.05 11.32 20.30
CA MET B 23 -17.16 11.45 19.20
C MET B 23 -16.00 12.32 19.63
N PRO B 24 -14.80 11.66 19.75
CA PRO B 24 -13.67 12.49 20.13
C PRO B 24 -12.85 12.76 18.89
N ILE B 25 -12.00 13.77 18.86
CA ILE B 25 -11.29 14.06 17.64
C ILE B 25 -10.27 13.08 17.20
N ARG B 26 -9.89 12.13 18.03
CA ARG B 26 -8.82 11.25 17.69
C ARG B 26 -8.90 10.53 16.37
N THR B 27 -7.68 10.41 15.82
CA THR B 27 -7.26 9.93 14.50
C THR B 27 -7.48 8.58 13.86
N PRO B 28 -7.82 8.48 12.51
CA PRO B 28 -8.02 9.74 11.80
C PRO B 28 -9.20 10.41 12.47
N ILE B 31 -11.83 11.72 9.02
CA ILE B 31 -13.15 11.16 9.17
C ILE B 31 -13.78 11.48 10.50
N HIS B 32 -13.03 11.48 11.58
CA HIS B 32 -13.59 11.82 12.88
C HIS B 32 -14.03 13.26 12.86
N SER B 33 -13.22 14.11 12.28
CA SER B 33 -13.53 15.52 12.23
C SER B 33 -14.79 15.60 11.45
N ALA B 34 -14.89 14.80 10.42
CA ALA B 34 -16.06 14.77 9.57
C ALA B 34 -17.35 14.31 10.22
N MET B 35 -17.28 13.36 11.13
CA MET B 35 -18.47 12.90 11.80
C MET B 35 -19.09 13.97 12.68
N ARG B 36 -18.25 14.60 13.48
CA ARG B 36 -18.67 15.66 14.38
C ARG B 36 -19.37 16.76 13.59
N TYR B 37 -18.92 17.02 12.40
CA TYR B 37 -19.57 18.01 11.57
C TYR B 37 -20.73 17.38 10.86
N ALA B 38 -21.48 16.55 11.55
CA ALA B 38 -22.62 15.91 10.93
C ALA B 38 -23.70 15.74 11.92
N VAL B 39 -23.32 15.75 13.18
CA VAL B 39 -24.25 15.64 14.26
C VAL B 39 -23.90 16.82 15.15
N LEU B 40 -23.58 17.95 14.54
CA LEU B 40 -23.23 19.11 15.32
C LEU B 40 -23.93 20.27 14.64
N PRO B 41 -23.74 20.43 13.28
CA PRO B 41 -23.87 21.78 12.68
C PRO B 41 -25.17 22.50 13.08
N ARG B 51 -35.99 16.36 18.00
CA ARG B 51 -37.03 17.04 17.23
C ARG B 51 -37.42 16.14 16.09
N ALA B 52 -38.23 15.13 16.33
CA ALA B 52 -38.73 14.78 17.65
C ALA B 52 -38.45 13.36 17.98
N PRO B 53 -37.54 12.69 17.18
CA PRO B 53 -37.37 11.27 17.53
C PRO B 53 -36.71 10.89 18.83
N PRO B 54 -35.59 11.60 19.19
CA PRO B 54 -34.95 11.15 20.42
C PRO B 54 -35.65 11.38 21.70
N VAL B 55 -36.21 12.56 21.87
CA VAL B 55 -36.88 12.90 23.11
C VAL B 55 -38.11 12.11 23.42
N LEU B 56 -38.83 11.71 22.39
CA LEU B 56 -40.05 10.98 22.60
C LEU B 56 -39.74 9.79 23.39
N CYS B 57 -38.65 9.19 23.01
CA CYS B 57 -38.15 7.99 23.63
C CYS B 57 -37.77 8.11 25.09
N VAL B 58 -37.07 9.15 25.49
CA VAL B 58 -36.68 9.24 26.89
C VAL B 58 -37.91 9.32 27.71
N ALA B 59 -38.79 10.22 27.31
CA ALA B 59 -40.04 10.45 28.02
C ALA B 59 -40.96 9.25 27.96
N ALA B 60 -41.03 8.63 26.80
CA ALA B 60 -41.83 7.46 26.68
C ALA B 60 -41.19 6.47 27.62
N CYS B 61 -39.89 6.48 27.65
CA CYS B 61 -39.15 5.59 28.52
C CYS B 61 -39.44 5.86 29.99
N GLU B 62 -39.60 7.12 30.33
CA GLU B 62 -39.84 7.50 31.70
C GLU B 62 -41.05 6.78 32.14
N LEU B 63 -41.96 6.52 31.22
CA LEU B 63 -43.20 5.85 31.50
C LEU B 63 -42.79 4.53 32.02
N LEU B 64 -43.71 3.87 32.67
CA LEU B 64 -43.36 2.60 33.26
C LEU B 64 -42.19 2.80 34.18
N GLY B 65 -41.77 4.05 34.34
CA GLY B 65 -40.75 4.33 35.31
C GLY B 65 -39.40 3.75 35.52
N ALA B 66 -38.52 4.03 34.58
CA ALA B 66 -37.30 3.30 34.39
C ALA B 66 -36.30 4.33 34.66
N PRO B 67 -35.14 3.94 35.32
CA PRO B 67 -34.16 5.02 35.52
C PRO B 67 -33.78 5.45 34.12
N ARG B 68 -33.70 6.73 33.85
CA ARG B 68 -33.36 7.17 32.52
C ARG B 68 -31.95 6.88 32.01
N GLU B 69 -30.94 7.09 32.82
CA GLU B 69 -29.63 6.96 32.21
C GLU B 69 -29.67 5.74 31.31
N ALA B 70 -30.72 4.94 31.50
CA ALA B 70 -30.96 3.76 30.68
C ALA B 70 -31.41 4.06 29.26
N ALA B 71 -32.07 5.20 29.07
CA ALA B 71 -32.56 5.60 27.76
C ALA B 71 -31.79 6.70 27.07
N LEU B 72 -30.86 7.31 27.78
CA LEU B 72 -30.05 8.34 27.17
C LEU B 72 -29.21 7.73 26.07
N PRO B 73 -28.65 6.49 26.33
CA PRO B 73 -27.89 5.93 25.23
C PRO B 73 -28.75 5.76 24.04
N ALA B 74 -29.97 5.32 24.20
CA ALA B 74 -30.80 5.12 23.04
C ALA B 74 -31.00 6.42 22.32
N ALA B 75 -31.22 7.50 23.04
CA ALA B 75 -31.41 8.80 22.37
C ALA B 75 -30.20 9.19 21.59
N VAL B 76 -29.03 8.98 22.17
CA VAL B 76 -27.83 9.33 21.47
C VAL B 76 -27.68 8.51 20.21
N ALA B 77 -27.95 7.23 20.30
CA ALA B 77 -27.83 6.37 19.16
C ALA B 77 -28.79 6.87 18.12
N LEU B 78 -29.95 7.29 18.56
CA LEU B 78 -30.96 7.76 17.64
C LEU B 78 -30.52 8.95 16.88
N GLU B 79 -29.93 9.94 17.53
CA GLU B 79 -29.48 11.09 16.76
C GLU B 79 -28.39 10.71 15.79
N MET B 80 -27.52 9.79 16.19
CA MET B 80 -26.47 9.38 15.26
C MET B 80 -27.09 8.74 14.06
N LEU B 81 -28.09 7.90 14.27
CA LEU B 81 -28.74 7.23 13.17
C LEU B 81 -29.39 8.23 12.28
N HIS B 82 -30.02 9.26 12.84
CA HIS B 82 -30.69 10.24 12.03
C HIS B 82 -29.70 10.90 11.15
N ALA B 83 -28.57 11.26 11.72
CA ALA B 83 -27.56 11.93 10.94
C ALA B 83 -26.95 11.06 9.89
N ALA B 84 -26.78 9.79 10.17
CA ALA B 84 -26.12 8.93 9.22
C ALA B 84 -26.83 8.94 7.93
N SER B 85 -28.11 8.69 7.92
CA SER B 85 -28.88 8.72 6.69
C SER B 85 -29.24 10.15 6.28
N LEU B 86 -29.00 11.13 7.16
CA LEU B 86 -29.17 12.52 6.75
C LEU B 86 -28.14 12.85 5.69
N VAL B 87 -26.87 12.64 6.04
CA VAL B 87 -25.76 12.87 5.12
C VAL B 87 -26.05 12.28 3.76
N HIS B 88 -26.64 11.10 3.76
CA HIS B 88 -26.92 10.37 2.53
C HIS B 88 -28.14 10.91 1.76
N ASP B 89 -28.94 11.76 2.38
CA ASP B 89 -30.15 12.22 1.74
C ASP B 89 -29.98 13.53 0.99
N ASP B 90 -28.99 14.32 1.39
CA ASP B 90 -28.67 15.51 0.62
C ASP B 90 -27.30 15.38 -0.03
N LEU B 91 -26.86 14.14 -0.22
CA LEU B 91 -25.77 13.87 -1.14
C LEU B 91 -26.17 14.36 -2.52
N PRO B 92 -25.20 14.83 -3.33
CA PRO B 92 -25.48 15.44 -4.63
C PRO B 92 -26.31 14.58 -5.57
N CYS B 93 -26.04 13.27 -5.62
CA CYS B 93 -26.76 12.40 -6.55
C CYS B 93 -28.18 12.07 -6.07
N PHE B 94 -28.74 12.94 -5.24
CA PHE B 94 -30.15 12.84 -4.89
C PHE B 94 -31.27 13.84 -5.20
N ASP B 95 -31.22 15.01 -4.55
CA ASP B 95 -32.02 16.19 -4.91
C ASP B 95 -31.44 17.14 -5.95
N ALA B 96 -30.15 17.43 -5.82
CA ALA B 96 -29.45 18.31 -6.76
C ALA B 96 -30.00 19.75 -6.81
N ALA B 97 -30.09 20.40 -5.66
CA ALA B 97 -30.47 21.81 -5.54
C ALA B 97 -30.24 22.32 -4.11
N PRO B 98 -29.39 23.36 -3.94
CA PRO B 98 -29.03 23.93 -2.64
C PRO B 98 -30.23 24.25 -1.74
N PRO B 104 -24.30 25.10 5.41
CA PRO B 104 -23.54 24.47 4.32
C PRO B 104 -23.53 22.95 4.39
N SER B 105 -23.57 22.32 3.21
CA SER B 105 -23.72 20.88 3.07
C SER B 105 -22.70 20.08 3.88
N THR B 106 -23.15 19.00 4.50
CA THR B 106 -22.27 18.12 5.26
C THR B 106 -21.37 17.34 4.31
N HIS B 107 -21.80 17.23 3.06
CA HIS B 107 -21.09 16.47 2.04
C HIS B 107 -20.13 17.36 1.24
N ALA B 108 -20.54 18.59 0.98
CA ALA B 108 -19.72 19.51 0.20
C ALA B 108 -18.72 20.24 1.08
N ALA B 109 -18.55 19.75 2.31
CA ALA B 109 -17.62 20.36 3.25
C ALA B 109 -16.35 19.54 3.37
N TYR B 110 -16.48 18.21 3.28
CA TYR B 110 -15.35 17.31 3.40
C TYR B 110 -15.19 16.51 2.11
N GLY B 111 -16.09 16.73 1.16
CA GLY B 111 -16.09 16.01 -0.09
C GLY B 111 -17.10 14.88 -0.07
N THR B 112 -17.81 14.68 -1.18
CA THR B 112 -18.83 13.63 -1.28
C THR B 112 -18.20 12.29 -0.91
N ASP B 113 -16.89 12.21 -1.12
CA ASP B 113 -16.06 11.08 -0.76
C ASP B 113 -16.17 10.68 0.71
N MET B 114 -15.58 11.49 1.58
CA MET B 114 -15.63 11.27 3.02
C MET B 114 -17.06 11.28 3.56
N ALA B 115 -17.91 12.06 2.90
CA ALA B 115 -19.31 12.17 3.25
C ALA B 115 -19.95 10.79 3.35
N VAL B 116 -19.84 10.04 2.26
CA VAL B 116 -20.30 8.66 2.25
C VAL B 116 -19.68 7.89 3.41
N LEU B 117 -18.35 7.79 3.40
CA LEU B 117 -17.61 7.07 4.42
C LEU B 117 -18.05 7.43 5.85
N ALA B 118 -18.44 8.68 6.05
CA ALA B 118 -18.81 9.16 7.38
C ALA B 118 -20.06 8.48 7.93
N GLY B 119 -21.17 8.61 7.22
CA GLY B 119 -22.42 7.97 7.62
C GLY B 119 -22.23 6.48 7.79
N ASP B 120 -21.34 5.90 6.98
CA ASP B 120 -21.01 4.49 7.09
C ASP B 120 -20.27 4.18 8.40
N ALA B 121 -19.78 5.22 9.06
CA ALA B 121 -19.13 5.06 10.36
C ALA B 121 -20.09 5.34 11.50
N LEU B 122 -21.15 6.10 11.19
CA LEU B 122 -22.13 6.50 12.20
C LEU B 122 -23.09 5.40 12.58
N PHE B 123 -23.53 4.59 11.61
CA PHE B 123 -24.37 3.44 11.91
C PHE B 123 -23.72 2.55 12.98
N PRO B 124 -22.47 2.11 12.78
CA PRO B 124 -21.89 1.24 13.82
C PRO B 124 -21.53 2.02 15.09
N LEU B 125 -21.51 3.34 15.00
CA LEU B 125 -21.23 4.17 16.16
C LEU B 125 -22.40 4.13 17.12
N ALA B 126 -23.61 4.17 16.56
CA ALA B 126 -24.82 4.08 17.37
C ALA B 126 -24.82 2.76 18.12
N TYR B 127 -24.74 1.66 17.39
CA TYR B 127 -24.83 0.33 17.99
C TYR B 127 -23.74 0.12 19.04
N THR B 128 -22.63 0.84 18.89
CA THR B 128 -21.52 0.73 19.83
C THR B 128 -21.79 1.57 21.08
N HIS B 129 -22.31 2.78 20.90
CA HIS B 129 -22.66 3.63 22.03
C HIS B 129 -23.81 3.02 22.81
N VAL B 130 -24.71 2.37 22.10
CA VAL B 130 -25.85 1.68 22.68
C VAL B 130 -25.42 0.53 23.60
N ILE B 131 -24.45 -0.26 23.14
CA ILE B 131 -23.99 -1.43 23.88
C ILE B 131 -23.15 -1.03 25.10
N ALA B 132 -22.49 0.11 24.97
CA ALA B 132 -21.66 0.68 26.04
C ALA B 132 -22.38 1.24 27.29
N HIS B 133 -23.52 1.91 27.08
CA HIS B 133 -24.24 2.56 28.12
C HIS B 133 -25.43 1.78 27.93
N THR B 134 -26.59 2.24 28.34
CA THR B 134 -27.70 1.36 28.18
C THR B 134 -27.13 0.19 28.91
N PRO B 135 -26.77 0.42 30.17
CA PRO B 135 -26.12 -0.63 30.92
C PRO B 135 -26.97 -1.84 30.86
N SER B 136 -26.36 -2.91 30.39
CA SER B 136 -26.99 -4.20 30.22
C SER B 136 -27.35 -4.92 31.50
N PRO B 137 -26.35 -4.89 32.45
CA PRO B 137 -26.66 -5.61 33.68
C PRO B 137 -27.64 -4.83 34.50
N ASP B 138 -28.11 -5.43 35.58
CA ASP B 138 -29.06 -4.72 36.40
C ASP B 138 -30.22 -4.54 35.44
N PRO B 139 -30.75 -3.27 35.27
CA PRO B 139 -31.97 -3.25 34.45
C PRO B 139 -31.57 -3.48 33.02
N VAL B 140 -32.52 -3.62 32.12
CA VAL B 140 -32.14 -3.82 30.72
C VAL B 140 -31.37 -5.12 30.45
N PRO B 141 -32.02 -6.27 30.85
CA PRO B 141 -31.29 -7.51 30.56
C PRO B 141 -31.11 -7.60 29.08
N HIS B 142 -30.01 -8.20 28.67
CA HIS B 142 -29.63 -8.30 27.27
C HIS B 142 -30.66 -8.66 26.23
N ALA B 143 -31.58 -9.58 26.47
CA ALA B 143 -32.53 -9.94 25.44
C ALA B 143 -33.25 -8.69 25.05
N VAL B 144 -33.53 -7.87 26.04
CA VAL B 144 -34.19 -6.62 25.78
C VAL B 144 -33.25 -5.85 24.90
N LEU B 145 -31.97 -5.96 25.18
CA LEU B 145 -31.00 -5.20 24.44
C LEU B 145 -30.96 -5.56 22.99
N LEU B 146 -31.04 -6.84 22.69
CA LEU B 146 -30.99 -7.27 21.33
C LEU B 146 -32.22 -6.78 20.68
N ARG B 147 -33.33 -6.82 21.40
CA ARG B 147 -34.56 -6.36 20.82
C ARG B 147 -34.35 -4.91 20.42
N VAL B 148 -33.73 -4.12 21.29
CA VAL B 148 -33.52 -2.72 20.97
C VAL B 148 -32.62 -2.53 19.78
N LEU B 149 -31.54 -3.29 19.71
CA LEU B 149 -30.62 -3.15 18.59
C LEU B 149 -31.33 -3.52 17.33
N GLY B 150 -32.11 -4.59 17.37
CA GLY B 150 -32.87 -4.99 16.22
C GLY B 150 -33.84 -3.91 15.85
N GLU B 151 -34.49 -3.28 16.81
CA GLU B 151 -35.43 -2.24 16.46
C GLU B 151 -34.74 -1.10 15.75
N LEU B 152 -33.59 -0.66 16.23
CA LEU B 152 -32.93 0.44 15.54
C LEU B 152 -32.52 0.04 14.14
N ALA B 153 -31.99 -1.17 14.01
CA ALA B 153 -31.54 -1.62 12.72
C ALA B 153 -32.69 -1.68 11.74
N ARG B 154 -33.83 -2.19 12.20
CA ARG B 154 -35.03 -2.31 11.38
C ARG B 154 -35.52 -0.97 10.97
N ALA B 155 -35.39 -0.04 11.89
CA ALA B 155 -35.85 1.31 11.69
C ALA B 155 -35.14 1.93 10.54
N VAL B 156 -33.87 1.64 10.37
CA VAL B 156 -33.13 2.20 9.26
C VAL B 156 -32.94 1.22 8.13
N GLY B 157 -33.53 0.06 8.21
CA GLY B 157 -33.32 -1.02 7.26
C GLY B 157 -34.08 -0.97 5.96
N SER B 158 -34.22 -2.09 5.27
CA SER B 158 -34.97 -2.08 4.01
C SER B 158 -36.41 -1.73 4.30
N THR B 159 -36.98 -2.26 5.37
CA THR B 159 -38.37 -2.04 5.67
C THR B 159 -38.77 -0.60 5.90
N GLY B 160 -38.01 0.14 6.69
CA GLY B 160 -38.38 1.50 6.99
C GLY B 160 -37.24 2.46 6.83
N MET B 161 -37.55 3.71 6.52
CA MET B 161 -36.59 4.80 6.27
C MET B 161 -35.81 4.67 4.98
N ALA B 162 -35.01 3.62 4.81
CA ALA B 162 -34.31 3.49 3.55
C ALA B 162 -35.39 3.27 2.54
N ALA B 163 -36.40 2.48 2.88
CA ALA B 163 -37.46 2.39 1.91
C ALA B 163 -38.12 3.73 1.77
N GLY B 164 -38.27 4.45 2.86
CA GLY B 164 -38.88 5.74 2.78
C GLY B 164 -38.08 6.64 1.90
N GLN B 165 -36.77 6.65 2.04
CA GLN B 165 -35.97 7.51 1.19
C GLN B 165 -36.09 7.06 -0.24
N PHE B 166 -36.04 5.75 -0.46
CA PHE B 166 -36.14 5.27 -1.82
C PHE B 166 -37.44 5.66 -2.45
N LEU B 167 -38.52 5.52 -1.70
CA LEU B 167 -39.80 5.91 -2.25
C LEU B 167 -39.77 7.34 -2.67
N ASP B 168 -39.11 8.16 -1.87
CA ASP B 168 -39.03 9.59 -2.08
C ASP B 168 -37.80 10.00 -2.84
N LEU B 169 -37.74 9.52 -4.06
CA LEU B 169 -36.71 9.88 -5.01
C LEU B 169 -37.61 10.22 -6.19
N ALA B 170 -38.61 11.06 -5.94
CA ALA B 170 -39.57 11.46 -6.94
C ALA B 170 -40.56 10.36 -7.15
N ALA B 174 -46.49 10.19 -9.91
CA ALA B 174 -45.28 10.13 -9.12
C ALA B 174 -45.56 10.45 -7.67
N LEU B 175 -45.33 11.69 -7.30
CA LEU B 175 -45.55 12.11 -5.93
C LEU B 175 -46.98 12.04 -5.39
N GLY B 176 -47.99 12.40 -6.19
CA GLY B 176 -49.34 12.41 -5.67
C GLY B 176 -50.21 11.17 -5.74
N GLU B 177 -50.55 10.66 -4.57
CA GLU B 177 -51.42 9.50 -4.39
C GLU B 177 -52.25 9.72 -3.13
N ALA B 178 -53.48 9.23 -3.09
CA ALA B 178 -54.29 9.43 -1.90
C ALA B 178 -53.65 8.74 -0.70
N GLU B 179 -53.21 7.50 -0.92
CA GLU B 179 -52.53 6.71 0.10
C GLU B 179 -51.13 6.36 -0.40
N VAL B 180 -50.78 6.93 -1.55
CA VAL B 180 -49.53 6.68 -2.20
C VAL B 180 -48.60 7.74 -1.69
N MET B 181 -49.23 8.83 -1.29
CA MET B 181 -48.51 9.95 -0.75
C MET B 181 -47.99 9.75 0.63
N LYS B 182 -48.29 8.64 1.29
CA LYS B 182 -47.69 8.44 2.60
C LYS B 182 -46.39 7.72 2.76
N VAL B 183 -45.34 8.41 2.32
CA VAL B 183 -43.95 8.04 2.41
C VAL B 183 -43.39 8.61 3.71
N LEU B 184 -44.11 9.56 4.28
CA LEU B 184 -43.70 10.13 5.53
C LEU B 184 -43.73 9.01 6.52
N THR B 185 -44.73 8.17 6.36
CA THR B 185 -45.00 7.06 7.21
C THR B 185 -43.80 6.17 7.29
N LYS B 186 -43.00 6.15 6.25
CA LYS B 186 -41.82 5.31 6.24
C LYS B 186 -40.55 6.14 6.33
N LYS B 187 -40.59 7.36 5.79
CA LYS B 187 -39.42 8.24 5.82
C LYS B 187 -39.33 9.00 7.14
N PHE B 188 -40.42 9.64 7.53
CA PHE B 188 -40.47 10.41 8.77
C PHE B 188 -41.27 9.70 9.84
N GLY B 189 -42.02 8.68 9.42
CA GLY B 189 -42.84 7.92 10.34
C GLY B 189 -42.05 6.89 11.14
N GLU B 190 -41.40 5.97 10.44
CA GLU B 190 -40.78 4.82 11.12
C GLU B 190 -39.44 5.16 11.78
N MET B 191 -39.19 6.43 12.02
CA MET B 191 -38.01 6.83 12.77
C MET B 191 -38.39 7.17 14.20
N ALA B 192 -39.58 7.75 14.37
CA ALA B 192 -40.09 7.98 15.71
C ALA B 192 -40.87 6.75 16.14
N GLU B 193 -41.21 5.89 15.19
CA GLU B 193 -41.97 4.69 15.56
C GLU B 193 -41.10 3.87 16.43
N CYS B 194 -39.88 3.62 16.02
CA CYS B 194 -39.02 2.88 16.91
C CYS B 194 -38.80 3.71 18.17
N SER B 195 -38.40 4.97 18.00
CA SER B 195 -38.12 5.89 19.13
C SER B 195 -39.13 5.78 20.26
N ALA B 196 -40.37 5.50 19.90
CA ALA B 196 -41.39 5.18 20.89
C ALA B 196 -41.21 3.74 21.36
N ALA B 197 -41.20 2.82 20.40
CA ALA B 197 -41.04 1.40 20.70
C ALA B 197 -39.73 1.10 21.44
N CYS B 198 -38.70 1.90 21.17
CA CYS B 198 -37.45 1.76 21.91
C CYS B 198 -37.65 2.08 23.37
N GLY B 199 -38.16 3.29 23.64
CA GLY B 199 -38.55 3.68 24.98
C GLY B 199 -39.36 2.60 25.67
N ALA B 200 -40.31 2.04 24.93
CA ALA B 200 -41.23 1.01 25.40
C ALA B 200 -40.53 -0.16 26.07
N MET B 201 -39.70 -0.86 25.31
CA MET B 201 -39.05 -2.07 25.80
C MET B 201 -38.09 -1.75 26.95
N LEU B 202 -37.51 -0.56 26.97
CA LEU B 202 -36.52 -0.21 27.97
C LEU B 202 -37.00 -0.26 29.43
N GLY B 203 -38.22 0.23 29.62
CA GLY B 203 -38.89 0.29 30.91
C GLY B 203 -39.94 -0.77 31.23
N GLY B 204 -40.01 -1.75 30.35
CA GLY B 204 -40.82 -2.92 30.55
C GLY B 204 -42.23 -2.91 30.02
N ALA B 205 -42.42 -2.38 28.82
CA ALA B 205 -43.72 -2.34 28.21
C ALA B 205 -44.18 -3.69 27.69
N GLY B 206 -45.48 -3.95 27.88
CA GLY B 206 -46.11 -5.18 27.42
C GLY B 206 -46.45 -5.14 25.95
N PRO B 207 -46.68 -6.37 25.37
CA PRO B 207 -47.00 -6.33 23.93
C PRO B 207 -48.27 -5.56 23.63
N ASP B 208 -49.18 -5.56 24.59
CA ASP B 208 -50.44 -4.87 24.43
C ASP B 208 -50.07 -3.44 24.20
N GLU B 209 -49.03 -3.01 24.90
CA GLU B 209 -48.53 -1.66 24.78
C GLU B 209 -47.40 -1.62 23.75
N GLU B 210 -47.08 -2.76 23.14
CA GLU B 210 -46.00 -2.74 22.15
C GLU B 210 -46.33 -1.96 20.89
N ALA B 211 -47.39 -2.34 20.18
CA ALA B 211 -47.80 -1.60 19.00
C ALA B 211 -48.52 -0.33 19.43
N ALA B 212 -49.13 -0.37 20.62
CA ALA B 212 -49.80 0.79 21.17
C ALA B 212 -48.86 1.96 21.27
N LEU B 213 -47.75 1.75 21.96
CA LEU B 213 -46.76 2.80 22.11
C LEU B 213 -46.11 3.13 20.76
N ARG B 214 -45.99 2.12 19.92
CA ARG B 214 -45.34 2.29 18.61
C ARG B 214 -46.29 2.92 17.59
N ARG B 215 -47.58 2.72 17.77
CA ARG B 215 -48.55 3.32 16.87
C ARG B 215 -48.39 4.82 17.05
N TYR B 216 -48.14 5.22 18.30
CA TYR B 216 -47.98 6.63 18.66
C TYR B 216 -46.80 7.24 17.92
N GLY B 217 -45.71 6.49 17.86
CA GLY B 217 -44.47 6.96 17.26
C GLY B 217 -44.62 7.26 15.78
N ARG B 218 -45.15 6.30 15.02
CA ARG B 218 -45.37 6.47 13.58
C ARG B 218 -46.10 7.76 13.28
N THR B 219 -47.16 8.00 14.04
CA THR B 219 -48.10 9.06 13.72
C THR B 219 -47.74 10.37 14.37
N ILE B 220 -46.72 10.36 15.23
CA ILE B 220 -46.21 11.60 15.78
C ILE B 220 -45.01 12.05 14.97
N GLY B 221 -44.44 11.13 14.20
CA GLY B 221 -43.36 11.45 13.30
C GLY B 221 -43.93 12.16 12.09
N VAL B 222 -45.04 11.63 11.59
CA VAL B 222 -45.71 12.23 10.45
C VAL B 222 -46.17 13.63 10.80
N LEU B 223 -46.77 13.77 11.97
CA LEU B 223 -47.31 15.05 12.42
C LEU B 223 -46.30 16.18 12.32
N TYR B 224 -45.16 16.02 12.97
CA TYR B 224 -44.12 17.06 12.98
C TYR B 224 -43.68 17.47 11.59
N GLN B 225 -43.54 16.50 10.71
CA GLN B 225 -43.14 16.77 9.35
C GLN B 225 -44.31 17.34 8.55
N LEU B 226 -45.45 16.67 8.62
CA LEU B 226 -46.64 17.06 7.86
C LEU B 226 -47.07 18.47 8.19
N VAL B 227 -46.97 18.82 9.47
CA VAL B 227 -47.27 20.17 9.92
C VAL B 227 -46.30 21.15 9.30
N ASP B 228 -45.04 20.82 9.38
CA ASP B 228 -43.94 21.65 8.93
C ASP B 228 -43.88 21.96 7.49
N ASP B 229 -44.53 21.15 6.70
CA ASP B 229 -44.48 21.35 5.28
C ASP B 229 -45.39 22.52 5.09
N ILE B 230 -45.18 23.55 5.88
CA ILE B 230 -45.81 24.81 5.60
C ILE B 230 -44.72 25.88 5.53
N ARG B 231 -43.67 25.68 6.29
CA ARG B 231 -42.51 26.55 6.29
C ARG B 231 -41.35 25.67 6.66
N SER B 232 -40.22 25.82 5.99
CA SER B 232 -39.06 24.98 6.32
C SER B 232 -37.79 25.78 6.53
N ASN B 236 -30.34 21.81 9.11
CA ASN B 236 -31.53 22.46 9.60
C ASN B 236 -32.72 21.63 9.25
N GLY B 237 -32.82 20.47 9.89
CA GLY B 237 -33.92 19.58 9.63
C GLY B 237 -33.28 18.46 8.88
N LYS B 238 -34.15 17.64 8.26
CA LYS B 238 -33.81 16.56 7.33
C LYS B 238 -34.71 16.73 6.11
N MET B 239 -34.34 16.10 5.00
CA MET B 239 -35.08 16.33 3.77
C MET B 239 -35.88 15.34 2.98
N ASN B 242 -39.39 16.94 -0.89
CA ASN B 242 -39.89 16.40 -2.11
C ASN B 242 -41.08 15.58 -1.74
N ALA B 243 -42.01 15.47 -2.69
CA ALA B 243 -43.18 14.71 -2.44
C ALA B 243 -43.86 15.26 -1.21
N SER B 244 -43.92 16.57 -1.09
CA SER B 244 -44.57 17.18 0.04
C SER B 244 -46.05 17.01 -0.10
N VAL B 245 -46.76 17.12 1.01
CA VAL B 245 -48.20 17.01 1.00
C VAL B 245 -49.01 18.18 0.48
N LEU B 246 -48.68 19.39 0.87
CA LEU B 246 -49.49 20.51 0.42
C LEU B 246 -49.49 20.64 -1.09
N ARG B 247 -48.29 20.56 -1.66
CA ARG B 247 -48.15 20.72 -3.08
C ARG B 247 -48.91 19.60 -3.69
N ALA B 248 -48.81 18.46 -3.04
CA ALA B 248 -49.42 17.28 -3.55
C ALA B 248 -50.93 17.33 -3.57
N LEU B 249 -51.54 17.86 -2.53
CA LEU B 249 -52.99 17.89 -2.50
C LEU B 249 -53.67 18.98 -1.74
N GLY B 250 -54.99 18.95 -1.78
CA GLY B 250 -55.77 19.99 -1.18
C GLY B 250 -55.39 20.19 0.24
N MET B 251 -55.07 21.45 0.49
CA MET B 251 -54.63 21.86 1.78
C MET B 251 -55.72 21.60 2.75
N ASP B 252 -56.93 21.89 2.38
CA ASP B 252 -57.91 21.71 3.41
C ASP B 252 -57.58 20.35 4.00
N ARG B 253 -57.30 19.40 3.12
CA ARG B 253 -57.01 18.06 3.60
C ARG B 253 -55.73 18.03 4.38
N ALA B 254 -54.68 18.57 3.80
CA ALA B 254 -53.45 18.62 4.57
C ALA B 254 -53.77 19.06 5.99
N LEU B 255 -54.41 20.22 6.10
CA LEU B 255 -54.88 20.72 7.39
C LEU B 255 -55.83 19.71 8.04
N GLY B 256 -56.48 18.90 7.23
CA GLY B 256 -57.41 17.88 7.73
C GLY B 256 -56.72 16.66 8.27
N ILE B 257 -55.69 16.18 7.58
CA ILE B 257 -54.89 15.06 8.06
C ILE B 257 -54.34 15.36 9.45
N VAL B 258 -54.03 16.63 9.70
CA VAL B 258 -53.49 17.07 10.98
C VAL B 258 -54.35 16.64 12.15
N GLU B 259 -55.65 16.95 12.12
CA GLU B 259 -56.52 16.53 13.21
C GLU B 259 -56.65 15.01 13.23
N GLU B 260 -56.67 14.41 12.04
CA GLU B 260 -56.82 12.97 11.92
C GLU B 260 -55.63 12.24 12.53
N LEU B 261 -54.47 12.88 12.48
CA LEU B 261 -53.26 12.32 13.08
C LEU B 261 -53.15 12.74 14.55
N LYS B 262 -53.81 13.84 14.88
CA LYS B 262 -53.82 14.34 16.24
C LYS B 262 -54.77 13.49 17.02
N ALA B 263 -55.95 13.30 16.45
CA ALA B 263 -56.93 12.50 17.11
C ALA B 263 -56.41 11.09 17.28
N GLN B 264 -55.92 10.46 16.23
CA GLN B 264 -55.42 9.11 16.35
C GLN B 264 -54.37 9.00 17.44
N ALA B 265 -53.39 9.89 17.34
CA ALA B 265 -52.30 9.88 18.27
C ALA B 265 -52.84 10.05 19.64
N LYS B 266 -53.80 10.96 19.79
CA LYS B 266 -54.42 11.23 21.08
C LYS B 266 -55.11 9.98 21.63
N MET B 267 -55.65 9.15 20.74
CA MET B 267 -56.32 7.94 21.19
C MET B 267 -55.31 6.98 21.79
N GLU B 268 -54.24 6.80 21.05
CA GLU B 268 -53.22 5.87 21.50
C GLU B 268 -52.62 6.35 22.82
N ALA B 269 -52.40 7.65 22.93
CA ALA B 269 -51.82 8.18 24.15
C ALA B 269 -52.72 7.99 25.34
N ASP B 270 -54.00 8.20 25.10
CA ASP B 270 -55.00 8.08 26.14
C ASP B 270 -55.04 6.70 26.69
N ARG B 271 -54.78 5.71 25.85
CA ARG B 271 -54.80 4.38 26.36
C ARG B 271 -54.13 4.47 27.71
N PHE B 272 -53.06 5.21 27.78
CA PHE B 272 -52.42 5.14 29.04
C PHE B 272 -53.26 5.69 30.15
N GLY B 273 -53.14 5.02 31.30
CA GLY B 273 -53.80 5.37 32.55
C GLY B 273 -52.79 5.51 33.69
N ASP B 274 -53.20 6.03 34.85
CA ASP B 274 -52.21 6.12 35.90
C ASP B 274 -51.07 6.99 35.45
N LYS B 275 -51.41 8.26 35.38
CA LYS B 275 -50.53 9.30 34.94
C LYS B 275 -49.40 9.32 35.96
N TYR B 276 -48.32 10.02 35.67
CA TYR B 276 -48.25 10.94 34.56
C TYR B 276 -47.98 10.50 33.12
N GLY B 277 -48.95 10.82 32.29
CA GLY B 277 -48.91 10.75 30.86
C GLY B 277 -49.21 12.16 30.37
N GLU B 278 -49.14 13.16 31.26
CA GLU B 278 -49.40 14.54 30.93
C GLU B 278 -48.33 14.81 29.95
N ARG B 279 -47.16 14.35 30.30
CA ARG B 279 -46.07 14.59 29.32
C ARG B 279 -46.20 13.91 27.96
N VAL B 280 -46.69 12.68 27.93
CA VAL B 280 -46.83 12.01 26.62
C VAL B 280 -47.73 12.89 25.79
N LEU B 281 -48.73 13.59 26.31
CA LEU B 281 -49.57 14.49 25.39
C LEU B 281 -49.00 15.81 24.76
N PRO B 282 -48.32 16.55 25.58
CA PRO B 282 -47.84 17.84 25.16
C PRO B 282 -47.04 17.62 23.93
N LEU B 283 -46.51 16.43 23.73
CA LEU B 283 -45.74 16.20 22.53
C LEU B 283 -46.70 16.48 21.38
N TYR B 284 -47.93 16.03 21.46
CA TYR B 284 -48.82 16.29 20.34
C TYR B 284 -49.10 17.74 20.10
N SER B 285 -49.21 18.51 21.14
CA SER B 285 -49.43 19.93 20.91
C SER B 285 -48.20 20.82 20.66
N PHE B 286 -46.98 20.36 20.95
CA PHE B 286 -45.78 21.20 20.76
C PHE B 286 -45.62 21.47 19.31
N VAL B 287 -45.93 20.43 18.58
CA VAL B 287 -45.91 20.37 17.13
C VAL B 287 -46.65 21.56 16.51
N ASP B 288 -47.66 22.03 17.22
CA ASP B 288 -48.41 23.17 16.76
C ASP B 288 -48.33 24.16 17.89
N TYR B 289 -47.41 25.10 17.85
CA TYR B 289 -46.33 25.23 16.87
C TYR B 289 -45.02 25.62 17.53
N ALA B 290 -43.93 25.60 16.78
CA ALA B 290 -42.60 25.94 17.32
C ALA B 290 -42.46 27.44 17.49
N PHE C 3 10.34 -51.88 -41.32
CA PHE C 3 9.91 -51.46 -40.00
C PHE C 3 8.47 -51.90 -39.72
N ASP C 4 8.26 -52.44 -38.53
CA ASP C 4 6.92 -52.72 -38.03
C ASP C 4 6.79 -52.09 -36.65
N PHE C 5 5.87 -51.13 -36.51
CA PHE C 5 5.81 -50.33 -35.31
C PHE C 5 5.22 -51.04 -34.10
N ASN C 6 3.95 -51.43 -34.19
CA ASN C 6 3.27 -52.04 -33.05
C ASN C 6 3.93 -53.35 -32.63
N ALA C 7 4.92 -53.77 -33.42
CA ALA C 7 5.82 -54.86 -33.06
C ALA C 7 6.95 -54.30 -32.20
N TYR C 8 7.47 -53.14 -32.58
CA TYR C 8 8.52 -52.46 -31.82
C TYR C 8 8.05 -52.18 -30.41
N MET C 9 6.75 -51.94 -30.27
CA MET C 9 6.18 -51.71 -28.95
C MET C 9 6.00 -53.02 -28.21
N GLY C 10 5.71 -54.08 -28.95
CA GLY C 10 5.54 -55.39 -28.35
C GLY C 10 6.77 -55.83 -27.58
N GLU C 11 7.94 -55.69 -28.20
CA GLU C 11 9.17 -56.22 -27.64
C GLU C 11 9.91 -55.26 -26.70
N LYS C 12 9.84 -53.97 -26.99
CA LYS C 12 10.46 -52.99 -26.10
C LYS C 12 9.69 -52.96 -24.78
N ALA C 13 8.46 -53.46 -24.80
CA ALA C 13 7.67 -53.60 -23.58
C ALA C 13 8.15 -54.80 -22.76
N ALA C 14 8.33 -55.94 -23.44
CA ALA C 14 8.76 -57.18 -22.80
C ALA C 14 10.17 -57.07 -22.22
N ALA C 15 11.09 -56.54 -23.00
CA ALA C 15 12.47 -56.32 -22.55
C ALA C 15 12.52 -55.42 -21.32
N VAL C 16 11.43 -54.70 -21.07
CA VAL C 16 11.32 -53.84 -19.91
C VAL C 16 10.60 -54.54 -18.77
N ASN C 17 9.52 -55.25 -19.10
CA ASN C 17 8.79 -56.05 -18.12
C ASN C 17 9.68 -57.09 -17.47
N ARG C 18 10.69 -57.53 -18.23
CA ARG C 18 11.67 -58.48 -17.75
C ARG C 18 12.74 -57.78 -16.93
N ALA C 19 13.00 -56.51 -17.24
CA ALA C 19 13.95 -55.72 -16.49
C ALA C 19 13.37 -55.30 -15.15
N LEU C 20 12.12 -54.86 -15.16
CA LEU C 20 11.40 -54.48 -13.94
C LEU C 20 11.33 -55.65 -12.96
N ASP C 21 11.02 -56.83 -13.48
CA ASP C 21 10.92 -58.02 -12.67
C ASP C 21 12.27 -58.45 -12.11
N ALA C 22 13.34 -58.15 -12.85
CA ALA C 22 14.68 -58.55 -12.45
C ALA C 22 15.28 -57.62 -11.39
N SER C 23 14.54 -56.60 -11.00
CA SER C 23 15.04 -55.64 -10.02
C SER C 23 14.38 -55.82 -8.66
N ILE C 24 13.29 -56.59 -8.62
CA ILE C 24 12.55 -56.79 -7.38
C ILE C 24 12.36 -58.25 -7.00
N PRO C 25 13.22 -58.75 -6.09
CA PRO C 25 13.11 -60.13 -5.59
C PRO C 25 11.92 -60.31 -4.63
N ALA C 26 10.91 -61.05 -5.06
CA ALA C 26 9.70 -61.27 -4.26
C ALA C 26 9.96 -62.16 -3.05
N ASP C 27 11.17 -62.71 -2.99
CA ASP C 27 11.58 -63.59 -1.90
C ASP C 27 12.64 -62.94 -1.04
N PRO C 30 11.21 -57.63 3.22
CA PRO C 30 9.81 -57.43 3.56
C PRO C 30 9.17 -57.67 2.25
N ALA C 31 8.81 -58.91 2.08
CA ALA C 31 8.30 -59.46 0.82
C ALA C 31 6.87 -59.00 0.56
N ALA C 32 6.14 -58.73 1.64
CA ALA C 32 4.82 -58.14 1.53
C ALA C 32 4.91 -56.75 0.90
N LEU C 33 6.00 -56.06 1.20
CA LEU C 33 6.29 -54.76 0.60
C LEU C 33 6.79 -54.95 -0.83
N HIS C 34 7.59 -55.99 -1.05
CA HIS C 34 8.12 -56.29 -2.37
C HIS C 34 7.01 -56.73 -3.31
N GLU C 35 6.07 -57.49 -2.77
CA GLU C 35 4.91 -57.92 -3.54
C GLU C 35 4.04 -56.74 -3.93
N ALA C 36 3.82 -55.83 -2.98
CA ALA C 36 3.06 -54.62 -3.25
C ALA C 36 3.77 -53.78 -4.30
N MET C 37 5.10 -53.90 -4.35
CA MET C 37 5.89 -53.20 -5.36
C MET C 37 5.71 -53.85 -6.73
N ARG C 38 5.77 -55.17 -6.76
CA ARG C 38 5.58 -55.90 -8.01
C ARG C 38 4.16 -55.71 -8.51
N TYR C 39 3.21 -55.80 -7.59
CA TYR C 39 1.81 -55.69 -7.92
C TYR C 39 1.52 -54.32 -8.52
N ALA C 40 2.33 -53.34 -8.15
CA ALA C 40 2.20 -52.01 -8.71
C ALA C 40 3.04 -51.85 -9.98
N LEU C 41 4.27 -52.37 -9.96
CA LEU C 41 5.22 -52.11 -11.03
C LEU C 41 4.97 -52.93 -12.29
N LEU C 42 4.76 -54.23 -12.14
CA LEU C 42 4.52 -55.08 -13.30
C LEU C 42 3.05 -55.08 -13.71
N ALA C 43 2.30 -54.13 -13.14
CA ALA C 43 0.87 -54.02 -13.40
C ALA C 43 0.57 -53.47 -14.79
N GLY C 44 0.91 -54.25 -15.82
CA GLY C 44 0.57 -53.91 -17.19
C GLY C 44 1.20 -52.64 -17.74
N GLY C 45 0.52 -52.02 -18.71
CA GLY C 45 1.00 -50.80 -19.35
C GLY C 45 1.81 -51.09 -20.59
N LYS C 46 1.74 -50.18 -21.56
CA LYS C 46 2.44 -50.38 -22.83
C LYS C 46 3.92 -50.03 -22.70
N ARG C 47 4.29 -49.48 -21.54
CA ARG C 47 5.67 -49.09 -21.28
C ARG C 47 6.18 -48.13 -22.35
N VAL C 48 5.73 -46.88 -22.24
CA VAL C 48 6.05 -45.86 -23.24
C VAL C 48 7.37 -45.18 -22.93
N ARG C 49 7.48 -44.70 -21.69
CA ARG C 49 8.64 -43.95 -21.20
C ARG C 49 9.95 -44.71 -21.29
N PRO C 50 9.95 -46.02 -21.03
CA PRO C 50 11.18 -46.75 -21.35
C PRO C 50 11.47 -46.68 -22.84
N ALA C 51 10.46 -46.97 -23.66
CA ALA C 51 10.60 -46.99 -25.10
C ALA C 51 11.13 -45.66 -25.65
N LEU C 52 10.58 -44.57 -25.14
CA LEU C 52 11.11 -43.24 -25.43
C LEU C 52 12.59 -43.17 -25.09
N CYS C 53 12.89 -43.48 -23.83
CA CYS C 53 14.26 -43.53 -23.32
C CYS C 53 15.14 -44.43 -24.19
N LEU C 54 14.69 -45.67 -24.37
CA LEU C 54 15.41 -46.67 -25.14
C LEU C 54 15.73 -46.18 -26.56
N ALA C 55 14.70 -45.83 -27.32
CA ALA C 55 14.89 -45.43 -28.71
C ALA C 55 15.60 -44.08 -28.81
N ALA C 56 15.71 -43.39 -27.68
CA ALA C 56 16.45 -42.13 -27.64
C ALA C 56 17.94 -42.42 -27.60
N CYS C 57 18.29 -43.61 -27.16
CA CYS C 57 19.69 -44.02 -27.09
C CYS C 57 20.12 -44.59 -28.44
N ALA C 58 19.18 -45.19 -29.15
CA ALA C 58 19.46 -45.77 -30.46
C ALA C 58 19.64 -44.68 -31.51
N VAL C 59 18.83 -43.63 -31.41
CA VAL C 59 18.82 -42.57 -32.41
C VAL C 59 20.14 -41.80 -32.43
N VAL C 60 20.82 -41.74 -31.29
CA VAL C 60 22.06 -40.95 -31.19
C VAL C 60 23.31 -41.79 -31.38
N GLY C 61 23.17 -43.12 -31.36
CA GLY C 61 24.30 -43.99 -31.62
C GLY C 61 24.42 -45.16 -30.66
N GLY C 62 24.01 -44.95 -29.41
CA GLY C 62 24.15 -45.97 -28.39
C GLY C 62 23.31 -47.22 -28.61
N ARG C 63 23.39 -48.14 -27.65
CA ARG C 63 22.66 -49.39 -27.71
C ARG C 63 21.45 -49.37 -26.77
N GLU C 64 20.42 -50.14 -27.10
CA GLU C 64 19.25 -50.25 -26.25
C GLU C 64 19.63 -50.86 -24.89
N ALA C 65 20.70 -51.66 -24.90
CA ALA C 65 21.19 -52.29 -23.68
C ALA C 65 21.75 -51.27 -22.69
N TRP C 66 22.24 -50.15 -23.20
CA TRP C 66 22.89 -49.13 -22.36
C TRP C 66 21.91 -48.36 -21.47
N ALA C 67 20.71 -48.12 -21.96
CA ALA C 67 19.79 -47.21 -21.29
C ALA C 67 18.58 -47.92 -20.71
N MET C 68 18.62 -49.25 -20.72
CA MET C 68 17.57 -50.04 -20.12
C MET C 68 17.40 -49.80 -18.61
N PRO C 69 18.51 -49.64 -17.84
CA PRO C 69 18.27 -49.35 -16.42
C PRO C 69 17.53 -48.03 -16.19
N ALA C 70 17.89 -47.00 -16.96
CA ALA C 70 17.18 -45.73 -16.91
C ALA C 70 15.73 -45.93 -17.35
N ALA C 71 15.52 -46.75 -18.37
CA ALA C 71 14.19 -47.04 -18.88
C ALA C 71 13.30 -47.67 -17.81
N ALA C 72 13.90 -48.42 -16.91
CA ALA C 72 13.15 -49.00 -15.81
C ALA C 72 12.89 -47.93 -14.77
N ALA C 73 13.91 -47.10 -14.52
CA ALA C 73 13.85 -46.06 -13.50
C ALA C 73 12.66 -45.12 -13.72
N VAL C 74 12.47 -44.67 -14.95
CA VAL C 74 11.36 -43.78 -15.31
C VAL C 74 10.02 -44.51 -15.28
N GLU C 75 10.03 -45.80 -15.62
CA GLU C 75 8.82 -46.57 -15.51
C GLU C 75 8.60 -46.95 -14.06
N MET C 76 9.64 -46.85 -13.26
CA MET C 76 9.54 -47.02 -11.80
C MET C 76 9.10 -45.71 -11.16
N VAL C 77 9.71 -44.62 -11.60
CA VAL C 77 9.35 -43.30 -11.13
C VAL C 77 7.91 -43.07 -11.51
N HIS C 78 7.56 -43.42 -12.75
CA HIS C 78 6.18 -43.31 -13.16
C HIS C 78 5.30 -43.95 -12.14
N THR C 79 5.69 -45.19 -11.88
CA THR C 79 4.88 -46.14 -11.15
C THR C 79 4.59 -45.62 -9.77
N MET C 80 5.63 -45.07 -9.14
CA MET C 80 5.49 -44.38 -7.87
C MET C 80 4.38 -43.35 -7.98
N SER C 81 4.35 -42.65 -9.12
CA SER C 81 3.49 -41.48 -9.28
C SER C 81 2.03 -41.86 -9.42
N LEU C 82 1.72 -43.13 -9.63
CA LEU C 82 0.31 -43.54 -9.69
C LEU C 82 -0.13 -44.26 -8.42
N VAL C 83 0.84 -44.80 -7.68
CA VAL C 83 0.55 -45.41 -6.40
C VAL C 83 0.07 -44.34 -5.43
N HIS C 84 0.59 -43.13 -5.60
CA HIS C 84 0.23 -42.00 -4.75
C HIS C 84 -0.98 -41.25 -5.32
N ASP C 85 -1.02 -41.04 -6.64
CA ASP C 85 -2.14 -40.34 -7.29
C ASP C 85 -3.49 -40.98 -6.99
N ASP C 86 -3.46 -42.15 -6.38
CA ASP C 86 -4.64 -43.00 -6.31
C ASP C 86 -5.02 -43.21 -4.84
N LEU C 87 -4.15 -42.79 -3.93
CA LEU C 87 -4.44 -42.87 -2.51
C LEU C 87 -5.74 -42.14 -2.19
N PRO C 88 -6.52 -42.65 -1.22
CA PRO C 88 -7.75 -42.00 -0.80
C PRO C 88 -7.48 -40.58 -0.28
N CYS C 89 -6.22 -40.35 0.04
CA CYS C 89 -5.69 -39.06 0.47
C CYS C 89 -5.64 -38.11 -0.70
N MET C 90 -5.58 -38.63 -1.92
CA MET C 90 -5.52 -37.77 -3.08
C MET C 90 -6.63 -37.74 -4.13
N ASP C 91 -6.71 -38.75 -5.00
CA ASP C 91 -7.72 -38.81 -6.06
C ASP C 91 -8.67 -39.98 -5.91
N ASP C 94 -10.64 -46.32 -6.43
CA ASP C 94 -10.06 -47.64 -6.24
C ASP C 94 -9.66 -48.27 -7.55
N LEU C 95 -10.49 -48.14 -8.55
CA LEU C 95 -10.13 -48.82 -9.75
C LEU C 95 -9.85 -47.98 -10.94
N ARG C 96 -8.72 -48.31 -11.54
CA ARG C 96 -8.30 -47.77 -12.78
C ARG C 96 -7.46 -48.90 -13.37
N ARG C 97 -7.61 -49.09 -14.67
CA ARG C 97 -6.91 -50.09 -15.45
C ARG C 97 -7.50 -51.45 -15.16
N GLY C 98 -8.67 -51.49 -14.57
CA GLY C 98 -9.39 -52.75 -14.48
C GLY C 98 -8.80 -53.60 -13.38
N LYS C 99 -7.88 -53.00 -12.61
CA LYS C 99 -7.19 -53.67 -11.50
C LYS C 99 -7.57 -52.99 -10.19
N PRO C 100 -7.76 -53.77 -9.13
CA PRO C 100 -8.15 -53.15 -7.86
C PRO C 100 -6.95 -52.44 -7.25
N THR C 101 -7.08 -51.14 -7.00
CA THR C 101 -5.93 -50.29 -6.76
C THR C 101 -5.04 -50.75 -5.59
N CYS C 102 -3.83 -50.22 -5.55
CA CYS C 102 -2.78 -50.70 -4.65
C CYS C 102 -3.08 -50.52 -3.17
N HIS C 103 -3.70 -49.41 -2.82
CA HIS C 103 -4.11 -49.17 -1.44
C HIS C 103 -5.36 -49.98 -1.10
N VAL C 104 -6.13 -50.36 -2.13
CA VAL C 104 -7.29 -51.21 -1.94
C VAL C 104 -6.86 -52.60 -1.46
N VAL C 105 -5.77 -53.10 -2.05
CA VAL C 105 -5.28 -54.44 -1.77
C VAL C 105 -4.52 -54.55 -0.46
N TYR C 106 -3.55 -53.66 -0.26
CA TYR C 106 -2.61 -53.80 0.86
C TYR C 106 -2.84 -52.79 1.96
N GLY C 107 -3.74 -51.85 1.75
CA GLY C 107 -3.96 -50.80 2.71
C GLY C 107 -3.08 -49.61 2.39
N GLU C 108 -3.53 -48.42 2.78
CA GLU C 108 -2.85 -47.18 2.44
C GLU C 108 -1.35 -47.11 2.78
N PRO C 109 -0.96 -47.39 4.05
CA PRO C 109 0.44 -47.14 4.40
C PRO C 109 1.41 -48.05 3.67
N ILE C 110 1.01 -49.29 3.43
CA ILE C 110 1.79 -50.19 2.62
C ILE C 110 2.00 -49.59 1.25
N ALA C 111 0.91 -49.08 0.69
CA ALA C 111 0.93 -48.44 -0.61
C ALA C 111 1.85 -47.23 -0.60
N VAL C 112 1.83 -46.46 0.49
CA VAL C 112 2.65 -45.27 0.58
C VAL C 112 4.13 -45.61 0.56
N LEU C 113 4.50 -46.60 1.35
CA LEU C 113 5.88 -47.06 1.38
C LEU C 113 6.24 -47.64 0.02
N THR C 114 5.25 -48.28 -0.61
CA THR C 114 5.43 -48.93 -1.90
C THR C 114 5.89 -47.94 -2.97
N GLY C 115 5.30 -46.74 -2.95
CA GLY C 115 5.74 -45.69 -3.85
C GLY C 115 7.15 -45.24 -3.49
N ASP C 116 7.37 -44.97 -2.20
CA ASP C 116 8.67 -44.56 -1.69
C ASP C 116 9.78 -45.57 -2.02
N ALA C 117 9.45 -46.85 -1.90
CA ALA C 117 10.42 -47.90 -2.19
C ALA C 117 10.76 -47.92 -3.67
N LEU C 118 9.76 -47.64 -4.51
CA LEU C 118 9.95 -47.66 -5.96
C LEU C 118 10.85 -46.53 -6.41
N LEU C 119 10.53 -45.31 -5.98
CA LEU C 119 11.29 -44.13 -6.37
C LEU C 119 12.77 -44.27 -6.02
N SER C 120 13.04 -44.81 -4.83
CA SER C 120 14.41 -45.07 -4.39
C SER C 120 15.09 -46.09 -5.29
N LEU C 121 14.39 -47.20 -5.51
CA LEU C 121 14.87 -48.29 -6.34
C LEU C 121 15.29 -47.77 -7.71
N SER C 122 14.48 -46.89 -8.27
CA SER C 122 14.77 -46.30 -9.57
C SER C 122 16.11 -45.57 -9.59
N PHE C 123 16.32 -44.66 -8.63
CA PHE C 123 17.59 -43.97 -8.50
C PHE C 123 18.70 -44.95 -8.15
N HIS C 124 18.40 -45.87 -7.24
CA HIS C 124 19.32 -46.91 -6.83
C HIS C 124 19.81 -47.71 -8.04
N HIS C 125 18.85 -48.28 -8.76
CA HIS C 125 19.12 -49.11 -9.94
C HIS C 125 19.98 -48.37 -10.97
N MET C 126 19.68 -47.09 -11.17
CA MET C 126 20.40 -46.28 -12.14
C MET C 126 21.85 -46.04 -11.73
N ALA C 127 22.08 -45.83 -10.44
CA ALA C 127 23.42 -45.46 -9.96
C ALA C 127 24.37 -46.66 -9.91
N ARG C 128 23.84 -47.82 -9.54
CA ARG C 128 24.62 -49.05 -9.42
C ARG C 128 25.26 -49.46 -10.74
N PHE C 129 26.58 -49.61 -10.74
CA PHE C 129 27.29 -50.05 -11.93
C PHE C 129 26.90 -51.47 -12.30
N ASP C 130 26.45 -52.21 -11.30
CA ASP C 130 25.88 -53.54 -11.46
C ASP C 130 24.89 -53.61 -12.64
N SER C 131 24.07 -52.58 -12.79
CA SER C 131 22.91 -52.64 -13.66
C SER C 131 23.20 -52.49 -15.16
N TYR C 132 24.43 -52.13 -15.51
CA TYR C 132 24.75 -51.83 -16.91
C TYR C 132 25.62 -52.90 -17.59
N PRO C 133 25.36 -53.16 -18.88
CA PRO C 133 26.10 -54.14 -19.69
C PRO C 133 27.59 -53.80 -19.81
N PRO C 134 28.41 -54.72 -20.34
CA PRO C 134 29.86 -54.51 -20.44
C PRO C 134 30.33 -53.66 -21.63
N ASP C 135 29.55 -53.57 -22.69
CA ASP C 135 30.01 -52.92 -23.92
C ASP C 135 29.98 -51.39 -23.84
N ILE C 136 29.97 -50.85 -22.62
CA ILE C 136 29.91 -49.40 -22.43
C ILE C 136 31.30 -48.77 -22.45
N ASP C 137 31.34 -47.47 -22.74
CA ASP C 137 32.58 -46.70 -22.82
C ASP C 137 32.99 -46.23 -21.43
N ALA C 138 33.41 -47.17 -20.60
CA ALA C 138 33.52 -46.95 -19.16
C ALA C 138 34.80 -46.15 -18.90
N ASP C 139 34.87 -44.94 -19.44
CA ASP C 139 35.80 -43.92 -18.99
C ASP C 139 35.07 -42.58 -18.90
N LYS C 140 33.82 -42.59 -19.33
CA LYS C 140 32.96 -41.42 -19.22
C LYS C 140 31.51 -41.82 -18.96
N HIS C 141 31.15 -43.04 -19.38
CA HIS C 141 29.87 -43.64 -18.99
C HIS C 141 29.44 -43.45 -17.54
N PRO C 142 30.37 -43.54 -16.57
CA PRO C 142 30.04 -43.10 -15.20
C PRO C 142 29.41 -41.71 -15.15
N ALA C 143 30.12 -40.73 -15.70
CA ALA C 143 29.70 -39.33 -15.66
C ALA C 143 28.37 -39.08 -16.36
N ARG C 144 27.99 -39.95 -17.29
CA ARG C 144 26.70 -39.82 -17.95
C ARG C 144 25.57 -40.21 -16.99
N VAL C 145 25.82 -41.23 -16.17
CA VAL C 145 24.84 -41.66 -15.19
C VAL C 145 24.61 -40.57 -14.16
N VAL C 146 25.70 -39.96 -13.67
CA VAL C 146 25.61 -38.81 -12.78
C VAL C 146 24.72 -37.76 -13.41
N ARG C 147 25.02 -37.43 -14.67
CA ARG C 147 24.27 -36.41 -15.39
C ARG C 147 22.81 -36.81 -15.61
N ALA C 148 22.59 -38.09 -15.84
CA ALA C 148 21.25 -38.61 -16.07
C ALA C 148 20.43 -38.66 -14.79
N ILE C 149 21.07 -39.05 -13.69
CA ILE C 149 20.42 -39.06 -12.39
C ILE C 149 19.96 -37.66 -12.02
N GLY C 150 20.79 -36.68 -12.34
CA GLY C 150 20.49 -35.29 -12.05
C GLY C 150 19.38 -34.71 -12.92
N GLU C 151 19.25 -35.22 -14.15
CA GLU C 151 18.17 -34.80 -15.03
C GLU C 151 16.90 -35.56 -14.71
N LEU C 152 17.03 -36.80 -14.26
CA LEU C 152 15.86 -37.52 -13.75
C LEU C 152 15.35 -36.79 -12.53
N ALA C 153 16.27 -36.43 -11.63
CA ALA C 153 15.91 -35.76 -10.38
C ALA C 153 15.43 -34.32 -10.62
N ARG C 154 15.88 -33.72 -11.72
CA ARG C 154 15.44 -32.36 -12.08
C ARG C 154 13.95 -32.35 -12.37
N CYS C 155 13.47 -33.42 -12.98
CA CYS C 155 12.11 -33.48 -13.48
C CYS C 155 11.12 -34.20 -12.56
N ILE C 156 11.60 -34.78 -11.47
CA ILE C 156 10.70 -35.42 -10.50
C ILE C 156 10.41 -34.49 -9.34
N GLY C 157 11.37 -33.62 -9.04
CA GLY C 157 11.31 -32.76 -7.86
C GLY C 157 10.43 -31.57 -8.19
N SER C 158 10.47 -30.55 -7.37
CA SER C 158 9.68 -29.40 -7.66
C SER C 158 9.83 -28.66 -8.95
N GLU C 159 10.68 -29.12 -9.83
CA GLU C 159 10.83 -28.46 -11.10
C GLU C 159 9.96 -29.12 -12.14
N GLY C 160 9.34 -30.21 -11.77
CA GLY C 160 8.44 -30.91 -12.65
C GLY C 160 7.87 -32.15 -12.03
N LEU C 161 6.72 -32.53 -12.50
CA LEU C 161 6.02 -33.68 -12.04
C LEU C 161 5.45 -33.43 -10.70
N VAL C 162 6.31 -33.21 -9.71
CA VAL C 162 5.80 -32.97 -8.39
C VAL C 162 5.10 -31.66 -8.32
N ALA C 163 5.64 -30.66 -9.00
CA ALA C 163 5.02 -29.36 -9.00
C ALA C 163 3.67 -29.44 -9.63
N GLY C 164 3.57 -30.14 -10.74
CA GLY C 164 2.32 -30.21 -11.45
C GLY C 164 1.22 -30.82 -10.64
N GLN C 165 1.50 -31.83 -9.86
CA GLN C 165 0.48 -32.49 -9.12
C GLN C 165 -0.17 -31.53 -8.16
N VAL C 166 0.51 -30.46 -7.80
CA VAL C 166 -0.15 -29.48 -6.89
C VAL C 166 -1.05 -28.43 -7.52
N VAL C 167 -0.57 -27.89 -8.62
CA VAL C 167 -1.27 -26.81 -9.24
C VAL C 167 -2.67 -27.16 -9.65
N ASP C 168 -2.77 -28.39 -10.08
CA ASP C 168 -3.92 -29.06 -10.53
C ASP C 168 -4.86 -29.14 -9.37
N LEU C 169 -4.34 -29.20 -8.15
CA LEU C 169 -5.22 -29.22 -7.00
C LEU C 169 -5.49 -27.77 -6.83
N GLU C 170 -6.08 -27.21 -7.88
CA GLU C 170 -6.40 -25.80 -7.99
C GLU C 170 -7.84 -25.48 -7.64
N MET C 171 -8.74 -26.24 -8.23
CA MET C 171 -10.18 -26.13 -8.11
C MET C 171 -10.71 -24.92 -7.38
N THR C 177 -13.16 -21.14 -13.74
CA THR C 177 -12.09 -21.69 -12.93
C THR C 177 -10.71 -21.34 -13.50
N VAL C 178 -10.24 -22.14 -14.46
CA VAL C 178 -8.83 -22.11 -14.85
C VAL C 178 -8.55 -21.49 -16.22
N PRO C 179 -7.49 -20.66 -16.30
CA PRO C 179 -7.00 -20.10 -17.56
C PRO C 179 -6.16 -21.08 -18.37
N LEU C 180 -5.69 -20.64 -19.54
CA LEU C 180 -4.95 -21.50 -20.46
C LEU C 180 -3.51 -21.80 -20.02
N GLU C 181 -2.70 -20.75 -19.88
CA GLU C 181 -1.30 -20.90 -19.53
C GLU C 181 -1.12 -21.76 -18.28
N ARG C 182 -1.99 -21.55 -17.30
CA ARG C 182 -1.94 -22.32 -16.08
C ARG C 182 -2.62 -23.68 -16.25
N LEU C 183 -2.96 -24.02 -17.49
CA LEU C 183 -3.42 -25.38 -17.82
C LEU C 183 -2.32 -26.06 -18.63
N GLU C 184 -1.60 -25.27 -19.40
CA GLU C 184 -0.45 -25.80 -20.13
C GLU C 184 0.68 -26.06 -19.14
N TYR C 185 0.79 -25.20 -18.14
CA TYR C 185 1.82 -25.36 -17.13
C TYR C 185 1.65 -26.66 -16.37
N ILE C 186 0.41 -26.99 -16.02
CA ILE C 186 0.14 -28.23 -15.33
C ILE C 186 0.56 -29.44 -16.16
N HIS C 187 0.09 -29.49 -17.41
CA HIS C 187 0.43 -30.58 -18.30
C HIS C 187 1.92 -30.63 -18.62
N LEU C 188 2.54 -29.45 -18.72
CA LEU C 188 3.98 -29.38 -18.97
C LEU C 188 4.76 -30.08 -17.88
N HIS C 189 4.22 -30.08 -16.67
CA HIS C 189 4.97 -30.57 -15.52
C HIS C 189 4.32 -31.74 -14.79
N LYS C 190 3.19 -32.21 -15.26
CA LYS C 190 2.62 -33.43 -14.71
C LYS C 190 2.98 -34.60 -15.61
N THR C 191 2.54 -34.54 -16.87
CA THR C 191 2.78 -35.59 -17.84
C THR C 191 4.06 -35.38 -18.64
N ALA C 192 4.19 -34.20 -19.24
CA ALA C 192 5.34 -33.86 -20.05
C ALA C 192 6.66 -33.89 -19.26
N ALA C 193 6.56 -33.65 -17.96
CA ALA C 193 7.73 -33.53 -17.08
C ALA C 193 8.63 -34.75 -17.07
N LEU C 194 8.06 -35.95 -17.08
CA LEU C 194 8.89 -37.13 -16.99
C LEU C 194 9.41 -37.51 -18.37
N LEU C 195 8.73 -37.07 -19.41
CA LEU C 195 9.10 -37.50 -20.75
C LEU C 195 10.41 -36.88 -21.22
N GLU C 196 10.71 -35.66 -20.80
CA GLU C 196 12.03 -35.10 -21.13
C GLU C 196 13.09 -35.90 -20.41
N ALA C 197 12.81 -36.29 -19.17
CA ALA C 197 13.72 -37.16 -18.44
C ALA C 197 13.99 -38.43 -19.23
N SER C 198 12.94 -39.11 -19.68
CA SER C 198 13.08 -40.36 -20.42
C SER C 198 13.99 -40.22 -21.64
N VAL C 199 13.63 -39.36 -22.59
CA VAL C 199 14.38 -39.28 -23.84
C VAL C 199 15.71 -38.53 -23.73
N VAL C 200 15.85 -37.67 -22.74
CA VAL C 200 17.12 -36.97 -22.57
C VAL C 200 18.16 -37.89 -21.93
N ILE C 201 17.82 -38.51 -20.80
CA ILE C 201 18.76 -39.39 -20.12
C ILE C 201 19.02 -40.63 -20.97
N GLY C 202 18.05 -40.99 -21.80
CA GLY C 202 18.25 -42.04 -22.79
C GLY C 202 19.31 -41.61 -23.79
N ALA C 203 19.22 -40.37 -24.23
CA ALA C 203 20.19 -39.81 -25.16
C ALA C 203 21.53 -39.60 -24.48
N ILE C 204 21.50 -39.24 -23.21
CA ILE C 204 22.74 -39.01 -22.46
C ILE C 204 23.51 -40.31 -22.32
N LEU C 205 22.79 -41.38 -22.00
CA LEU C 205 23.38 -42.71 -21.89
C LEU C 205 23.77 -43.26 -23.25
N GLY C 206 23.27 -42.63 -24.31
CA GLY C 206 23.69 -42.93 -25.67
C GLY C 206 24.99 -42.25 -25.97
N GLY C 207 25.31 -41.23 -25.17
CA GLY C 207 26.54 -40.48 -25.32
C GLY C 207 26.44 -39.37 -26.35
N GLY C 208 25.21 -38.92 -26.60
CA GLY C 208 24.98 -37.89 -27.59
C GLY C 208 25.53 -36.54 -27.18
N SER C 209 25.85 -35.71 -28.17
CA SER C 209 26.37 -34.38 -27.91
C SER C 209 25.32 -33.53 -27.20
N ASP C 210 25.73 -32.34 -26.77
CA ASP C 210 24.85 -31.46 -26.02
C ASP C 210 23.67 -30.98 -26.87
N GLU C 211 23.90 -30.67 -28.13
CA GLU C 211 22.81 -30.21 -28.99
C GLU C 211 21.75 -31.26 -29.23
N GLN C 212 22.21 -32.49 -29.42
CA GLN C 212 21.30 -33.55 -29.72
C GLN C 212 20.33 -33.63 -28.59
N ILE C 213 20.86 -33.50 -27.40
CA ILE C 213 20.02 -33.56 -26.25
C ILE C 213 19.00 -32.46 -26.32
N GLU C 214 19.37 -31.28 -26.76
CA GLU C 214 18.41 -30.18 -26.78
C GLU C 214 17.25 -30.45 -27.68
N SER C 215 17.59 -30.95 -28.85
CA SER C 215 16.55 -31.21 -29.80
C SER C 215 15.62 -32.23 -29.19
N LEU C 216 16.19 -33.26 -28.59
CA LEU C 216 15.38 -34.30 -28.00
C LEU C 216 14.50 -33.80 -26.87
N ARG C 217 15.01 -32.90 -26.08
CA ARG C 217 14.23 -32.37 -24.98
C ARG C 217 12.99 -31.69 -25.49
N MET C 218 13.12 -30.90 -26.55
CA MET C 218 11.91 -30.23 -27.06
C MET C 218 10.83 -31.18 -27.60
N TYR C 219 11.27 -32.22 -28.24
CA TYR C 219 10.44 -33.28 -28.81
C TYR C 219 9.53 -33.86 -27.75
N ALA C 220 10.12 -34.31 -26.65
CA ALA C 220 9.36 -34.91 -25.57
C ALA C 220 8.40 -33.91 -24.97
N ARG C 221 8.84 -32.66 -24.90
CA ARG C 221 8.01 -31.62 -24.30
C ARG C 221 6.80 -31.38 -25.20
N SER C 222 7.00 -31.48 -26.51
CA SER C 222 5.90 -31.37 -27.47
C SER C 222 4.90 -32.51 -27.28
N ILE C 223 5.38 -33.73 -27.40
CA ILE C 223 4.55 -34.92 -27.30
C ILE C 223 3.99 -35.12 -25.90
N GLY C 224 4.56 -34.40 -24.93
CA GLY C 224 4.11 -34.47 -23.56
C GLY C 224 2.83 -33.69 -23.38
N LEU C 225 2.83 -32.44 -23.83
CA LEU C 225 1.63 -31.62 -23.80
C LEU C 225 0.58 -32.27 -24.69
N LEU C 226 0.98 -32.51 -25.94
CA LEU C 226 0.22 -33.27 -26.92
C LEU C 226 -0.50 -34.46 -26.29
N PHE C 227 0.20 -35.17 -25.40
CA PHE C 227 -0.32 -36.35 -24.72
C PHE C 227 -1.62 -36.03 -23.99
N GLN C 228 -1.57 -35.08 -23.07
CA GLN C 228 -2.74 -34.80 -22.26
C GLN C 228 -3.74 -33.91 -23.01
N VAL C 229 -3.32 -33.34 -24.14
CA VAL C 229 -4.25 -32.63 -25.01
C VAL C 229 -5.19 -33.65 -25.65
N VAL C 230 -4.60 -34.60 -26.37
CA VAL C 230 -5.34 -35.71 -26.95
C VAL C 230 -6.17 -36.40 -25.89
N ASP C 231 -5.55 -36.64 -24.73
CA ASP C 231 -6.23 -37.21 -23.58
C ASP C 231 -7.49 -36.40 -23.25
N ASP C 232 -7.35 -35.08 -23.12
CA ASP C 232 -8.50 -34.23 -22.81
C ASP C 232 -9.48 -34.09 -23.98
N ILE C 233 -9.19 -34.79 -25.08
CA ILE C 233 -10.11 -34.85 -26.21
C ILE C 233 -10.79 -36.21 -26.28
N LEU C 234 -10.00 -37.26 -26.09
CA LEU C 234 -10.56 -38.59 -26.10
C LEU C 234 -11.62 -38.77 -25.04
N ASP C 235 -11.78 -37.80 -24.16
CA ASP C 235 -12.78 -37.89 -23.11
C ASP C 235 -14.15 -37.39 -23.52
N VAL C 236 -14.26 -36.92 -24.75
CA VAL C 236 -15.54 -36.47 -25.31
C VAL C 236 -15.95 -37.53 -26.33
N THR C 237 -15.79 -38.79 -25.94
CA THR C 237 -16.08 -39.95 -26.75
C THR C 237 -17.08 -40.83 -26.05
N LYS C 238 -16.55 -41.71 -25.20
CA LYS C 238 -17.42 -42.57 -24.44
C LYS C 238 -18.77 -41.87 -24.31
N THR C 256 -11.58 -28.92 -16.08
CA THR C 256 -11.20 -27.81 -16.93
C THR C 256 -10.21 -28.23 -18.03
N THR C 257 -10.73 -28.63 -19.17
CA THR C 257 -9.89 -29.17 -20.24
C THR C 257 -9.75 -28.23 -21.43
N TYR C 258 -9.10 -28.72 -22.48
CA TYR C 258 -8.83 -27.93 -23.67
C TYR C 258 -10.06 -27.66 -24.56
N PRO C 259 -10.91 -28.68 -24.77
CA PRO C 259 -12.14 -28.34 -25.50
C PRO C 259 -13.03 -27.38 -24.73
N LYS C 260 -12.82 -27.29 -23.41
CA LYS C 260 -13.54 -26.33 -22.59
C LYS C 260 -13.06 -24.91 -22.89
N LEU C 261 -11.74 -24.74 -22.97
CA LEU C 261 -11.14 -23.43 -23.14
C LEU C 261 -11.08 -22.99 -24.60
N LEU C 262 -10.66 -23.90 -25.47
CA LEU C 262 -10.38 -23.53 -26.85
C LEU C 262 -11.44 -24.02 -27.83
N GLY C 263 -12.24 -24.99 -27.40
CA GLY C 263 -13.18 -25.64 -28.28
C GLY C 263 -12.60 -26.95 -28.78
N LEU C 264 -13.46 -27.85 -29.25
CA LEU C 264 -13.04 -29.18 -29.67
C LEU C 264 -12.27 -29.13 -31.00
N GLU C 265 -12.77 -28.35 -31.93
CA GLU C 265 -12.16 -28.28 -33.26
C GLU C 265 -10.80 -27.60 -33.22
N LYS C 266 -10.65 -26.61 -32.34
CA LYS C 266 -9.38 -25.93 -32.19
C LYS C 266 -8.48 -26.69 -31.23
N SER C 267 -8.92 -27.89 -30.84
CA SER C 267 -8.12 -28.76 -30.00
C SER C 267 -7.45 -29.87 -30.81
N ARG C 268 -8.14 -30.36 -31.85
CA ARG C 268 -7.54 -31.27 -32.81
C ARG C 268 -6.48 -30.53 -33.60
N GLU C 269 -6.71 -29.23 -33.73
CA GLU C 269 -5.88 -28.30 -34.47
C GLU C 269 -4.63 -28.01 -33.65
N PHE C 270 -4.80 -27.82 -32.34
CA PHE C 270 -3.68 -27.66 -31.41
C PHE C 270 -2.76 -28.87 -31.48
N ALA C 271 -3.32 -30.05 -31.21
CA ALA C 271 -2.56 -31.29 -31.22
C ALA C 271 -1.83 -31.48 -32.53
N GLU C 272 -2.45 -31.03 -33.62
CA GLU C 272 -1.93 -31.30 -34.95
C GLU C 272 -0.61 -30.59 -35.24
N LYS C 273 -0.32 -29.49 -34.57
CA LYS C 273 0.99 -28.87 -34.75
C LYS C 273 1.96 -29.27 -33.65
N LEU C 274 1.44 -29.49 -32.45
CA LEU C 274 2.26 -30.00 -31.36
C LEU C 274 2.99 -31.24 -31.85
N LEU C 275 2.26 -32.04 -32.64
CA LEU C 275 2.84 -33.16 -33.36
C LEU C 275 3.88 -32.65 -34.36
N SER C 276 3.44 -31.78 -35.28
CA SER C 276 4.32 -31.25 -36.32
C SER C 276 5.49 -30.48 -35.72
N ASP C 277 5.31 -29.95 -34.51
CA ASP C 277 6.39 -29.31 -33.77
C ASP C 277 7.47 -30.32 -33.45
N ALA C 278 7.07 -31.44 -32.85
CA ALA C 278 7.99 -32.49 -32.45
C ALA C 278 8.75 -33.06 -33.64
N ARG C 279 8.07 -33.19 -34.77
CA ARG C 279 8.65 -33.82 -35.95
C ARG C 279 9.81 -33.02 -36.52
N GLU C 280 9.62 -31.71 -36.61
CA GLU C 280 10.66 -30.82 -37.12
C GLU C 280 11.88 -30.83 -36.20
N GLN C 281 11.69 -31.23 -34.95
CA GLN C 281 12.79 -31.25 -34.00
C GLN C 281 13.76 -32.39 -34.30
N LEU C 282 13.24 -33.50 -34.82
CA LEU C 282 14.08 -34.65 -35.15
C LEU C 282 14.80 -34.47 -36.49
N SER C 283 14.77 -33.24 -36.99
CA SER C 283 15.37 -32.90 -38.28
C SER C 283 16.85 -33.27 -38.37
N GLY C 284 17.55 -33.19 -37.24
CA GLY C 284 18.99 -33.36 -37.22
C GLY C 284 19.47 -34.81 -37.16
N PHE C 285 18.53 -35.75 -37.26
CA PHE C 285 18.90 -37.16 -37.18
C PHE C 285 18.92 -37.91 -38.50
N ASP C 286 19.25 -39.18 -38.38
CA ASP C 286 19.03 -40.13 -39.46
C ASP C 286 17.59 -40.63 -39.37
N GLN C 287 16.85 -40.46 -40.47
CA GLN C 287 15.43 -40.81 -40.57
C GLN C 287 15.18 -42.24 -40.13
N GLU C 288 16.18 -43.09 -40.33
CA GLU C 288 16.11 -44.49 -39.95
C GLU C 288 16.09 -44.72 -38.44
N THR C 289 17.09 -44.16 -37.75
CA THR C 289 17.29 -44.42 -36.33
C THR C 289 16.22 -43.76 -35.45
N ALA C 290 15.48 -42.80 -36.01
CA ALA C 290 14.46 -42.08 -35.26
C ALA C 290 13.08 -42.56 -35.61
N ALA C 291 13.02 -43.58 -36.46
CA ALA C 291 11.75 -44.17 -36.88
C ALA C 291 10.88 -44.60 -35.70
N PRO C 292 11.46 -45.22 -34.66
CA PRO C 292 10.63 -45.49 -33.49
C PRO C 292 10.10 -44.19 -32.89
N LEU C 293 10.98 -43.22 -32.67
CA LEU C 293 10.59 -41.92 -32.11
C LEU C 293 9.51 -41.22 -32.93
N LEU C 294 9.45 -41.54 -34.21
CA LEU C 294 8.45 -40.97 -35.11
C LEU C 294 7.09 -41.62 -34.91
N HIS C 295 7.05 -42.94 -35.04
CA HIS C 295 5.82 -43.69 -34.86
C HIS C 295 5.40 -43.67 -33.39
N LEU C 296 6.36 -43.39 -32.51
CA LEU C 296 6.02 -43.15 -31.11
C LEU C 296 5.16 -41.90 -31.02
N ALA C 297 5.65 -40.82 -31.61
CA ALA C 297 4.92 -39.55 -31.62
C ALA C 297 3.56 -39.70 -32.29
N ASN C 298 3.54 -40.43 -33.40
CA ASN C 298 2.30 -40.69 -34.12
C ASN C 298 1.29 -41.45 -33.25
N TYR C 299 1.79 -42.37 -32.44
CA TYR C 299 0.94 -43.19 -31.59
C TYR C 299 0.23 -42.33 -30.56
N ILE C 300 0.96 -41.38 -29.99
CA ILE C 300 0.40 -40.49 -28.98
C ILE C 300 -0.73 -39.65 -29.57
N ALA C 301 -0.59 -39.30 -30.85
CA ALA C 301 -1.54 -38.39 -31.49
C ALA C 301 -2.87 -39.05 -31.80
N TYR C 302 -2.81 -40.29 -32.29
CA TYR C 302 -3.98 -40.94 -32.85
C TYR C 302 -4.47 -42.14 -32.04
N ARG C 303 -4.28 -42.06 -30.73
CA ARG C 303 -4.90 -43.03 -29.83
C ARG C 303 -6.42 -42.98 -29.97
N GLN C 304 -7.06 -44.12 -29.79
CA GLN C 304 -8.50 -44.16 -29.66
C GLN C 304 -8.83 -45.02 -28.46
N ASN C 305 -7.85 -45.17 -27.58
CA ASN C 305 -7.99 -45.98 -26.38
C ASN C 305 -8.65 -45.21 -25.23
N LEU D 4 32.46 -34.48 19.72
CA LEU D 4 32.77 -33.32 20.55
C LEU D 4 31.58 -32.41 20.40
N ARG D 5 31.07 -31.90 21.52
CA ARG D 5 29.90 -31.05 21.45
C ARG D 5 30.07 -29.86 20.54
N LEU D 6 31.22 -29.19 20.60
CA LEU D 6 31.43 -28.05 19.74
C LEU D 6 31.34 -28.43 18.29
N TYR D 7 32.01 -29.52 17.96
CA TYR D 7 32.05 -30.05 16.62
C TYR D 7 30.64 -30.22 16.16
N TRP D 8 29.88 -30.98 16.93
CA TRP D 8 28.50 -31.25 16.61
C TRP D 8 27.69 -30.01 16.34
N THR D 9 27.74 -29.06 17.27
CA THR D 9 26.96 -27.86 17.10
C THR D 9 27.31 -27.13 15.84
N SER D 10 28.58 -26.87 15.62
CA SER D 10 28.93 -26.12 14.41
C SER D 10 28.59 -26.89 13.15
N LEU D 11 28.83 -28.18 13.20
CA LEU D 11 28.57 -29.00 12.06
C LEU D 11 27.13 -28.95 11.68
N ILE D 12 26.21 -29.06 12.63
CA ILE D 12 24.80 -29.02 12.24
C ILE D 12 24.27 -27.62 12.04
N ALA D 13 25.03 -26.64 12.43
CA ALA D 13 24.67 -25.28 12.14
C ALA D 13 25.04 -25.01 10.68
N ASP D 14 26.03 -25.71 10.13
CA ASP D 14 26.39 -25.52 8.73
C ASP D 14 25.61 -26.38 7.71
N VAL D 15 24.84 -27.35 8.17
CA VAL D 15 23.98 -28.12 7.28
C VAL D 15 22.67 -27.37 7.19
N GLU D 16 22.27 -26.69 8.26
CA GLU D 16 21.04 -25.93 8.25
C GLU D 16 21.20 -24.73 7.33
N ALA D 17 22.32 -24.03 7.47
CA ALA D 17 22.62 -22.88 6.63
C ALA D 17 22.82 -23.32 5.18
N GLU D 18 23.23 -24.55 4.99
CA GLU D 18 23.28 -25.04 3.64
C GLU D 18 21.85 -25.31 3.24
N LEU D 19 21.10 -25.92 4.14
CA LEU D 19 19.74 -26.35 3.80
C LEU D 19 18.87 -25.21 3.31
N ASP D 20 18.81 -24.12 4.07
CA ASP D 20 17.89 -23.05 3.72
C ASP D 20 18.30 -22.43 2.38
N ALA D 21 19.59 -22.50 2.07
CA ALA D 21 20.09 -21.96 0.81
C ALA D 21 19.77 -22.90 -0.35
N ALA D 22 19.50 -24.16 -0.03
CA ALA D 22 19.21 -25.16 -1.06
C ALA D 22 17.70 -25.37 -1.21
N MET D 23 16.94 -24.93 -0.21
CA MET D 23 15.48 -25.02 -0.27
C MET D 23 14.82 -23.65 -0.11
N PRO D 24 14.76 -22.88 -1.17
CA PRO D 24 14.20 -21.54 -1.10
C PRO D 24 12.88 -21.51 -1.75
N ILE D 25 11.94 -20.79 -1.21
CA ILE D 25 10.63 -20.72 -1.76
C ILE D 25 10.69 -20.21 -3.17
N ARG D 26 10.09 -20.92 -4.12
CA ARG D 26 10.15 -20.46 -5.49
C ARG D 26 8.90 -20.98 -6.13
N THR D 27 8.34 -20.39 -7.15
CA THR D 27 7.08 -20.96 -7.68
C THR D 27 7.35 -22.36 -8.19
N PRO D 28 6.47 -23.46 -8.06
CA PRO D 28 5.14 -23.30 -7.47
C PRO D 28 5.11 -23.63 -6.02
N GLU D 29 4.87 -22.54 -5.38
CA GLU D 29 5.06 -22.02 -4.06
C GLU D 29 4.43 -22.78 -2.94
N ARG D 30 3.31 -23.41 -3.17
CA ARG D 30 2.62 -24.11 -2.10
C ARG D 30 3.47 -25.15 -1.50
N ILE D 31 4.23 -25.84 -2.32
CA ILE D 31 5.00 -26.93 -1.84
C ILE D 31 6.39 -26.58 -1.37
N HIS D 32 6.97 -25.55 -1.95
CA HIS D 32 8.33 -25.22 -1.56
C HIS D 32 8.31 -24.77 -0.10
N SER D 33 7.25 -24.04 0.27
CA SER D 33 7.01 -23.70 1.66
C SER D 33 6.80 -24.96 2.48
N ALA D 34 6.12 -25.94 1.88
CA ALA D 34 5.83 -27.20 2.55
C ALA D 34 7.10 -27.98 2.82
N MET D 35 7.95 -28.08 1.81
CA MET D 35 9.21 -28.80 1.93
C MET D 35 10.07 -28.17 3.01
N ARG D 36 10.12 -26.86 3.09
CA ARG D 36 10.91 -26.30 4.14
C ARG D 36 10.31 -26.59 5.50
N TYR D 37 9.04 -26.33 5.70
CA TYR D 37 8.51 -26.63 7.00
C TYR D 37 8.62 -28.10 7.22
N ALA D 38 9.34 -28.81 6.38
CA ALA D 38 9.49 -30.22 6.56
C ALA D 38 10.79 -30.46 7.20
N VAL D 39 11.80 -29.79 6.71
CA VAL D 39 13.10 -29.97 7.25
C VAL D 39 13.57 -28.82 8.09
N LEU D 40 12.72 -27.86 8.44
CA LEU D 40 13.27 -26.76 9.22
C LEU D 40 12.42 -26.13 10.32
N PRO D 41 11.78 -27.03 11.02
CA PRO D 41 11.01 -26.45 12.07
C PRO D 41 12.29 -25.75 12.51
N LYS D 50 18.89 -36.63 19.51
CA LYS D 50 19.22 -35.85 18.35
C LYS D 50 19.67 -36.83 17.31
N ARG D 51 19.36 -36.53 16.05
CA ARG D 51 19.78 -37.36 14.93
C ARG D 51 21.28 -37.24 14.82
N ALA D 52 21.96 -38.34 14.54
CA ALA D 52 23.39 -38.24 14.42
C ALA D 52 23.84 -38.81 13.14
N PRO D 53 22.95 -39.02 12.19
CA PRO D 53 23.42 -39.64 10.95
C PRO D 53 24.11 -38.65 10.05
N PRO D 54 23.56 -37.39 9.99
CA PRO D 54 24.26 -36.49 9.09
C PRO D 54 25.65 -36.20 9.52
N VAL D 55 25.91 -35.99 10.79
CA VAL D 55 27.25 -35.67 11.25
C VAL D 55 28.25 -36.76 11.00
N LEU D 56 28.06 -37.82 11.72
CA LEU D 56 29.03 -38.89 11.63
C LEU D 56 29.33 -39.28 10.19
N CYS D 57 28.55 -38.75 9.26
CA CYS D 57 28.89 -38.87 7.85
C CYS D 57 30.04 -37.95 7.51
N VAL D 58 29.96 -36.72 8.02
CA VAL D 58 31.01 -35.73 7.84
C VAL D 58 32.30 -36.20 8.51
N ALA D 59 32.18 -36.61 9.77
CA ALA D 59 33.33 -37.01 10.56
C ALA D 59 34.11 -38.17 9.93
N ALA D 60 33.40 -39.22 9.52
CA ALA D 60 34.04 -40.40 8.95
C ALA D 60 34.81 -40.08 7.67
N CYS D 61 34.48 -38.95 7.05
CA CYS D 61 35.19 -38.50 5.86
C CYS D 61 36.50 -37.81 6.25
N GLU D 62 36.49 -37.14 7.40
CA GLU D 62 37.69 -36.45 7.88
C GLU D 62 38.65 -37.43 8.56
N LEU D 63 38.14 -38.60 8.93
CA LEU D 63 38.99 -39.64 9.46
C LEU D 63 39.85 -40.22 8.36
N LEU D 64 39.20 -40.59 7.25
CA LEU D 64 39.91 -41.09 6.09
C LEU D 64 40.64 -39.96 5.35
N GLY D 65 40.73 -38.80 6.00
CA GLY D 65 41.54 -37.69 5.53
C GLY D 65 41.09 -37.06 4.22
N ALA D 66 39.95 -36.42 4.27
CA ALA D 66 39.40 -35.80 3.12
C ALA D 66 39.16 -34.40 3.53
N PRO D 67 38.96 -33.51 2.50
CA PRO D 67 38.69 -32.14 2.93
C PRO D 67 37.32 -32.11 3.57
N ARG D 68 36.79 -31.01 4.08
CA ARG D 68 35.40 -31.01 4.63
C ARG D 68 34.23 -31.18 3.66
N GLU D 69 34.41 -30.58 2.50
CA GLU D 69 33.39 -30.48 1.50
C GLU D 69 32.71 -31.68 0.91
N ALA D 70 33.38 -32.78 0.61
CA ALA D 70 32.64 -33.88 0.00
C ALA D 70 31.55 -34.32 0.99
N ALA D 71 31.98 -34.43 2.21
CA ALA D 71 31.09 -34.83 3.27
C ALA D 71 30.00 -33.83 3.43
N LEU D 72 30.31 -32.54 3.34
CA LEU D 72 29.26 -31.58 3.52
C LEU D 72 28.12 -31.84 2.54
N PRO D 73 28.32 -31.95 1.15
CA PRO D 73 27.06 -32.29 0.45
C PRO D 73 26.38 -33.56 0.81
N ALA D 74 27.13 -34.64 1.00
CA ALA D 74 26.39 -35.86 1.32
C ALA D 74 25.59 -35.66 2.60
N ALA D 75 26.13 -34.94 3.54
CA ALA D 75 25.48 -34.68 4.81
C ALA D 75 24.25 -33.87 4.64
N VAL D 76 24.31 -32.88 3.79
CA VAL D 76 23.16 -32.04 3.55
C VAL D 76 22.06 -32.91 3.00
N ALA D 77 22.38 -33.90 2.19
CA ALA D 77 21.33 -34.77 1.66
C ALA D 77 20.53 -35.61 2.64
N LEU D 78 21.23 -36.25 3.55
CA LEU D 78 20.70 -37.21 4.52
C LEU D 78 19.63 -36.54 5.37
N GLU D 79 19.82 -35.26 5.65
CA GLU D 79 18.85 -34.51 6.41
C GLU D 79 17.57 -34.49 5.58
N MET D 80 17.75 -34.36 4.27
CA MET D 80 16.62 -34.30 3.34
C MET D 80 15.93 -35.65 3.20
N LEU D 81 16.73 -36.70 3.11
CA LEU D 81 16.18 -38.05 2.99
C LEU D 81 15.39 -38.42 4.23
N HIS D 82 15.93 -38.05 5.39
CA HIS D 82 15.25 -38.33 6.66
C HIS D 82 13.95 -37.56 6.74
N ALA D 83 14.03 -36.27 6.48
CA ALA D 83 12.87 -35.39 6.54
C ALA D 83 11.79 -35.88 5.58
N ALA D 84 12.21 -36.39 4.42
CA ALA D 84 11.29 -36.89 3.42
C ALA D 84 10.41 -38.00 3.98
N SER D 85 11.04 -39.00 4.58
CA SER D 85 10.31 -40.15 5.09
C SER D 85 9.76 -39.93 6.49
N LEU D 86 10.23 -38.90 7.19
CA LEU D 86 9.65 -38.55 8.48
C LEU D 86 8.24 -38.01 8.26
N VAL D 87 8.06 -37.23 7.19
CA VAL D 87 6.76 -36.71 6.83
C VAL D 87 5.78 -37.84 6.59
N HIS D 88 6.25 -38.88 5.93
CA HIS D 88 5.39 -40.00 5.59
C HIS D 88 5.04 -40.89 6.81
N ASP D 89 5.89 -40.92 7.82
CA ASP D 89 5.61 -41.77 8.98
C ASP D 89 4.67 -41.10 9.98
N ASP D 90 4.59 -39.79 9.90
CA ASP D 90 3.73 -39.05 10.78
C ASP D 90 2.30 -39.04 10.23
N LEU D 91 2.16 -39.35 8.97
CA LEU D 91 0.87 -39.31 8.27
C LEU D 91 -0.22 -39.98 9.11
N PRO D 92 -1.47 -39.52 8.95
CA PRO D 92 -2.58 -40.08 9.72
C PRO D 92 -2.70 -41.58 9.56
N CYS D 93 -2.64 -42.08 8.32
CA CYS D 93 -2.88 -43.49 8.06
C CYS D 93 -1.77 -44.38 8.57
N PHE D 94 -0.80 -43.79 9.25
CA PHE D 94 0.25 -44.60 9.81
C PHE D 94 0.35 -44.97 11.27
N ASP D 95 0.70 -44.02 12.14
CA ASP D 95 0.53 -44.14 13.59
C ASP D 95 -0.84 -43.78 14.15
N ALA D 96 -1.41 -42.67 13.73
CA ALA D 96 -2.72 -42.28 14.23
C ALA D 96 -2.75 -41.76 15.67
N ALA D 97 -1.61 -41.40 16.24
CA ALA D 97 -1.58 -40.88 17.61
C ALA D 97 -0.99 -39.47 17.67
N PRO D 98 -1.83 -38.49 18.19
CA PRO D 98 -1.24 -37.14 18.22
C PRO D 98 -0.80 -36.73 19.63
N PRO D 104 3.84 -29.17 15.01
CA PRO D 104 2.57 -29.72 14.54
C PRO D 104 2.91 -30.36 13.24
N SER D 105 2.51 -31.61 13.10
CA SER D 105 2.77 -32.41 11.93
C SER D 105 2.75 -31.82 10.58
N THR D 106 3.82 -32.02 9.88
CA THR D 106 3.98 -31.56 8.50
C THR D 106 2.77 -31.79 7.59
N HIS D 107 1.99 -32.83 7.89
CA HIS D 107 0.84 -33.20 7.10
C HIS D 107 -0.43 -32.46 7.55
N ALA D 108 -0.55 -32.18 8.84
CA ALA D 108 -1.69 -31.44 9.35
C ALA D 108 -1.40 -29.95 9.30
N ALA D 109 -0.34 -29.60 8.60
CA ALA D 109 0.01 -28.20 8.40
C ALA D 109 -0.34 -27.75 6.99
N TYR D 110 -0.13 -28.63 6.02
CA TYR D 110 -0.36 -28.29 4.63
C TYR D 110 -1.40 -29.21 3.96
N GLY D 111 -1.89 -30.20 4.71
CA GLY D 111 -2.87 -31.14 4.19
C GLY D 111 -2.22 -32.48 3.88
N THR D 112 -2.97 -33.56 4.05
CA THR D 112 -2.42 -34.91 3.81
C THR D 112 -2.00 -35.05 2.36
N ASP D 113 -2.63 -34.29 1.47
CA ASP D 113 -2.32 -34.32 0.05
C ASP D 113 -0.97 -33.69 -0.28
N MET D 114 -0.76 -32.46 0.19
CA MET D 114 0.50 -31.76 -0.02
C MET D 114 1.60 -32.42 0.79
N ALA D 115 1.20 -33.13 1.83
CA ALA D 115 2.13 -33.82 2.72
C ALA D 115 2.96 -34.83 1.95
N VAL D 116 2.28 -35.81 1.39
CA VAL D 116 2.88 -36.82 0.55
C VAL D 116 3.73 -36.15 -0.54
N LEU D 117 3.10 -35.28 -1.33
CA LEU D 117 3.79 -34.59 -2.41
C LEU D 117 5.04 -33.84 -1.96
N ALA D 118 5.09 -33.44 -0.69
CA ALA D 118 6.25 -32.74 -0.17
C ALA D 118 7.47 -33.67 -0.11
N GLY D 119 7.36 -34.76 0.63
CA GLY D 119 8.44 -35.73 0.76
C GLY D 119 8.86 -36.24 -0.60
N ASP D 120 7.88 -36.45 -1.47
CA ASP D 120 8.13 -36.94 -2.83
C ASP D 120 8.95 -35.98 -3.67
N ALA D 121 9.10 -34.75 -3.20
CA ALA D 121 10.00 -33.81 -3.85
C ALA D 121 11.35 -33.82 -3.15
N LEU D 122 11.34 -34.24 -1.88
CA LEU D 122 12.55 -34.24 -1.06
C LEU D 122 13.53 -35.33 -1.45
N PHE D 123 13.03 -36.53 -1.73
CA PHE D 123 13.88 -37.61 -2.20
C PHE D 123 14.72 -37.15 -3.40
N PRO D 124 14.07 -36.70 -4.50
CA PRO D 124 14.90 -36.34 -5.67
C PRO D 124 15.78 -35.13 -5.42
N LEU D 125 15.32 -34.24 -4.53
CA LEU D 125 16.09 -33.07 -4.16
C LEU D 125 17.44 -33.46 -3.57
N ALA D 126 17.44 -34.49 -2.74
CA ALA D 126 18.66 -34.96 -2.09
C ALA D 126 19.68 -35.37 -3.14
N TYR D 127 19.31 -36.29 -4.03
CA TYR D 127 20.23 -36.80 -5.04
C TYR D 127 20.74 -35.67 -5.91
N THR D 128 19.91 -34.64 -6.09
CA THR D 128 20.32 -33.49 -6.87
C THR D 128 21.39 -32.69 -6.12
N HIS D 129 21.19 -32.51 -4.81
CA HIS D 129 22.13 -31.71 -4.01
C HIS D 129 23.45 -32.44 -3.86
N VAL D 130 23.40 -33.76 -3.83
CA VAL D 130 24.62 -34.57 -3.80
C VAL D 130 25.41 -34.42 -5.09
N ILE D 131 24.69 -34.44 -6.21
CA ILE D 131 25.27 -34.33 -7.56
C ILE D 131 25.75 -32.91 -7.88
N ALA D 132 25.03 -31.92 -7.37
CA ALA D 132 25.28 -30.53 -7.72
C ALA D 132 26.43 -29.90 -6.96
N HIS D 133 26.91 -30.54 -5.91
CA HIS D 133 27.97 -29.96 -5.13
C HIS D 133 29.21 -30.75 -4.85
N THR D 134 29.14 -32.08 -4.83
CA THR D 134 30.33 -32.86 -4.54
C THR D 134 31.28 -32.48 -5.62
N PRO D 135 32.48 -32.18 -5.16
CA PRO D 135 33.50 -31.74 -6.06
C PRO D 135 33.88 -33.05 -6.66
N ASP D 138 36.67 -33.54 -9.58
CA ASP D 138 38.01 -33.81 -9.07
C ASP D 138 38.36 -34.59 -7.82
N PRO D 139 38.33 -33.91 -6.61
CA PRO D 139 38.81 -34.73 -5.49
C PRO D 139 38.01 -35.96 -5.31
N VAL D 140 36.70 -35.81 -5.30
CA VAL D 140 35.88 -36.97 -5.20
C VAL D 140 35.90 -37.37 -6.61
N PRO D 141 35.75 -38.68 -6.75
CA PRO D 141 35.68 -39.44 -7.99
C PRO D 141 34.19 -39.63 -8.23
N HIS D 142 33.88 -39.73 -9.52
CA HIS D 142 32.56 -39.93 -10.09
C HIS D 142 31.97 -41.23 -9.74
N ALA D 143 32.77 -42.27 -9.81
CA ALA D 143 32.32 -43.63 -9.50
C ALA D 143 31.90 -43.71 -8.06
N VAL D 144 32.64 -43.04 -7.19
CA VAL D 144 32.33 -42.94 -5.81
C VAL D 144 30.98 -42.26 -5.62
N LEU D 145 30.65 -41.24 -6.41
CA LEU D 145 29.35 -40.60 -6.25
C LEU D 145 28.26 -41.61 -6.51
N LEU D 146 28.40 -42.42 -7.55
CA LEU D 146 27.42 -43.43 -7.82
C LEU D 146 27.36 -44.44 -6.69
N ARG D 147 28.49 -44.81 -6.12
CA ARG D 147 28.50 -45.73 -5.01
C ARG D 147 27.73 -45.02 -3.93
N VAL D 148 27.92 -43.72 -3.84
CA VAL D 148 27.21 -42.90 -2.87
C VAL D 148 25.73 -42.79 -3.18
N LEU D 149 25.44 -42.38 -4.41
CA LEU D 149 24.08 -42.23 -4.86
C LEU D 149 23.32 -43.54 -4.73
N GLY D 150 24.01 -44.63 -5.02
CA GLY D 150 23.41 -45.95 -4.96
C GLY D 150 23.14 -46.40 -3.54
N GLU D 151 24.09 -46.08 -2.65
CA GLU D 151 23.98 -46.41 -1.24
C GLU D 151 22.98 -45.47 -0.54
N LEU D 152 22.91 -44.24 -1.03
CA LEU D 152 21.96 -43.25 -0.51
C LEU D 152 20.52 -43.65 -0.83
N ALA D 153 20.30 -44.05 -2.08
CA ALA D 153 18.98 -44.43 -2.55
C ALA D 153 18.58 -45.79 -1.98
N ARG D 154 19.59 -46.55 -1.59
CA ARG D 154 19.41 -47.84 -0.96
C ARG D 154 18.90 -47.71 0.46
N ALA D 155 19.50 -46.78 1.18
CA ALA D 155 19.17 -46.51 2.57
C ALA D 155 17.67 -46.36 2.77
N VAL D 156 17.04 -45.63 1.85
CA VAL D 156 15.63 -45.29 1.97
C VAL D 156 14.76 -46.37 1.32
N GLY D 157 15.41 -47.33 0.66
CA GLY D 157 14.74 -48.32 -0.17
C GLY D 157 13.92 -49.39 0.55
N SER D 158 13.56 -50.41 -0.21
CA SER D 158 12.82 -51.54 0.33
C SER D 158 13.71 -52.40 1.22
N THR D 159 14.97 -52.09 1.25
CA THR D 159 15.85 -52.86 2.15
C THR D 159 16.33 -52.36 3.51
N GLY D 160 16.45 -51.04 3.58
CA GLY D 160 16.78 -50.29 4.75
C GLY D 160 15.56 -49.63 5.36
N MET D 161 15.48 -48.32 5.29
CA MET D 161 14.40 -47.59 5.94
C MET D 161 12.97 -47.91 5.58
N ALA D 162 12.68 -48.16 4.31
CA ALA D 162 11.32 -48.44 3.94
C ALA D 162 10.92 -49.68 4.67
N ALA D 163 11.80 -50.65 4.62
CA ALA D 163 11.52 -51.91 5.23
C ALA D 163 11.32 -51.72 6.69
N GLY D 164 12.16 -50.91 7.31
CA GLY D 164 12.03 -50.74 8.73
C GLY D 164 10.72 -50.14 9.11
N GLN D 165 10.31 -49.11 8.39
CA GLN D 165 9.08 -48.48 8.74
C GLN D 165 7.97 -49.47 8.59
N PHE D 166 8.01 -50.24 7.52
CA PHE D 166 6.95 -51.21 7.29
C PHE D 166 6.86 -52.23 8.40
N LEU D 167 8.00 -52.74 8.84
CA LEU D 167 7.96 -53.75 9.86
C LEU D 167 7.35 -53.16 11.11
N ASP D 168 7.77 -51.95 11.45
CA ASP D 168 7.22 -51.34 12.65
C ASP D 168 5.76 -51.19 12.46
N LEU D 169 5.42 -50.84 11.24
CA LEU D 169 4.08 -50.54 10.83
C LEU D 169 3.23 -51.36 11.75
N ALA D 170 3.64 -52.59 11.97
CA ALA D 170 2.92 -53.44 12.87
C ALA D 170 3.75 -53.11 14.04
N GLY D 171 3.17 -52.50 15.04
CA GLY D 171 3.94 -52.12 16.19
C GLY D 171 3.39 -52.54 17.51
N ALA D 172 4.29 -52.82 18.42
CA ALA D 172 3.97 -53.22 19.76
C ALA D 172 3.70 -54.69 19.81
N THR D 173 3.78 -55.33 18.65
CA THR D 173 3.69 -56.77 18.59
C THR D 173 5.13 -57.28 18.38
N ALA D 174 6.11 -56.37 18.42
CA ALA D 174 7.49 -56.75 18.24
C ALA D 174 8.22 -57.16 19.51
N LEU D 175 7.82 -58.34 19.93
CA LEU D 175 8.34 -58.98 21.08
C LEU D 175 8.73 -60.33 20.56
N GLY D 176 9.52 -61.13 21.27
CA GLY D 176 10.17 -60.77 22.50
C GLY D 176 11.27 -60.09 21.81
N GLU D 179 15.90 -60.55 17.53
CA GLU D 179 16.33 -59.48 16.65
C GLU D 179 15.05 -58.82 16.14
N VAL D 180 13.90 -59.45 16.36
CA VAL D 180 12.63 -58.98 15.88
C VAL D 180 12.32 -57.62 16.43
N MET D 181 12.52 -57.48 17.73
CA MET D 181 12.33 -56.20 18.38
C MET D 181 13.44 -55.29 17.86
N LYS D 182 14.50 -55.90 17.31
CA LYS D 182 15.59 -55.12 16.78
C LYS D 182 15.36 -54.81 15.32
N VAL D 183 14.14 -54.29 15.11
CA VAL D 183 13.63 -53.67 13.90
C VAL D 183 14.31 -52.32 13.79
N LEU D 184 14.76 -51.79 14.92
CA LEU D 184 15.37 -50.50 14.96
C LEU D 184 16.53 -50.54 14.01
N THR D 185 17.11 -51.71 13.82
CA THR D 185 18.25 -51.81 12.96
C THR D 185 17.86 -51.29 11.62
N LYS D 186 16.69 -51.70 11.15
CA LYS D 186 16.15 -51.24 9.88
C LYS D 186 15.62 -49.81 9.81
N LYS D 187 14.86 -49.42 10.81
CA LYS D 187 14.21 -48.11 10.83
C LYS D 187 15.17 -47.01 11.29
N PHE D 188 15.96 -47.29 12.33
CA PHE D 188 16.87 -46.28 12.86
C PHE D 188 18.33 -46.64 12.61
N GLY D 189 18.60 -47.93 12.42
CA GLY D 189 19.95 -48.39 12.17
C GLY D 189 20.43 -48.07 10.77
N GLU D 190 19.73 -48.62 9.78
CA GLU D 190 20.10 -48.51 8.37
C GLU D 190 20.41 -47.11 7.87
N MET D 191 19.95 -46.10 8.62
CA MET D 191 20.13 -44.71 8.23
C MET D 191 21.57 -44.26 8.49
N ALA D 192 21.98 -44.31 9.75
CA ALA D 192 23.32 -43.93 10.15
C ALA D 192 24.36 -44.86 9.52
N GLU D 193 23.92 -46.07 9.20
CA GLU D 193 24.78 -47.08 8.58
C GLU D 193 25.25 -46.63 7.21
N CYS D 194 24.32 -46.06 6.45
CA CYS D 194 24.67 -45.47 5.18
C CYS D 194 25.42 -44.17 5.41
N SER D 195 24.97 -43.39 6.39
CA SER D 195 25.70 -42.19 6.82
C SER D 195 27.18 -42.49 7.04
N ALA D 196 27.46 -43.63 7.66
CA ALA D 196 28.83 -44.09 7.79
C ALA D 196 29.37 -44.50 6.43
N ALA D 197 28.72 -45.49 5.84
CA ALA D 197 29.17 -46.06 4.56
C ALA D 197 29.31 -45.01 3.48
N CYS D 198 28.46 -43.98 3.51
CA CYS D 198 28.54 -42.94 2.49
C CYS D 198 29.71 -41.99 2.77
N GLY D 199 29.74 -41.41 3.96
CA GLY D 199 30.85 -40.54 4.36
C GLY D 199 32.18 -41.26 4.30
N ALA D 200 32.12 -42.58 4.20
CA ALA D 200 33.28 -43.46 4.06
C ALA D 200 33.97 -43.32 2.70
N MET D 201 33.22 -43.69 1.66
CA MET D 201 33.73 -43.74 0.30
C MET D 201 34.29 -42.39 -0.14
N LEU D 202 33.80 -41.32 0.46
CA LEU D 202 34.21 -39.98 0.09
C LEU D 202 35.60 -39.67 0.64
N GLY D 203 35.88 -40.16 1.85
CA GLY D 203 37.18 -40.00 2.45
C GLY D 203 38.25 -40.73 1.64
N GLY D 204 37.84 -41.81 1.00
CA GLY D 204 38.74 -42.59 0.18
C GLY D 204 39.20 -43.84 0.90
N ALA D 205 38.23 -44.51 1.52
CA ALA D 205 38.51 -45.73 2.27
C ALA D 205 38.17 -46.95 1.42
N GLY D 206 39.11 -47.86 1.44
CA GLY D 206 39.07 -49.15 0.82
C GLY D 206 38.10 -50.01 1.56
N PRO D 207 37.74 -51.19 0.93
CA PRO D 207 36.72 -51.98 1.63
C PRO D 207 36.95 -52.53 3.02
N ASP D 208 38.17 -52.81 3.44
CA ASP D 208 38.32 -53.40 4.77
C ASP D 208 37.68 -52.43 5.69
N GLU D 209 37.96 -51.19 5.43
CA GLU D 209 37.46 -50.04 6.09
C GLU D 209 35.95 -49.99 5.85
N GLU D 210 35.49 -50.26 4.65
CA GLU D 210 34.06 -50.13 4.45
C GLU D 210 33.30 -51.09 5.31
N ALA D 211 33.72 -52.32 5.40
CA ALA D 211 32.92 -53.18 6.26
C ALA D 211 32.90 -52.66 7.67
N ALA D 212 34.05 -52.25 8.17
CA ALA D 212 34.08 -51.79 9.55
C ALA D 212 33.19 -50.59 9.77
N LEU D 213 33.24 -49.63 8.87
CA LEU D 213 32.44 -48.44 9.04
C LEU D 213 31.00 -48.76 9.03
N ARG D 214 30.59 -49.62 8.12
CA ARG D 214 29.19 -49.94 8.07
C ARG D 214 28.76 -50.61 9.37
N ARG D 215 29.57 -51.50 9.91
CA ARG D 215 29.23 -52.19 11.14
C ARG D 215 29.09 -51.21 12.29
N TYR D 216 29.92 -50.20 12.31
CA TYR D 216 29.88 -49.18 13.33
C TYR D 216 28.64 -48.36 13.19
N GLY D 217 28.34 -47.98 11.98
CA GLY D 217 27.19 -47.17 11.72
C GLY D 217 25.91 -47.82 12.11
N ARG D 218 25.74 -49.09 11.79
CA ARG D 218 24.47 -49.71 12.13
C ARG D 218 24.33 -49.64 13.62
N THR D 219 25.40 -50.01 14.29
CA THR D 219 25.33 -50.05 15.73
C THR D 219 25.06 -48.71 16.35
N ILE D 220 25.74 -47.70 15.86
CA ILE D 220 25.57 -46.39 16.41
C ILE D 220 24.18 -45.88 16.16
N GLY D 221 23.63 -46.16 15.01
CA GLY D 221 22.31 -45.71 14.69
C GLY D 221 21.34 -46.29 15.64
N VAL D 222 21.49 -47.58 15.96
CA VAL D 222 20.54 -48.16 16.90
C VAL D 222 20.71 -47.63 18.28
N LEU D 223 21.93 -47.38 18.70
CA LEU D 223 22.13 -46.96 20.08
C LEU D 223 21.47 -45.67 20.43
N TYR D 224 21.72 -44.63 19.69
CA TYR D 224 21.07 -43.36 20.01
C TYR D 224 19.57 -43.49 20.17
N GLN D 225 18.95 -44.35 19.37
CA GLN D 225 17.51 -44.52 19.42
C GLN D 225 17.10 -45.34 20.63
N LEU D 226 17.76 -46.48 20.83
CA LEU D 226 17.44 -47.38 21.92
C LEU D 226 17.63 -46.70 23.28
N VAL D 227 18.49 -45.71 23.32
CA VAL D 227 18.68 -44.93 24.51
C VAL D 227 17.48 -44.03 24.70
N ASP D 228 16.93 -43.51 23.62
CA ASP D 228 15.84 -42.57 23.72
C ASP D 228 14.54 -43.01 24.26
N ASP D 229 14.09 -44.22 24.02
CA ASP D 229 12.80 -44.52 24.60
C ASP D 229 12.99 -44.71 26.08
N ILE D 230 14.19 -45.07 26.48
CA ILE D 230 14.46 -45.24 27.89
C ILE D 230 14.14 -43.94 28.56
N ARG D 231 14.62 -42.88 27.94
CA ARG D 231 14.42 -41.50 28.38
C ARG D 231 13.01 -41.12 28.07
N SER D 232 12.59 -41.56 26.89
CA SER D 232 11.26 -41.35 26.40
C SER D 232 10.88 -40.06 25.66
N ALA D 233 11.80 -39.13 25.43
CA ALA D 233 11.40 -37.90 24.72
C ALA D 233 12.34 -37.47 23.62
N SER D 234 11.83 -36.89 22.53
CA SER D 234 10.41 -36.70 22.22
C SER D 234 9.98 -37.23 20.84
N GLY D 235 10.81 -37.03 19.80
CA GLY D 235 12.01 -36.24 19.91
C GLY D 235 11.76 -34.73 20.01
N ASN D 236 10.96 -34.17 19.11
CA ASN D 236 10.38 -34.90 17.99
C ASN D 236 11.42 -35.51 17.06
N GLY D 237 11.16 -36.74 16.69
CA GLY D 237 11.97 -37.58 15.82
C GLY D 237 11.00 -38.63 15.35
N LYS D 238 11.38 -39.50 14.45
CA LYS D 238 10.48 -40.54 13.99
C LYS D 238 10.23 -41.37 15.21
N MET D 239 9.10 -42.08 15.33
CA MET D 239 8.84 -42.86 16.53
C MET D 239 8.78 -44.36 16.29
N ARG D 240 9.46 -45.14 17.12
CA ARG D 240 9.51 -46.60 16.96
C ARG D 240 8.24 -47.41 17.26
N ALA D 243 9.12 -49.75 21.77
CA ALA D 243 10.42 -49.76 22.41
C ALA D 243 10.45 -51.15 22.97
N SER D 244 10.36 -52.11 22.05
CA SER D 244 10.31 -53.53 22.43
C SER D 244 11.51 -53.76 23.32
N VAL D 245 12.56 -52.98 23.08
CA VAL D 245 13.73 -52.99 23.87
C VAL D 245 13.24 -52.64 25.26
N LEU D 246 12.19 -51.83 25.39
CA LEU D 246 11.67 -51.56 26.72
C LEU D 246 10.31 -52.18 27.04
N ARG D 247 9.27 -51.58 26.50
CA ARG D 247 7.90 -51.93 26.84
C ARG D 247 7.45 -53.34 26.68
N ALA D 248 7.91 -54.05 25.68
CA ALA D 248 7.41 -55.40 25.53
C ALA D 248 8.57 -56.30 25.49
N MET D 251 13.10 -54.74 30.62
CA MET D 251 13.83 -53.54 30.99
C MET D 251 15.30 -53.84 31.24
N ASP D 252 15.57 -54.63 32.28
CA ASP D 252 16.94 -54.99 32.63
C ASP D 252 17.66 -55.62 31.45
N ARG D 253 16.89 -56.12 30.49
CA ARG D 253 17.45 -56.74 29.33
C ARG D 253 17.89 -55.63 28.43
N ALA D 254 17.15 -54.53 28.41
CA ALA D 254 17.49 -53.39 27.58
C ALA D 254 18.77 -52.70 27.93
N LEU D 255 19.04 -52.54 29.22
CA LEU D 255 20.28 -51.92 29.61
C LEU D 255 21.37 -52.83 29.12
N GLY D 256 21.11 -54.13 29.21
CA GLY D 256 22.11 -55.06 28.76
C GLY D 256 22.39 -54.86 27.29
N ILE D 257 21.35 -54.68 26.52
CA ILE D 257 21.52 -54.50 25.10
C ILE D 257 22.35 -53.27 24.88
N VAL D 258 22.07 -52.23 25.64
CA VAL D 258 22.79 -50.98 25.44
C VAL D 258 24.25 -51.19 25.67
N GLU D 259 24.62 -51.86 26.74
CA GLU D 259 26.03 -52.07 26.97
C GLU D 259 26.66 -52.90 25.90
N GLU D 260 25.98 -53.92 25.44
CA GLU D 260 26.56 -54.79 24.44
C GLU D 260 26.92 -54.01 23.20
N LEU D 261 26.03 -53.13 22.77
CA LEU D 261 26.22 -52.29 21.60
C LEU D 261 27.32 -51.27 21.69
N LYS D 262 27.48 -50.64 22.85
CA LYS D 262 28.53 -49.65 22.97
C LYS D 262 29.82 -50.39 22.83
N ALA D 263 29.86 -51.56 23.43
CA ALA D 263 31.07 -52.33 23.36
C ALA D 263 31.35 -52.66 21.93
N GLN D 264 30.35 -53.08 21.17
CA GLN D 264 30.58 -53.41 19.77
C GLN D 264 31.02 -52.24 18.92
N ALA D 265 30.46 -51.06 19.15
CA ALA D 265 30.86 -49.92 18.36
C ALA D 265 32.32 -49.71 18.63
N LYS D 266 32.71 -49.79 19.89
CA LYS D 266 34.12 -49.61 20.21
C LYS D 266 35.01 -50.69 19.64
N MET D 267 34.51 -51.91 19.65
CA MET D 267 35.31 -53.03 19.20
C MET D 267 35.79 -52.83 17.80
N GLU D 268 34.90 -52.39 16.94
CA GLU D 268 35.30 -52.18 15.56
C GLU D 268 36.21 -50.95 15.52
N ALA D 269 35.83 -49.94 16.29
CA ALA D 269 36.46 -48.62 16.27
C ALA D 269 37.99 -48.67 16.22
N ASP D 270 38.58 -49.43 17.13
CA ASP D 270 40.03 -49.48 17.26
C ASP D 270 40.71 -49.94 15.96
N ARG D 271 41.29 -48.98 15.25
CA ARG D 271 41.95 -49.24 13.97
C ARG D 271 43.40 -48.99 13.52
N PHE D 272 43.82 -47.76 13.33
CA PHE D 272 45.25 -47.53 13.26
C PHE D 272 45.68 -46.13 13.57
N GLY D 273 46.88 -45.74 13.16
CA GLY D 273 47.38 -44.43 13.49
C GLY D 273 46.34 -43.40 13.10
N ASP D 274 46.01 -42.65 14.13
CA ASP D 274 44.99 -41.65 14.13
C ASP D 274 45.35 -40.45 13.30
N LYS D 275 44.35 -39.74 12.80
CA LYS D 275 42.94 -40.05 12.94
C LYS D 275 42.48 -39.67 14.34
N TYR D 276 43.59 -39.39 15.03
CA TYR D 276 43.80 -38.91 16.38
C TYR D 276 42.93 -39.67 17.30
N GLY D 277 42.21 -38.95 18.14
CA GLY D 277 41.24 -39.58 19.02
C GLY D 277 40.18 -39.79 17.97
N GLU D 278 39.30 -40.74 18.15
CA GLU D 278 38.28 -40.92 17.16
C GLU D 278 37.15 -40.29 17.84
N ARG D 279 36.59 -39.26 17.22
CA ARG D 279 35.42 -38.59 17.76
C ARG D 279 34.41 -39.71 17.91
N VAL D 280 34.29 -40.54 16.89
CA VAL D 280 33.41 -41.68 16.96
C VAL D 280 33.48 -42.13 18.39
N LEU D 281 34.67 -42.05 18.95
CA LEU D 281 34.79 -42.46 20.33
C LEU D 281 33.96 -41.52 21.16
N PRO D 282 34.05 -40.15 20.92
CA PRO D 282 33.10 -39.40 21.79
C PRO D 282 31.65 -39.59 21.40
N LEU D 283 31.41 -39.99 20.18
CA LEU D 283 30.07 -40.19 19.68
C LEU D 283 29.46 -41.21 20.57
N TYR D 284 30.21 -42.23 20.98
CA TYR D 284 29.64 -43.18 21.94
C TYR D 284 29.33 -42.53 23.31
N SER D 285 30.21 -41.67 23.80
CA SER D 285 30.10 -40.94 25.05
C SER D 285 28.91 -39.93 25.02
N PHE D 286 28.69 -39.30 23.89
CA PHE D 286 27.60 -38.35 23.75
C PHE D 286 26.31 -39.06 23.95
N VAL D 287 26.15 -40.28 23.42
CA VAL D 287 24.86 -40.93 23.67
C VAL D 287 24.67 -41.04 25.14
N ASP D 288 25.65 -41.53 25.90
CA ASP D 288 25.41 -41.50 27.37
C ASP D 288 26.20 -40.31 27.84
N TYR D 289 25.65 -39.10 27.81
CA TYR D 289 24.23 -38.79 27.45
C TYR D 289 24.04 -37.38 26.90
N ALA D 290 22.87 -36.99 26.36
CA ALA D 290 22.93 -35.70 25.68
C ALA D 290 22.93 -34.54 26.67
N PHE E 3 -16.19 15.35 -9.42
CA PHE E 3 -15.16 16.00 -8.63
C PHE E 3 -14.13 15.03 -8.03
N ASP E 4 -12.88 15.46 -8.02
CA ASP E 4 -11.86 14.86 -7.17
C ASP E 4 -10.75 15.88 -6.96
N PHE E 5 -10.50 16.18 -5.69
CA PHE E 5 -9.54 17.21 -5.31
C PHE E 5 -8.12 16.87 -5.72
N ASN E 6 -7.68 15.66 -5.33
CA ASN E 6 -6.36 15.17 -5.71
C ASN E 6 -6.11 15.38 -7.21
N ALA E 7 -7.14 15.11 -8.01
CA ALA E 7 -7.04 15.27 -9.46
C ALA E 7 -6.89 16.73 -9.86
N TYR E 8 -7.59 17.61 -9.13
CA TYR E 8 -7.61 19.03 -9.42
C TYR E 8 -6.24 19.69 -9.35
N MET E 9 -5.56 19.50 -8.22
CA MET E 9 -4.28 20.16 -8.02
C MET E 9 -3.20 19.58 -8.93
N GLY E 10 -3.34 18.31 -9.27
CA GLY E 10 -2.40 17.66 -10.18
C GLY E 10 -2.18 18.45 -11.46
N GLU E 11 -3.26 19.02 -11.99
CA GLU E 11 -3.22 19.80 -13.23
C GLU E 11 -2.78 21.22 -12.97
N LYS E 12 -3.18 21.76 -11.83
CA LYS E 12 -2.91 23.16 -11.50
C LYS E 12 -1.50 23.28 -10.97
N ALA E 13 -0.95 22.18 -10.46
CA ALA E 13 0.47 22.11 -10.15
C ALA E 13 1.27 22.08 -11.44
N ALA E 14 0.71 21.42 -12.45
CA ALA E 14 1.32 21.37 -13.78
C ALA E 14 1.19 22.70 -14.51
N ALA E 15 0.03 23.33 -14.37
CA ALA E 15 -0.25 24.61 -15.03
C ALA E 15 0.74 25.70 -14.61
N VAL E 16 1.26 25.60 -13.40
CA VAL E 16 2.21 26.58 -12.91
C VAL E 16 3.64 26.16 -13.23
N ASN E 17 3.88 24.85 -13.28
CA ASN E 17 5.17 24.32 -13.69
C ASN E 17 5.51 24.69 -15.13
N ARG E 18 4.47 24.89 -15.94
CA ARG E 18 4.64 25.33 -17.32
C ARG E 18 4.77 26.84 -17.37
N ALA E 19 4.15 27.52 -16.42
CA ALA E 19 4.22 28.96 -16.32
C ALA E 19 5.59 29.42 -15.86
N LEU E 20 6.06 28.83 -14.76
CA LEU E 20 7.38 29.17 -14.20
C LEU E 20 8.49 28.94 -15.21
N ASP E 21 8.48 27.77 -15.84
CA ASP E 21 9.52 27.42 -16.79
C ASP E 21 9.51 28.36 -17.99
N ALA E 22 8.35 28.90 -18.31
CA ALA E 22 8.21 29.81 -19.44
C ALA E 22 8.75 31.19 -19.12
N SER E 23 9.12 31.43 -17.86
CA SER E 23 9.56 32.74 -17.41
C SER E 23 11.07 32.86 -17.38
N ILE E 24 11.75 31.75 -17.11
CA ILE E 24 13.21 31.76 -16.96
C ILE E 24 13.91 31.00 -18.08
N PRO E 25 14.31 31.71 -19.16
CA PRO E 25 15.05 31.09 -20.25
C PRO E 25 16.43 30.63 -19.81
N ALA E 26 16.78 29.37 -20.08
CA ALA E 26 18.08 28.83 -19.74
C ALA E 26 19.11 29.17 -20.82
N ASP E 27 18.65 29.88 -21.82
CA ASP E 27 19.49 30.40 -22.92
C ASP E 27 19.76 31.90 -22.70
N GLU E 28 19.54 32.32 -21.46
CA GLU E 28 19.72 33.71 -21.07
C GLU E 28 21.18 34.14 -21.14
N ALA E 31 23.49 32.46 -17.81
CA ALA E 31 22.91 31.15 -17.67
C ALA E 31 23.18 30.47 -16.37
N ALA E 32 24.38 30.63 -15.83
CA ALA E 32 24.69 29.98 -14.58
C ALA E 32 23.73 30.50 -13.55
N LEU E 33 23.47 31.78 -13.61
CA LEU E 33 22.54 32.42 -12.69
C LEU E 33 21.11 31.97 -12.99
N HIS E 34 20.79 31.88 -14.28
CA HIS E 34 19.46 31.42 -14.71
C HIS E 34 19.27 29.96 -14.40
N GLU E 35 20.30 29.16 -14.69
CA GLU E 35 20.30 27.76 -14.30
C GLU E 35 20.01 27.67 -12.81
N ALA E 36 20.80 28.39 -12.01
CA ALA E 36 20.58 28.47 -10.57
C ALA E 36 19.15 28.91 -10.25
N MET E 37 18.58 29.78 -11.08
CA MET E 37 17.22 30.25 -10.85
C MET E 37 16.18 29.19 -11.16
N ARG E 38 16.36 28.50 -12.27
CA ARG E 38 15.48 27.39 -12.61
C ARG E 38 15.61 26.34 -11.52
N TYR E 39 16.85 25.90 -11.33
CA TYR E 39 17.26 24.96 -10.29
C TYR E 39 16.55 25.18 -8.95
N ALA E 40 16.26 26.44 -8.64
CA ALA E 40 15.53 26.76 -7.43
C ALA E 40 14.02 26.79 -7.68
N LEU E 41 13.61 27.48 -8.75
CA LEU E 41 12.19 27.68 -9.04
C LEU E 41 11.50 26.39 -9.44
N LEU E 42 12.11 25.64 -10.35
CA LEU E 42 11.52 24.40 -10.85
C LEU E 42 11.77 23.21 -9.95
N ALA E 43 12.33 23.47 -8.77
CA ALA E 43 12.74 22.40 -7.86
C ALA E 43 11.55 21.67 -7.22
N GLY E 44 10.68 21.11 -8.05
CA GLY E 44 9.53 20.36 -7.58
C GLY E 44 8.57 21.21 -6.75
N GLY E 45 7.75 20.54 -5.95
CA GLY E 45 6.84 21.25 -5.08
C GLY E 45 5.42 20.82 -5.25
N LYS E 46 4.64 20.98 -4.19
CA LYS E 46 3.21 20.74 -4.26
C LYS E 46 2.55 21.90 -4.97
N ARG E 47 3.24 23.04 -5.00
CA ARG E 47 2.76 24.25 -5.65
C ARG E 47 1.44 24.84 -5.17
N VAL E 48 1.36 25.11 -3.88
CA VAL E 48 0.09 25.55 -3.30
C VAL E 48 -0.33 27.01 -3.43
N ARG E 49 0.55 27.94 -3.07
CA ARG E 49 0.25 29.35 -3.21
C ARG E 49 -0.18 29.71 -4.63
N PRO E 50 0.48 29.11 -5.66
CA PRO E 50 -0.14 29.12 -6.99
C PRO E 50 -1.61 28.74 -6.94
N ALA E 51 -1.92 27.54 -6.46
CA ALA E 51 -3.28 27.03 -6.44
C ALA E 51 -4.25 27.99 -5.74
N LEU E 52 -3.80 28.55 -4.62
CA LEU E 52 -4.59 29.52 -3.87
C LEU E 52 -5.01 30.70 -4.74
N CYS E 53 -4.00 31.41 -5.22
CA CYS E 53 -4.17 32.54 -6.13
C CYS E 53 -5.13 32.19 -7.26
N LEU E 54 -4.88 31.04 -7.90
CA LEU E 54 -5.67 30.60 -9.04
C LEU E 54 -7.13 30.31 -8.67
N ALA E 55 -7.32 29.59 -7.57
CA ALA E 55 -8.66 29.25 -7.10
C ALA E 55 -9.39 30.50 -6.61
N ALA E 56 -8.64 31.42 -6.03
CA ALA E 56 -9.22 32.66 -5.51
C ALA E 56 -9.67 33.55 -6.66
N CYS E 57 -9.06 33.37 -7.82
CA CYS E 57 -9.41 34.17 -8.99
C CYS E 57 -10.74 33.69 -9.59
N ALA E 58 -10.92 32.38 -9.62
CA ALA E 58 -12.12 31.78 -10.20
C ALA E 58 -13.30 31.85 -9.25
N VAL E 59 -13.03 31.83 -7.94
CA VAL E 59 -14.10 31.80 -6.94
C VAL E 59 -14.85 33.13 -6.84
N VAL E 60 -14.23 34.20 -7.32
CA VAL E 60 -14.83 35.53 -7.21
C VAL E 60 -15.53 35.92 -8.51
N GLY E 61 -15.26 35.17 -9.57
CA GLY E 61 -15.87 35.43 -10.85
C GLY E 61 -14.91 35.25 -12.02
N GLY E 62 -13.70 35.79 -11.86
CA GLY E 62 -12.72 35.79 -12.94
C GLY E 62 -12.33 34.42 -13.44
N ARG E 63 -11.56 34.39 -14.52
CA ARG E 63 -11.07 33.13 -15.05
C ARG E 63 -9.68 32.83 -14.48
N GLU E 64 -9.35 31.56 -14.35
CA GLU E 64 -8.09 31.13 -13.76
C GLU E 64 -6.88 31.71 -14.49
N ALA E 65 -6.95 31.77 -15.81
CA ALA E 65 -5.81 32.20 -16.62
C ALA E 65 -5.43 33.66 -16.37
N TRP E 66 -6.33 34.43 -15.77
CA TRP E 66 -6.10 35.85 -15.52
C TRP E 66 -5.01 36.09 -14.48
N ALA E 67 -4.82 35.11 -13.59
CA ALA E 67 -3.98 35.30 -12.42
C ALA E 67 -2.80 34.35 -12.36
N MET E 68 -2.56 33.63 -13.46
CA MET E 68 -1.41 32.74 -13.52
C MET E 68 -0.05 33.46 -13.40
N PRO E 69 0.09 34.69 -13.94
CA PRO E 69 1.36 35.37 -13.66
C PRO E 69 1.61 35.56 -12.17
N ALA E 70 0.61 36.09 -11.45
CA ALA E 70 0.72 36.30 -10.01
C ALA E 70 0.93 34.99 -9.25
N ALA E 71 0.21 33.95 -9.67
CA ALA E 71 0.35 32.65 -9.04
C ALA E 71 1.78 32.13 -9.14
N ALA E 72 2.45 32.46 -10.24
CA ALA E 72 3.85 32.09 -10.38
C ALA E 72 4.68 32.99 -9.49
N ALA E 73 4.24 34.24 -9.37
CA ALA E 73 4.98 35.26 -8.62
C ALA E 73 5.10 34.90 -7.16
N VAL E 74 3.99 34.55 -6.52
CA VAL E 74 4.02 34.12 -5.12
C VAL E 74 4.80 32.83 -4.98
N GLU E 75 4.86 32.03 -6.04
CA GLU E 75 5.71 30.85 -6.00
C GLU E 75 7.17 31.25 -6.18
N MET E 76 7.42 32.26 -7.00
CA MET E 76 8.75 32.83 -7.15
C MET E 76 9.19 33.52 -5.86
N VAL E 77 8.29 34.32 -5.29
CA VAL E 77 8.49 34.97 -3.99
C VAL E 77 8.79 33.93 -2.92
N HIS E 78 8.01 32.86 -2.94
CA HIS E 78 8.21 31.72 -2.05
C HIS E 78 9.60 31.16 -2.23
N THR E 79 9.96 30.88 -3.48
CA THR E 79 11.23 30.26 -3.79
C THR E 79 12.39 31.10 -3.30
N MET E 80 12.28 32.43 -3.46
CA MET E 80 13.30 33.36 -2.98
C MET E 80 13.59 33.13 -1.50
N SER E 81 12.54 32.87 -0.73
CA SER E 81 12.67 32.73 0.70
C SER E 81 13.28 31.39 1.09
N LEU E 82 13.43 30.49 0.12
CA LEU E 82 14.01 29.18 0.42
C LEU E 82 15.44 29.10 -0.07
N VAL E 83 15.76 29.89 -1.09
CA VAL E 83 17.14 29.98 -1.55
C VAL E 83 17.96 30.64 -0.46
N HIS E 84 17.32 31.51 0.31
CA HIS E 84 18.02 32.30 1.32
C HIS E 84 18.14 31.60 2.68
N ASP E 85 17.15 30.80 3.03
CA ASP E 85 17.10 30.17 4.36
C ASP E 85 18.08 29.02 4.53
N ASP E 86 18.62 28.51 3.43
CA ASP E 86 19.53 27.37 3.50
C ASP E 86 20.98 27.78 3.25
N LEU E 87 21.21 29.09 3.27
CA LEU E 87 22.55 29.62 3.42
C LEU E 87 22.98 29.32 4.85
N PRO E 88 24.26 28.98 5.05
CA PRO E 88 24.71 28.49 6.36
C PRO E 88 24.74 29.57 7.42
N CYS E 89 24.55 30.82 7.00
CA CYS E 89 24.52 31.95 7.92
C CYS E 89 23.11 32.19 8.45
N MET E 90 22.25 31.19 8.28
CA MET E 90 20.88 31.25 8.81
C MET E 90 20.11 30.11 9.47
N ASP E 91 19.77 29.10 8.68
CA ASP E 91 19.11 27.92 9.18
C ASP E 91 19.97 26.72 8.85
N ASP E 92 20.61 26.76 7.70
CA ASP E 92 21.57 25.76 7.24
C ASP E 92 21.32 24.24 7.20
N ASP E 93 20.18 23.77 6.69
CA ASP E 93 20.00 22.31 6.62
C ASP E 93 20.62 22.04 5.26
N ASP E 94 21.66 21.21 5.20
CA ASP E 94 22.37 21.09 3.93
C ASP E 94 21.24 20.89 2.90
N LEU E 95 20.22 20.08 3.19
CA LEU E 95 19.35 19.44 2.17
C LEU E 95 17.83 19.77 2.08
N ARG E 96 17.30 19.88 0.85
CA ARG E 96 15.89 20.08 0.57
C ARG E 96 15.62 18.59 0.29
N LYS E 99 17.29 16.79 -3.69
CA LYS E 99 18.26 17.85 -3.94
C LYS E 99 18.87 18.55 -2.81
N PRO E 100 20.22 18.76 -3.00
CA PRO E 100 20.88 19.48 -1.92
C PRO E 100 20.52 20.94 -2.08
N THR E 101 20.71 21.76 -1.07
CA THR E 101 20.28 23.16 -1.22
C THR E 101 20.99 23.90 -2.35
N CYS E 102 20.35 24.95 -2.85
CA CYS E 102 20.93 25.80 -3.90
C CYS E 102 22.27 26.38 -3.43
N HIS E 103 22.37 26.59 -2.12
CA HIS E 103 23.59 27.04 -1.48
C HIS E 103 24.78 26.10 -1.76
N VAL E 104 24.52 24.81 -1.94
CA VAL E 104 25.61 23.84 -2.06
C VAL E 104 26.18 23.69 -3.47
N VAL E 105 25.38 23.95 -4.50
CA VAL E 105 25.81 23.63 -5.86
C VAL E 105 26.52 24.80 -6.54
N TYR E 106 26.06 26.02 -6.26
CA TYR E 106 26.63 27.19 -6.92
C TYR E 106 27.40 28.08 -5.93
N GLY E 107 27.27 27.79 -4.64
CA GLY E 107 27.94 28.58 -3.63
C GLY E 107 27.02 29.64 -3.08
N GLU E 108 27.40 30.25 -1.96
CA GLU E 108 26.57 31.25 -1.30
C GLU E 108 26.24 32.48 -2.16
N PRO E 109 27.26 33.17 -2.73
CA PRO E 109 26.91 34.43 -3.40
C PRO E 109 25.98 34.22 -4.58
N ILE E 110 26.20 33.17 -5.36
CA ILE E 110 25.31 32.85 -6.45
C ILE E 110 23.92 32.63 -5.91
N ALA E 111 23.83 31.90 -4.80
CA ALA E 111 22.57 31.64 -4.14
C ALA E 111 21.95 32.95 -3.68
N VAL E 112 22.78 33.88 -3.21
CA VAL E 112 22.31 35.18 -2.80
C VAL E 112 21.61 35.89 -3.96
N LEU E 113 22.27 35.91 -5.11
CA LEU E 113 21.77 36.62 -6.26
C LEU E 113 20.66 35.84 -6.95
N THR E 114 20.61 34.53 -6.70
CA THR E 114 19.59 33.69 -7.31
C THR E 114 18.23 33.94 -6.66
N GLY E 115 18.25 34.29 -5.37
CA GLY E 115 17.03 34.68 -4.69
C GLY E 115 16.61 36.07 -5.15
N ASP E 116 17.55 37.00 -5.11
CA ASP E 116 17.32 38.38 -5.56
C ASP E 116 16.69 38.42 -6.95
N ALA E 117 17.26 37.66 -7.87
CA ALA E 117 16.80 37.63 -9.24
C ALA E 117 15.38 37.10 -9.34
N LEU E 118 15.01 36.21 -8.42
CA LEU E 118 13.66 35.70 -8.37
C LEU E 118 12.67 36.78 -7.92
N LEU E 119 13.01 37.47 -6.84
CA LEU E 119 12.15 38.48 -6.27
C LEU E 119 11.83 39.56 -7.30
N SER E 120 12.83 39.99 -8.05
CA SER E 120 12.65 40.98 -9.11
C SER E 120 11.80 40.47 -10.25
N LEU E 121 12.11 39.28 -10.72
CA LEU E 121 11.32 38.58 -11.72
C LEU E 121 9.85 38.45 -11.31
N SER E 122 9.61 38.05 -10.06
CA SER E 122 8.25 37.93 -9.57
C SER E 122 7.48 39.24 -9.72
N PHE E 123 8.10 40.34 -9.32
CA PHE E 123 7.47 41.65 -9.48
C PHE E 123 7.45 42.05 -10.94
N HIS E 124 8.59 41.86 -11.60
CA HIS E 124 8.73 42.11 -13.03
C HIS E 124 7.60 41.44 -13.81
N HIS E 125 7.49 40.14 -13.66
CA HIS E 125 6.56 39.30 -14.41
C HIS E 125 5.09 39.62 -14.14
N MET E 126 4.81 40.21 -12.99
CA MET E 126 3.45 40.62 -12.68
C MET E 126 3.10 41.94 -13.34
N ALA E 127 4.09 42.81 -13.45
CA ALA E 127 3.86 44.14 -13.99
C ALA E 127 3.69 44.12 -15.51
N ARG E 128 4.49 43.30 -16.18
CA ARG E 128 4.43 43.17 -17.64
C ARG E 128 3.02 42.84 -18.11
N PHE E 129 2.51 43.61 -19.06
CA PHE E 129 1.22 43.30 -19.65
C PHE E 129 1.33 42.12 -20.60
N ASP E 130 2.54 41.87 -21.09
CA ASP E 130 2.84 40.70 -21.91
C ASP E 130 2.44 39.40 -21.24
N SER E 131 2.39 39.42 -19.91
CA SER E 131 2.24 38.21 -19.12
C SER E 131 0.79 37.76 -18.97
N TYR E 132 -0.15 38.63 -19.34
CA TYR E 132 -1.55 38.34 -19.14
C TYR E 132 -2.29 38.00 -20.44
N PRO E 133 -3.35 37.17 -20.34
CA PRO E 133 -4.18 36.77 -21.49
C PRO E 133 -4.94 37.96 -22.10
N PRO E 134 -5.52 37.79 -23.30
CA PRO E 134 -6.20 38.92 -23.95
C PRO E 134 -7.65 39.15 -23.51
N ASP E 135 -8.31 38.10 -23.01
CA ASP E 135 -9.72 38.19 -22.64
C ASP E 135 -9.96 38.99 -21.34
N ILE E 136 -8.96 39.75 -20.92
CA ILE E 136 -9.06 40.55 -19.70
C ILE E 136 -9.81 41.85 -19.96
N ASP E 137 -10.54 42.32 -18.94
CA ASP E 137 -11.29 43.56 -19.04
C ASP E 137 -10.33 44.75 -19.02
N ALA E 138 -9.65 44.97 -20.14
CA ALA E 138 -8.49 45.87 -20.19
C ALA E 138 -9.01 47.31 -20.22
N ASP E 139 -9.91 47.66 -19.29
CA ASP E 139 -10.11 48.99 -18.72
C ASP E 139 -9.94 48.87 -17.21
N LYS E 140 -10.29 47.69 -16.71
CA LYS E 140 -10.29 47.37 -15.30
C LYS E 140 -8.98 46.68 -14.85
N HIS E 141 -8.49 45.77 -15.70
CA HIS E 141 -7.28 44.98 -15.43
C HIS E 141 -6.02 45.76 -15.07
N PRO E 142 -5.73 46.88 -15.78
CA PRO E 142 -4.52 47.63 -15.39
C PRO E 142 -4.56 48.15 -13.97
N ALA E 143 -5.64 48.85 -13.63
CA ALA E 143 -5.83 49.42 -12.30
C ALA E 143 -5.62 48.38 -11.22
N ARG E 144 -5.92 47.14 -11.57
CA ARG E 144 -6.00 46.06 -10.61
C ARG E 144 -4.65 45.39 -10.36
N VAL E 145 -3.81 45.30 -11.40
CA VAL E 145 -2.46 44.74 -11.22
C VAL E 145 -1.63 45.65 -10.32
N VAL E 146 -1.87 46.95 -10.42
CA VAL E 146 -1.27 47.89 -9.49
C VAL E 146 -1.64 47.48 -8.07
N ARG E 147 -2.93 47.25 -7.84
CA ARG E 147 -3.43 46.85 -6.52
C ARG E 147 -2.81 45.55 -6.07
N ALA E 148 -2.79 44.56 -6.95
CA ALA E 148 -2.29 43.23 -6.62
C ALA E 148 -0.79 43.22 -6.36
N ILE E 149 -0.07 44.15 -6.98
CA ILE E 149 1.36 44.28 -6.70
C ILE E 149 1.56 44.93 -5.34
N GLY E 150 0.73 45.91 -5.03
CA GLY E 150 0.81 46.61 -3.76
C GLY E 150 0.42 45.73 -2.58
N GLU E 151 -0.35 44.68 -2.88
CA GLU E 151 -0.74 43.72 -1.86
C GLU E 151 0.29 42.61 -1.72
N LEU E 152 0.91 42.22 -2.82
CA LEU E 152 2.02 41.29 -2.76
C LEU E 152 3.17 41.93 -2.00
N ALA E 153 3.56 43.12 -2.45
CA ALA E 153 4.64 43.89 -1.84
C ALA E 153 4.46 44.06 -0.34
N ARG E 154 3.25 44.44 0.07
CA ARG E 154 2.94 44.69 1.48
C ARG E 154 3.16 43.46 2.36
N CYS E 155 3.06 42.28 1.76
CA CYS E 155 3.16 41.03 2.50
C CYS E 155 4.55 40.39 2.42
N ILE E 156 5.43 40.97 1.62
CA ILE E 156 6.79 40.45 1.54
C ILE E 156 7.72 41.24 2.44
N GLY E 157 7.42 42.54 2.59
CA GLY E 157 8.31 43.45 3.28
C GLY E 157 8.34 43.28 4.79
N SER E 158 8.73 44.33 5.48
CA SER E 158 8.83 44.30 6.93
C SER E 158 7.46 44.40 7.59
N GLU E 159 6.42 44.05 6.85
CA GLU E 159 5.07 43.99 7.41
C GLU E 159 4.47 42.61 7.14
N GLY E 160 5.35 41.65 6.90
CA GLY E 160 4.93 40.29 6.65
C GLY E 160 6.14 39.39 6.58
N LEU E 161 6.30 38.75 5.42
CA LEU E 161 7.30 37.70 5.19
C LEU E 161 8.61 37.90 5.92
N VAL E 162 9.19 39.09 5.77
CA VAL E 162 10.46 39.37 6.40
C VAL E 162 10.30 39.53 7.91
N ALA E 163 9.45 40.47 8.31
CA ALA E 163 9.10 40.70 9.72
C ALA E 163 8.89 39.41 10.53
N GLY E 164 8.56 38.32 9.84
CA GLY E 164 8.50 37.02 10.47
C GLY E 164 9.88 36.43 10.66
N GLN E 165 10.59 36.17 9.55
CA GLN E 165 11.91 35.52 9.59
C GLN E 165 12.87 36.18 10.59
N VAL E 166 12.73 37.49 10.80
CA VAL E 166 13.64 38.19 11.71
C VAL E 166 13.40 37.93 13.20
N VAL E 167 12.16 37.74 13.65
CA VAL E 167 11.97 37.65 15.09
C VAL E 167 12.13 36.20 15.54
N ASP E 168 11.95 35.23 14.64
CA ASP E 168 12.29 33.85 14.97
C ASP E 168 13.80 33.77 15.14
N LEU E 169 14.51 34.74 14.59
CA LEU E 169 15.96 34.82 14.74
C LEU E 169 16.36 35.40 16.10
N GLU E 170 15.38 35.55 16.98
CA GLU E 170 15.66 35.81 18.38
C GLU E 170 15.91 34.50 19.12
N MET E 171 15.16 33.47 18.70
CA MET E 171 15.15 32.18 19.36
C MET E 171 14.74 32.35 20.83
N THR E 177 12.49 30.74 27.37
CA THR E 177 11.53 30.24 26.39
C THR E 177 10.75 31.39 25.75
N VAL E 178 9.74 31.05 24.93
CA VAL E 178 9.02 32.03 24.12
C VAL E 178 7.50 31.98 24.35
N PRO E 179 6.86 33.15 24.54
CA PRO E 179 5.42 33.25 24.78
C PRO E 179 4.55 32.85 23.59
N LEU E 180 3.24 32.81 23.81
CA LEU E 180 2.30 32.33 22.81
C LEU E 180 1.96 33.35 21.72
N GLU E 181 1.54 34.55 22.12
CA GLU E 181 1.05 35.57 21.18
C GLU E 181 2.05 35.82 20.06
N ARG E 182 3.33 35.68 20.38
CA ARG E 182 4.39 35.89 19.42
C ARG E 182 5.00 34.50 19.24
N LEU E 183 4.09 33.63 18.83
CA LEU E 183 4.34 32.33 18.20
C LEU E 183 3.16 32.23 17.26
N GLU E 184 2.09 32.90 17.66
CA GLU E 184 0.98 33.22 16.78
C GLU E 184 1.47 34.29 15.80
N TYR E 185 2.25 35.23 16.31
CA TYR E 185 2.74 36.34 15.50
C TYR E 185 3.81 35.88 14.51
N ILE E 186 4.82 35.16 15.02
CA ILE E 186 5.90 34.58 14.22
C ILE E 186 5.30 33.91 12.98
N HIS E 187 4.34 33.03 13.21
CA HIS E 187 3.77 32.24 12.13
C HIS E 187 2.80 33.05 11.29
N LEU E 188 2.18 34.05 11.90
CA LEU E 188 1.21 34.89 11.20
C LEU E 188 1.88 35.74 10.13
N HIS E 189 3.19 35.85 10.19
CA HIS E 189 3.90 36.71 9.28
C HIS E 189 4.87 35.98 8.34
N LYS E 190 5.37 34.80 8.71
CA LYS E 190 6.16 34.09 7.71
C LYS E 190 5.24 33.39 6.74
N THR E 191 4.55 32.36 7.22
CA THR E 191 3.67 31.59 6.37
C THR E 191 2.44 32.40 5.96
N ALA E 192 1.58 32.66 6.93
CA ALA E 192 0.27 33.28 6.71
C ALA E 192 0.28 34.49 5.78
N ALA E 193 1.33 35.30 5.85
CA ALA E 193 1.42 36.48 5.01
C ALA E 193 1.31 36.15 3.52
N LEU E 194 2.25 35.34 3.04
CA LEU E 194 2.30 34.98 1.62
C LEU E 194 0.97 34.45 1.09
N LEU E 195 0.30 33.62 1.88
CA LEU E 195 -0.97 33.04 1.45
C LEU E 195 -2.04 34.10 1.36
N GLU E 196 -2.06 35.02 2.32
CA GLU E 196 -3.09 36.05 2.33
C GLU E 196 -2.84 36.98 1.16
N ALA E 197 -1.60 37.03 0.69
CA ALA E 197 -1.31 37.69 -0.57
C ALA E 197 -1.98 36.93 -1.71
N SER E 198 -1.66 35.65 -1.81
CA SER E 198 -2.19 34.78 -2.86
C SER E 198 -3.69 34.92 -3.10
N VAL E 199 -4.49 34.65 -2.08
CA VAL E 199 -5.94 34.64 -2.29
C VAL E 199 -6.51 36.04 -2.44
N VAL E 200 -5.79 37.04 -1.96
CA VAL E 200 -6.26 38.43 -2.09
C VAL E 200 -5.88 38.99 -3.46
N ILE E 201 -4.62 38.86 -3.86
CA ILE E 201 -4.21 39.33 -5.19
C ILE E 201 -4.83 38.41 -6.25
N GLY E 202 -5.25 37.23 -5.84
CA GLY E 202 -6.04 36.35 -6.70
C GLY E 202 -7.46 36.86 -6.81
N ALA E 203 -8.03 37.23 -5.68
CA ALA E 203 -9.35 37.85 -5.64
C ALA E 203 -9.32 39.14 -6.43
N ILE E 204 -8.20 39.83 -6.30
CA ILE E 204 -7.97 41.07 -7.01
C ILE E 204 -7.89 40.77 -8.52
N LEU E 205 -6.88 40.05 -8.98
CA LEU E 205 -6.84 39.64 -10.40
C LEU E 205 -8.10 38.90 -10.91
N GLY E 206 -9.04 38.62 -10.02
CA GLY E 206 -10.35 38.10 -10.41
C GLY E 206 -11.39 39.21 -10.49
N GLY E 207 -11.06 40.37 -9.91
CA GLY E 207 -11.94 41.52 -9.94
C GLY E 207 -12.96 41.53 -8.82
N GLY E 208 -12.65 40.83 -7.73
CA GLY E 208 -13.57 40.67 -6.62
C GLY E 208 -13.96 41.96 -5.95
N SER E 209 -15.18 42.00 -5.40
CA SER E 209 -15.61 43.15 -4.63
C SER E 209 -14.70 43.29 -3.42
N ASP E 210 -14.54 44.51 -2.94
CA ASP E 210 -13.70 44.77 -1.77
C ASP E 210 -14.21 43.97 -0.57
N GLU E 211 -15.51 43.73 -0.54
CA GLU E 211 -16.15 42.92 0.48
C GLU E 211 -15.69 41.47 0.40
N GLN E 212 -15.70 40.92 -0.81
CA GLN E 212 -15.28 39.56 -1.07
C GLN E 212 -13.80 39.34 -0.76
N ILE E 213 -12.96 40.22 -1.32
CA ILE E 213 -11.51 40.13 -1.18
C ILE E 213 -11.05 39.98 0.26
N GLU E 214 -11.64 40.77 1.16
CA GLU E 214 -11.23 40.75 2.56
C GLU E 214 -11.85 39.59 3.32
N SER E 215 -12.98 39.06 2.84
CA SER E 215 -13.53 37.85 3.41
C SER E 215 -12.60 36.69 3.09
N LEU E 216 -11.97 36.77 1.92
CA LEU E 216 -10.95 35.80 1.50
C LEU E 216 -9.63 36.03 2.22
N ARG E 217 -9.41 37.26 2.65
CA ARG E 217 -8.19 37.62 3.38
C ARG E 217 -8.15 36.91 4.72
N MET E 218 -9.25 37.00 5.46
CA MET E 218 -9.31 36.38 6.77
C MET E 218 -9.47 34.88 6.62
N TYR E 219 -9.72 34.42 5.40
CA TYR E 219 -9.69 32.99 5.10
C TYR E 219 -8.25 32.47 5.14
N ALA E 220 -7.38 33.09 4.35
CA ALA E 220 -5.99 32.68 4.31
C ALA E 220 -5.32 32.94 5.64
N ARG E 221 -5.80 33.98 6.32
CA ARG E 221 -5.30 34.34 7.64
C ARG E 221 -5.44 33.18 8.61
N SER E 222 -6.58 32.49 8.52
CA SER E 222 -6.85 31.35 9.38
C SER E 222 -6.04 30.12 8.97
N ILE E 223 -6.08 29.76 7.69
CA ILE E 223 -5.34 28.59 7.21
C ILE E 223 -3.83 28.87 7.27
N GLY E 224 -3.48 30.13 7.44
CA GLY E 224 -2.10 30.51 7.67
C GLY E 224 -1.56 29.83 8.91
N LEU E 225 -2.16 30.12 10.07
CA LEU E 225 -1.72 29.48 11.30
C LEU E 225 -1.98 27.99 11.25
N LEU E 226 -3.17 27.63 10.79
CA LEU E 226 -3.57 26.24 10.58
C LEU E 226 -2.47 25.44 9.90
N PHE E 227 -1.76 26.09 8.99
CA PHE E 227 -0.60 25.49 8.32
C PHE E 227 0.42 25.01 9.35
N GLN E 228 1.11 25.94 10.00
CA GLN E 228 2.23 25.56 10.86
C GLN E 228 1.81 25.15 12.25
N VAL E 229 0.51 25.24 12.54
CA VAL E 229 0.01 24.60 13.76
C VAL E 229 0.10 23.10 13.54
N VAL E 230 -0.45 22.66 12.41
CA VAL E 230 -0.39 21.26 12.01
C VAL E 230 1.04 20.75 11.94
N ASP E 231 1.92 21.53 11.35
CA ASP E 231 3.28 21.06 11.20
C ASP E 231 3.90 20.84 12.53
N ASP E 232 3.69 21.75 13.47
CA ASP E 232 4.32 21.58 14.76
C ASP E 232 3.72 20.39 15.52
N ILE E 233 2.78 19.71 14.89
CA ILE E 233 2.23 18.45 15.40
C ILE E 233 2.77 17.27 14.61
N LEU E 234 2.75 17.39 13.28
CA LEU E 234 3.31 16.37 12.42
C LEU E 234 4.77 16.13 12.74
N ASP E 235 5.44 17.18 13.24
CA ASP E 235 6.87 17.11 13.53
C ASP E 235 7.16 16.53 14.91
N VAL E 236 6.13 16.39 15.74
CA VAL E 236 6.30 15.67 17.00
C VAL E 236 5.74 14.25 16.84
N THR E 237 5.88 13.71 15.62
CA THR E 237 5.34 12.39 15.27
C THR E 237 6.38 11.47 14.62
N LYS E 238 6.65 11.66 13.34
CA LYS E 238 7.63 10.80 12.70
C LYS E 238 8.65 10.33 13.74
N LYS E 255 11.68 26.83 17.37
CA LYS E 255 11.81 25.60 18.15
C LYS E 255 11.15 25.73 19.52
N THR E 256 10.16 26.60 19.63
CA THR E 256 9.29 26.68 20.81
C THR E 256 7.90 26.19 20.38
N THR E 257 7.81 24.87 20.25
CA THR E 257 6.74 24.15 19.58
C THR E 257 5.32 24.36 20.15
N TYR E 258 4.33 24.43 19.26
CA TYR E 258 2.94 24.69 19.66
C TYR E 258 2.38 23.67 20.65
N PRO E 259 2.41 22.36 20.33
CA PRO E 259 1.79 21.47 21.31
C PRO E 259 2.44 21.39 22.71
N LYS E 260 3.70 21.76 22.89
CA LYS E 260 4.24 21.61 24.24
C LYS E 260 4.29 22.95 24.95
N LEU E 261 3.94 24.02 24.24
CA LEU E 261 3.64 25.27 24.93
C LEU E 261 2.36 25.28 25.75
N LEU E 262 1.24 24.96 25.11
CA LEU E 262 0.02 24.60 25.81
C LEU E 262 -0.62 23.35 25.20
N GLY E 263 -0.11 22.17 25.57
CA GLY E 263 -0.78 20.88 25.34
C GLY E 263 -0.91 20.37 23.92
N LEU E 264 -0.97 19.04 23.75
CA LEU E 264 -0.89 18.44 22.42
C LEU E 264 -2.19 18.48 21.59
N GLU E 265 -3.19 17.68 21.94
CA GLU E 265 -4.45 17.70 21.19
C GLU E 265 -5.30 18.84 21.73
N LYS E 266 -4.76 19.51 22.75
CA LYS E 266 -5.12 20.88 23.03
C LYS E 266 -4.87 21.69 21.77
N SER E 267 -3.72 21.42 21.16
CA SER E 267 -3.28 22.10 19.96
C SER E 267 -3.84 21.43 18.70
N ARG E 268 -4.34 20.21 18.83
CA ARG E 268 -5.03 19.60 17.70
C ARG E 268 -6.41 20.22 17.55
N GLU E 269 -7.06 20.50 18.67
CA GLU E 269 -8.36 21.15 18.65
C GLU E 269 -8.19 22.58 18.13
N PHE E 270 -7.08 23.20 18.50
CA PHE E 270 -6.80 24.56 18.03
C PHE E 270 -6.82 24.59 16.51
N ALA E 271 -6.21 23.60 15.88
CA ALA E 271 -6.21 23.48 14.41
C ALA E 271 -7.63 23.26 13.89
N GLU E 272 -8.46 22.61 14.71
CA GLU E 272 -9.85 22.31 14.35
C GLU E 272 -10.70 23.57 14.41
N LYS E 273 -10.35 24.45 15.34
CA LYS E 273 -10.97 25.76 15.41
C LYS E 273 -10.65 26.54 14.13
N LEU E 274 -9.36 26.65 13.82
CA LEU E 274 -8.88 27.45 12.70
C LEU E 274 -9.40 27.00 11.35
N LEU E 275 -9.59 25.69 11.19
CA LEU E 275 -10.18 25.16 9.97
C LEU E 275 -11.60 25.70 9.83
N SER E 276 -12.38 25.56 10.90
CA SER E 276 -13.73 26.08 10.92
C SER E 276 -13.75 27.60 10.74
N ASP E 277 -12.72 28.25 11.26
CA ASP E 277 -12.59 29.70 11.11
C ASP E 277 -12.54 30.08 9.63
N ALA E 278 -11.80 29.29 8.85
CA ALA E 278 -11.69 29.51 7.42
C ALA E 278 -13.04 29.36 6.73
N ARG E 279 -13.67 28.21 6.97
CA ARG E 279 -14.89 27.83 6.29
C ARG E 279 -16.01 28.84 6.49
N GLU E 280 -16.19 29.28 7.73
CA GLU E 280 -17.32 30.13 8.09
C GLU E 280 -17.28 31.45 7.32
N GLN E 281 -16.10 31.87 6.88
CA GLN E 281 -15.95 33.12 6.13
C GLN E 281 -16.01 32.91 4.61
N LEU E 282 -16.16 31.65 4.20
CA LEU E 282 -16.44 31.35 2.79
C LEU E 282 -17.93 31.20 2.59
N SER E 283 -18.70 31.43 3.65
CA SER E 283 -20.14 31.22 3.63
C SER E 283 -20.88 32.22 2.75
N GLY E 284 -20.14 33.10 2.11
CA GLY E 284 -20.74 34.09 1.22
C GLY E 284 -20.45 33.80 -0.24
N PHE E 285 -20.15 32.54 -0.55
CA PHE E 285 -19.81 32.16 -1.92
C PHE E 285 -20.72 31.09 -2.50
N ASP E 286 -20.49 30.76 -3.77
CA ASP E 286 -21.10 29.60 -4.39
C ASP E 286 -20.32 28.38 -3.94
N GLN E 287 -21.03 27.41 -3.35
CA GLN E 287 -20.38 26.28 -2.71
C GLN E 287 -19.51 25.47 -3.66
N GLU E 288 -19.83 25.53 -4.96
CA GLU E 288 -19.08 24.72 -5.91
C GLU E 288 -17.95 25.51 -6.57
N THR E 289 -18.09 26.83 -6.69
CA THR E 289 -16.99 27.66 -7.16
C THR E 289 -15.88 27.69 -6.10
N ALA E 290 -16.17 27.23 -4.89
CA ALA E 290 -15.23 27.34 -3.79
C ALA E 290 -14.73 26.00 -3.30
N ALA E 291 -15.19 24.92 -3.93
CA ALA E 291 -14.79 23.57 -3.54
C ALA E 291 -13.27 23.33 -3.53
N PRO E 292 -12.52 23.93 -4.48
CA PRO E 292 -11.08 23.84 -4.32
C PRO E 292 -10.61 24.49 -3.02
N LEU E 293 -10.97 25.77 -2.82
CA LEU E 293 -10.62 26.50 -1.61
C LEU E 293 -10.99 25.79 -0.32
N LEU E 294 -11.98 24.90 -0.41
CA LEU E 294 -12.42 24.12 0.73
C LEU E 294 -11.58 22.86 0.91
N HIS E 295 -11.26 22.22 -0.20
CA HIS E 295 -10.48 20.99 -0.14
C HIS E 295 -9.00 21.31 -0.02
N LEU E 296 -8.66 22.56 -0.34
CA LEU E 296 -7.34 23.09 -0.06
C LEU E 296 -7.13 23.14 1.44
N ALA E 297 -7.99 23.90 2.11
CA ALA E 297 -7.94 24.04 3.56
C ALA E 297 -8.08 22.67 4.24
N ASN E 298 -8.81 21.78 3.60
CA ASN E 298 -8.89 20.40 4.06
C ASN E 298 -7.51 19.73 4.00
N TYR E 299 -6.83 19.90 2.87
CA TYR E 299 -5.54 19.27 2.67
C TYR E 299 -4.48 19.75 3.66
N ILE E 300 -4.56 21.01 4.06
CA ILE E 300 -3.63 21.54 5.05
C ILE E 300 -3.87 20.88 6.40
N ALA E 301 -5.13 20.51 6.66
CA ALA E 301 -5.52 19.95 7.93
C ALA E 301 -5.00 18.53 8.13
N TYR E 302 -5.45 17.64 7.28
CA TYR E 302 -5.17 16.23 7.40
C TYR E 302 -3.96 15.72 6.68
N ARG E 303 -3.12 16.62 6.22
CA ARG E 303 -1.91 16.19 5.55
C ARG E 303 -1.06 15.41 6.55
N GLN E 304 -0.51 14.30 6.10
CA GLN E 304 0.29 13.44 6.97
C GLN E 304 1.76 13.49 6.57
N ASN E 305 2.18 14.64 6.05
CA ASN E 305 3.55 14.82 5.59
C ASN E 305 4.53 14.96 6.75
N LEU F 4 24.17 72.89 -11.34
CA LEU F 4 24.59 71.58 -10.88
C LEU F 4 24.27 71.40 -9.43
N ARG F 5 24.93 72.15 -8.57
CA ARG F 5 24.66 72.00 -7.15
C ARG F 5 23.22 72.31 -6.89
N LEU F 6 22.72 73.38 -7.45
CA LEU F 6 21.38 73.81 -7.13
C LEU F 6 20.40 72.73 -7.36
N TYR F 7 20.43 72.13 -8.53
CA TYR F 7 19.49 71.09 -8.81
C TYR F 7 19.77 69.82 -8.11
N TRP F 8 21.01 69.41 -8.19
CA TRP F 8 21.40 68.15 -7.69
C TRP F 8 21.31 68.10 -6.23
N THR F 9 21.69 69.15 -5.58
CA THR F 9 21.61 69.08 -4.13
C THR F 9 20.20 69.06 -3.67
N SER F 10 19.38 69.92 -4.22
CA SER F 10 18.01 69.96 -3.78
C SER F 10 17.30 68.70 -4.11
N LEU F 11 17.57 68.16 -5.28
CA LEU F 11 16.87 66.97 -5.69
C LEU F 11 17.19 65.92 -4.71
N ILE F 12 18.46 65.72 -4.35
CA ILE F 12 18.75 64.68 -3.39
C ILE F 12 18.29 64.96 -1.99
N ALA F 13 18.50 66.17 -1.52
CA ALA F 13 18.09 66.44 -0.17
C ALA F 13 16.64 66.08 -0.04
N ASP F 14 15.86 66.44 -1.03
CA ASP F 14 14.44 66.12 -0.98
C ASP F 14 14.20 64.63 -0.97
N VAL F 15 14.92 63.90 -1.78
CA VAL F 15 14.68 62.50 -1.77
C VAL F 15 15.04 61.96 -0.40
N GLU F 16 16.18 62.37 0.12
CA GLU F 16 16.59 61.84 1.40
C GLU F 16 15.56 62.10 2.45
N ALA F 17 14.93 63.25 2.43
CA ALA F 17 13.91 63.53 3.42
C ALA F 17 12.76 62.59 3.22
N GLU F 18 12.42 62.37 1.96
CA GLU F 18 11.33 61.49 1.65
C GLU F 18 11.66 60.12 2.16
N LEU F 19 12.90 59.71 1.98
CA LEU F 19 13.30 58.40 2.40
C LEU F 19 13.15 58.25 3.86
N ASP F 20 13.61 59.24 4.62
CA ASP F 20 13.54 59.08 6.06
C ASP F 20 12.09 58.98 6.46
N ALA F 21 11.25 59.80 5.86
CA ALA F 21 9.85 59.76 6.23
C ALA F 21 9.26 58.40 5.97
N ALA F 22 9.59 57.83 4.82
CA ALA F 22 9.08 56.53 4.44
C ALA F 22 9.54 55.36 5.29
N MET F 23 10.80 55.39 5.69
CA MET F 23 11.41 54.30 6.44
C MET F 23 11.55 54.67 7.91
N PRO F 24 10.49 54.52 8.68
CA PRO F 24 10.50 54.89 10.08
C PRO F 24 10.51 53.68 10.92
N ILE F 25 11.28 53.64 11.97
CA ILE F 25 11.32 52.45 12.75
C ILE F 25 9.94 52.19 13.24
N ARG F 26 9.57 50.93 13.31
CA ARG F 26 8.26 50.58 13.78
C ARG F 26 8.47 49.17 14.27
N THR F 27 7.42 48.38 14.30
CA THR F 27 7.47 47.10 14.93
C THR F 27 8.59 46.41 14.20
N PRO F 28 8.96 45.14 14.66
CA PRO F 28 10.13 44.54 14.05
C PRO F 28 11.27 45.48 13.92
N GLU F 29 11.53 46.25 14.96
CA GLU F 29 12.54 47.29 14.96
C GLU F 29 13.88 46.76 14.66
N ARG F 30 14.07 45.52 14.97
CA ARG F 30 15.35 44.90 14.80
C ARG F 30 15.76 45.07 13.39
N ILE F 31 14.80 45.21 12.50
CA ILE F 31 15.11 45.25 11.07
C ILE F 31 14.70 46.56 10.40
N HIS F 32 13.80 47.32 11.02
CA HIS F 32 13.48 48.63 10.48
C HIS F 32 14.66 49.54 10.73
N SER F 33 15.29 49.38 11.89
CA SER F 33 16.53 50.07 12.18
C SER F 33 17.62 49.64 11.20
N ALA F 34 17.60 48.36 10.85
CA ALA F 34 18.57 47.80 9.93
C ALA F 34 18.43 48.39 8.54
N MET F 35 17.23 48.46 8.03
CA MET F 35 17.14 49.02 6.72
C MET F 35 17.60 50.45 6.77
N ARG F 36 17.12 51.24 7.72
CA ARG F 36 17.55 52.63 7.66
C ARG F 36 19.05 52.71 7.66
N TYR F 37 19.69 52.16 8.66
CA TYR F 37 21.13 52.26 8.64
C TYR F 37 21.56 51.84 7.26
N ALA F 38 20.71 51.11 6.56
CA ALA F 38 20.97 50.66 5.23
C ALA F 38 21.05 51.72 4.16
N VAL F 39 20.14 52.66 4.20
CA VAL F 39 20.11 53.67 3.16
C VAL F 39 20.39 55.07 3.58
N LEU F 40 20.86 55.29 4.79
CA LEU F 40 21.05 56.67 5.16
C LEU F 40 22.38 57.03 5.76
N PRO F 41 22.71 58.37 5.62
CA PRO F 41 23.98 58.85 6.18
C PRO F 41 24.83 58.04 7.14
N LYS F 50 28.40 61.70 -6.74
CA LYS F 50 28.47 60.35 -6.23
C LYS F 50 27.70 59.39 -7.11
N ARG F 51 26.43 59.20 -6.81
CA ARG F 51 25.61 58.29 -7.56
C ARG F 51 24.71 58.69 -8.73
N ALA F 52 23.73 59.52 -8.48
CA ALA F 52 22.96 60.04 -9.58
C ALA F 52 21.85 59.40 -10.38
N PRO F 53 21.59 58.05 -10.23
CA PRO F 53 20.50 57.56 -11.09
C PRO F 53 19.24 58.28 -10.77
N PRO F 54 18.99 58.46 -9.43
CA PRO F 54 17.74 59.15 -9.15
C PRO F 54 17.72 60.54 -9.70
N VAL F 55 18.85 61.22 -9.66
CA VAL F 55 18.85 62.57 -10.14
C VAL F 55 18.49 62.60 -11.59
N LEU F 56 19.08 61.74 -12.41
CA LEU F 56 18.75 61.81 -13.81
C LEU F 56 17.36 61.46 -14.04
N CYS F 57 16.83 60.55 -13.25
CA CYS F 57 15.45 60.18 -13.46
C CYS F 57 14.61 61.42 -13.27
N VAL F 58 14.81 62.16 -12.20
CA VAL F 58 13.97 63.34 -12.01
C VAL F 58 14.18 64.29 -13.12
N ALA F 59 15.42 64.49 -13.52
CA ALA F 59 15.69 65.44 -14.58
C ALA F 59 15.08 65.07 -15.91
N ALA F 60 15.13 63.82 -16.28
CA ALA F 60 14.59 63.37 -17.54
C ALA F 60 13.13 63.62 -17.50
N CYS F 61 12.54 63.39 -16.34
CA CYS F 61 11.12 63.60 -16.24
C CYS F 61 10.71 65.02 -16.52
N GLU F 62 11.51 65.99 -16.11
CA GLU F 62 11.15 67.38 -16.32
C GLU F 62 11.39 67.77 -17.77
N LEU F 63 12.33 67.09 -18.38
CA LEU F 63 12.72 67.35 -19.73
C LEU F 63 11.49 67.16 -20.59
N LEU F 64 10.62 66.25 -20.19
CA LEU F 64 9.42 66.04 -20.98
C LEU F 64 8.22 66.80 -20.45
N GLY F 65 8.48 67.74 -19.57
CA GLY F 65 7.40 68.53 -19.03
C GLY F 65 6.69 67.85 -17.89
N ALA F 66 7.27 66.77 -17.40
CA ALA F 66 6.66 66.05 -16.29
C ALA F 66 6.60 67.03 -15.18
N PRO F 67 5.56 66.97 -14.38
CA PRO F 67 5.40 67.90 -13.28
C PRO F 67 6.21 67.51 -12.09
N ARG F 68 6.99 66.44 -12.23
CA ARG F 68 7.89 65.95 -11.19
C ARG F 68 7.24 65.01 -10.17
N GLU F 69 5.92 64.82 -10.24
CA GLU F 69 5.26 63.93 -9.30
C GLU F 69 5.71 62.48 -9.48
N ALA F 70 5.75 62.03 -10.73
CA ALA F 70 6.17 60.67 -11.04
C ALA F 70 7.64 60.39 -10.74
N ALA F 71 8.48 61.35 -11.09
CA ALA F 71 9.93 61.25 -10.91
C ALA F 71 10.40 61.14 -9.46
N LEU F 72 9.79 61.91 -8.58
CA LEU F 72 10.20 61.92 -7.19
C LEU F 72 9.89 60.61 -6.57
N PRO F 73 8.62 60.08 -6.80
CA PRO F 73 8.45 58.77 -6.15
C PRO F 73 9.40 57.76 -6.70
N ALA F 74 9.60 57.72 -8.00
CA ALA F 74 10.51 56.72 -8.53
C ALA F 74 11.92 56.86 -8.03
N ALA F 75 12.37 58.08 -7.84
CA ALA F 75 13.71 58.32 -7.38
C ALA F 75 13.88 57.82 -6.00
N VAL F 76 12.91 58.08 -5.18
CA VAL F 76 12.97 57.63 -3.81
C VAL F 76 13.04 56.14 -3.88
N ALA F 77 12.32 55.57 -4.81
CA ALA F 77 12.30 54.14 -5.03
C ALA F 77 13.62 53.59 -5.45
N LEU F 78 14.36 54.25 -6.27
CA LEU F 78 15.62 53.62 -6.66
C LEU F 78 16.63 53.54 -5.56
N GLU F 79 16.90 54.64 -4.91
CA GLU F 79 17.90 54.59 -3.90
C GLU F 79 17.62 53.34 -3.10
N MET F 80 16.36 53.05 -2.87
CA MET F 80 16.02 51.84 -2.10
C MET F 80 16.50 50.58 -2.80
N LEU F 81 16.30 50.52 -4.11
CA LEU F 81 16.71 49.35 -4.88
C LEU F 81 18.22 49.21 -4.84
N HIS F 82 18.93 50.32 -4.95
CA HIS F 82 20.38 50.27 -4.89
C HIS F 82 20.86 49.86 -3.52
N ALA F 83 20.33 50.50 -2.51
CA ALA F 83 20.70 50.19 -1.14
C ALA F 83 20.44 48.72 -0.82
N ALA F 84 19.36 48.18 -1.39
CA ALA F 84 19.00 46.79 -1.18
C ALA F 84 20.11 45.86 -1.63
N SER F 85 20.58 46.05 -2.85
CA SER F 85 21.57 45.16 -3.42
C SER F 85 22.99 45.58 -3.06
N LEU F 86 23.19 46.76 -2.53
CA LEU F 86 24.52 47.05 -2.10
C LEU F 86 24.74 46.18 -0.87
N VAL F 87 23.77 46.18 0.04
CA VAL F 87 23.93 45.38 1.26
C VAL F 87 24.39 43.98 0.90
N HIS F 88 23.73 43.41 -0.07
CA HIS F 88 24.05 42.07 -0.48
C HIS F 88 25.42 42.01 -1.09
N ASP F 89 25.75 43.01 -1.87
CA ASP F 89 27.03 43.01 -2.53
C ASP F 89 28.22 43.21 -1.64
N ASP F 90 27.99 43.80 -0.48
CA ASP F 90 29.07 44.03 0.45
C ASP F 90 29.21 42.85 1.38
N LEU F 91 28.42 41.82 1.14
CA LEU F 91 28.46 40.66 2.00
C LEU F 91 29.79 39.97 1.93
N PRO F 92 30.11 39.25 3.07
CA PRO F 92 31.41 38.59 3.03
C PRO F 92 31.54 37.59 1.94
N CYS F 93 30.46 36.92 1.63
CA CYS F 93 30.51 35.87 0.64
C CYS F 93 31.04 36.43 -0.63
N PHE F 94 31.02 37.75 -0.77
CA PHE F 94 31.51 38.33 -1.98
C PHE F 94 32.87 38.84 -2.43
N ASP F 95 33.34 39.93 -1.86
CA ASP F 95 34.76 40.29 -1.88
C ASP F 95 35.60 39.71 -0.75
N ALA F 96 35.10 39.76 0.47
CA ALA F 96 35.86 39.19 1.58
C ALA F 96 37.13 39.96 1.86
N ALA F 97 37.23 41.18 1.33
CA ALA F 97 38.41 41.99 1.58
C ALA F 97 38.03 43.19 2.40
N PRO F 98 38.71 43.31 3.62
CA PRO F 98 38.33 44.50 4.40
C PRO F 98 38.41 45.81 3.62
N ARG F 103 29.34 53.60 7.31
CA ARG F 103 30.74 53.35 7.01
C ARG F 103 31.05 51.86 7.18
N PRO F 104 30.74 51.34 8.34
CA PRO F 104 31.00 49.95 8.66
C PRO F 104 29.86 49.21 8.06
N SER F 105 30.18 48.20 7.28
CA SER F 105 29.22 47.40 6.58
C SER F 105 27.93 47.03 7.20
N THR F 106 26.88 47.24 6.44
CA THR F 106 25.51 47.03 6.89
C THR F 106 25.30 45.64 7.47
N HIS F 107 26.12 44.69 7.04
CA HIS F 107 26.02 43.30 7.48
C HIS F 107 26.81 43.03 8.76
N ALA F 108 27.92 43.72 8.94
CA ALA F 108 28.72 43.58 10.15
C ALA F 108 28.23 44.56 11.21
N ALA F 109 27.07 45.14 10.95
CA ALA F 109 26.45 46.05 11.91
C ALA F 109 25.28 45.36 12.59
N TYR F 110 24.54 44.57 11.84
CA TYR F 110 23.34 43.92 12.39
C TYR F 110 23.42 42.39 12.29
N GLY F 111 24.50 41.87 11.69
CA GLY F 111 24.68 40.45 11.53
C GLY F 111 24.40 40.02 10.10
N THR F 112 25.11 39.00 9.62
CA THR F 112 24.94 38.55 8.24
C THR F 112 23.51 38.06 8.00
N ASP F 113 22.86 37.61 9.07
CA ASP F 113 21.49 37.12 8.99
C ASP F 113 20.48 38.24 8.76
N MET F 114 20.53 39.26 9.61
CA MET F 114 19.64 40.41 9.47
C MET F 114 20.01 41.22 8.23
N ALA F 115 21.25 41.06 7.79
CA ALA F 115 21.76 41.77 6.61
C ALA F 115 20.94 41.43 5.39
N VAL F 116 20.97 40.15 5.03
CA VAL F 116 20.17 39.63 3.93
C VAL F 116 18.71 40.04 4.09
N LEU F 117 18.11 39.71 5.23
CA LEU F 117 16.71 40.04 5.51
C LEU F 117 16.40 41.53 5.35
N ALA F 118 17.39 42.38 5.55
CA ALA F 118 17.19 43.81 5.39
C ALA F 118 16.90 44.19 3.95
N GLY F 119 17.84 43.88 3.05
CA GLY F 119 17.67 44.17 1.64
C GLY F 119 16.42 43.53 1.09
N ASP F 120 16.13 42.32 1.56
CA ASP F 120 14.94 41.58 1.14
C ASP F 120 13.64 42.26 1.53
N ALA F 121 13.73 43.25 2.40
CA ALA F 121 12.56 44.07 2.72
C ALA F 121 12.59 45.33 1.88
N LEU F 122 13.78 45.71 1.43
CA LEU F 122 13.97 46.95 0.67
C LEU F 122 13.42 46.85 -0.76
N PHE F 123 13.67 45.72 -1.41
CA PHE F 123 13.11 45.50 -2.75
C PHE F 123 11.59 45.76 -2.74
N PRO F 124 10.82 45.03 -1.91
CA PRO F 124 9.37 45.23 -1.98
C PRO F 124 8.93 46.61 -1.52
N LEU F 125 9.72 47.20 -0.62
CA LEU F 125 9.47 48.54 -0.13
C LEU F 125 9.46 49.54 -1.28
N ALA F 126 10.41 49.39 -2.19
CA ALA F 126 10.53 50.29 -3.32
C ALA F 126 9.26 50.28 -4.15
N TYR F 127 8.84 49.10 -4.60
CA TYR F 127 7.67 48.99 -5.46
C TYR F 127 6.43 49.52 -4.75
N THR F 128 6.42 49.41 -3.43
CA THR F 128 5.31 49.95 -2.65
C THR F 128 5.34 51.47 -2.67
N HIS F 129 6.50 52.05 -2.43
CA HIS F 129 6.59 53.47 -2.39
C HIS F 129 6.26 54.04 -3.72
N VAL F 130 6.70 53.39 -4.79
CA VAL F 130 6.40 53.91 -6.10
C VAL F 130 4.90 53.89 -6.23
N ILE F 131 4.28 52.79 -5.86
CA ILE F 131 2.84 52.67 -5.95
C ILE F 131 2.10 53.61 -5.03
N ALA F 132 2.63 53.76 -3.84
CA ALA F 132 1.99 54.59 -2.85
C ALA F 132 1.89 56.05 -3.22
N HIS F 133 2.92 56.62 -3.84
CA HIS F 133 2.87 58.04 -4.15
C HIS F 133 2.71 58.57 -5.56
N THR F 134 2.99 57.80 -6.59
CA THR F 134 2.85 58.34 -7.94
C THR F 134 1.42 58.73 -8.09
N PRO F 135 1.23 59.87 -8.70
CA PRO F 135 -0.09 60.40 -8.90
C PRO F 135 -0.57 59.63 -10.11
N ASP F 138 -4.46 59.99 -11.86
CA ASP F 138 -4.51 61.09 -12.82
C ASP F 138 -3.34 61.40 -13.75
N PRO F 139 -2.32 62.17 -13.22
CA PRO F 139 -1.25 62.48 -14.18
C PRO F 139 -0.54 61.27 -14.73
N VAL F 140 -0.37 60.23 -13.94
CA VAL F 140 0.33 59.07 -14.45
C VAL F 140 -0.64 57.95 -14.73
N PRO F 141 -0.81 57.54 -15.98
CA PRO F 141 -1.73 56.44 -16.24
C PRO F 141 -1.06 55.23 -15.63
N HIS F 142 -1.80 54.30 -15.05
CA HIS F 142 -1.11 53.19 -14.44
C HIS F 142 -0.33 52.38 -15.44
N ALA F 143 -1.00 51.97 -16.50
CA ALA F 143 -0.29 51.20 -17.51
C ALA F 143 1.13 51.71 -17.64
N VAL F 144 1.30 53.00 -17.35
CA VAL F 144 2.61 53.61 -17.23
C VAL F 144 3.34 53.09 -16.00
N LEU F 145 2.71 53.24 -14.83
CA LEU F 145 3.23 52.73 -13.56
C LEU F 145 3.73 51.30 -13.68
N LEU F 146 2.95 50.52 -14.40
CA LEU F 146 3.31 49.15 -14.59
C LEU F 146 4.52 49.12 -15.40
N ARG F 147 4.61 50.00 -16.38
CA ARG F 147 5.79 50.01 -17.21
C ARG F 147 6.93 50.33 -16.29
N VAL F 148 6.73 51.27 -15.39
CA VAL F 148 7.78 51.62 -14.47
C VAL F 148 8.16 50.48 -13.58
N LEU F 149 7.17 49.77 -13.07
CA LEU F 149 7.45 48.68 -12.19
C LEU F 149 8.22 47.64 -12.93
N GLY F 150 7.82 47.37 -14.16
CA GLY F 150 8.48 46.34 -14.92
C GLY F 150 9.91 46.73 -15.07
N GLU F 151 10.15 47.98 -15.42
CA GLU F 151 11.49 48.41 -15.59
C GLU F 151 12.31 48.32 -14.36
N LEU F 152 11.80 48.74 -13.21
CA LEU F 152 12.61 48.69 -12.02
C LEU F 152 12.99 47.26 -11.73
N ALA F 153 12.02 46.37 -11.83
CA ALA F 153 12.30 44.99 -11.50
C ALA F 153 13.32 44.43 -12.43
N ARG F 154 13.20 44.77 -13.68
CA ARG F 154 14.11 44.26 -14.67
C ARG F 154 15.51 44.73 -14.37
N ALA F 155 15.60 45.97 -13.98
CA ALA F 155 16.86 46.59 -13.72
C ALA F 155 17.57 45.89 -12.62
N VAL F 156 16.93 45.36 -11.60
CA VAL F 156 17.70 44.67 -10.56
C VAL F 156 17.71 43.15 -10.70
N GLY F 157 17.24 42.65 -11.82
CA GLY F 157 17.11 41.23 -12.06
C GLY F 157 18.25 40.42 -12.60
N SER F 158 17.91 39.25 -13.13
CA SER F 158 18.89 38.32 -13.67
C SER F 158 19.53 39.05 -14.80
N THR F 159 18.73 39.72 -15.59
CA THR F 159 19.24 40.54 -16.66
C THR F 159 19.43 41.71 -15.77
N GLY F 160 20.38 42.59 -16.02
CA GLY F 160 20.52 43.72 -15.15
C GLY F 160 21.39 43.51 -13.96
N MET F 161 21.29 44.43 -13.03
CA MET F 161 22.19 44.44 -11.92
C MET F 161 22.55 43.11 -11.35
N ALA F 162 21.61 42.19 -11.25
CA ALA F 162 21.95 40.91 -10.68
C ALA F 162 22.97 40.25 -11.55
N ALA F 163 22.74 40.31 -12.84
CA ALA F 163 23.62 39.67 -13.77
C ALA F 163 24.96 40.28 -13.65
N GLY F 164 24.97 41.59 -13.53
CA GLY F 164 26.23 42.28 -13.43
C GLY F 164 27.03 41.91 -12.20
N GLN F 165 26.33 41.84 -11.08
CA GLN F 165 26.94 41.52 -9.79
C GLN F 165 27.56 40.15 -9.92
N PHE F 166 26.85 39.24 -10.58
CA PHE F 166 27.34 37.90 -10.78
C PHE F 166 28.49 37.92 -11.75
N LEU F 167 28.33 38.69 -12.82
CA LEU F 167 29.38 38.73 -13.82
C LEU F 167 30.61 39.20 -13.15
N ASP F 168 30.46 40.18 -12.27
CA ASP F 168 31.61 40.70 -11.56
C ASP F 168 31.90 39.79 -10.38
N LEU F 169 31.08 38.77 -10.23
CA LEU F 169 31.24 37.91 -9.10
C LEU F 169 32.65 37.40 -9.10
N ALA F 170 33.17 37.03 -10.25
CA ALA F 170 34.54 36.57 -10.31
C ALA F 170 35.27 37.85 -10.52
N THR F 173 39.04 39.26 -12.41
CA THR F 173 39.65 38.63 -13.58
C THR F 173 38.81 38.85 -14.81
N ALA F 174 38.60 40.10 -15.16
CA ALA F 174 37.81 40.40 -16.33
C ALA F 174 38.77 40.94 -17.34
N LEU F 175 38.84 40.29 -18.47
CA LEU F 175 39.71 40.71 -19.55
C LEU F 175 38.95 40.57 -20.86
N GLY F 176 39.29 41.37 -21.85
CA GLY F 176 40.03 42.58 -21.67
C GLY F 176 39.06 43.74 -21.78
N GLU F 177 39.13 44.47 -22.89
CA GLU F 177 38.28 45.63 -23.07
C GLU F 177 36.80 45.31 -23.09
N ALA F 178 36.42 44.21 -23.70
CA ALA F 178 35.01 43.91 -23.79
C ALA F 178 34.37 43.30 -22.56
N GLU F 179 34.22 42.00 -22.59
CA GLU F 179 33.54 41.38 -21.48
C GLU F 179 33.66 42.27 -20.28
N VAL F 180 34.84 42.80 -20.01
CA VAL F 180 34.99 43.66 -18.86
C VAL F 180 34.13 44.89 -18.99
N MET F 181 34.12 45.47 -20.19
CA MET F 181 33.33 46.66 -20.36
C MET F 181 31.86 46.37 -20.12
N LYS F 182 31.37 45.29 -20.69
CA LYS F 182 29.96 45.01 -20.49
C LYS F 182 29.62 44.69 -19.07
N VAL F 183 30.50 44.02 -18.35
CA VAL F 183 30.23 43.72 -16.97
C VAL F 183 30.09 45.00 -16.20
N LEU F 184 30.99 45.94 -16.44
CA LEU F 184 30.90 47.21 -15.77
C LEU F 184 29.60 47.92 -16.10
N THR F 185 29.18 47.89 -17.36
CA THR F 185 27.93 48.57 -17.69
C THR F 185 26.78 47.96 -16.95
N LYS F 186 26.72 46.63 -16.92
CA LYS F 186 25.61 45.95 -16.28
C LYS F 186 25.49 46.19 -14.79
N LYS F 187 26.61 46.16 -14.10
CA LYS F 187 26.62 46.38 -12.67
C LYS F 187 26.37 47.83 -12.33
N PHE F 188 26.97 48.71 -13.10
CA PHE F 188 26.85 50.14 -12.93
C PHE F 188 25.98 50.80 -13.96
N GLY F 189 25.98 50.26 -15.15
CA GLY F 189 25.27 50.83 -16.29
C GLY F 189 23.77 50.66 -16.18
N GLU F 190 23.33 49.40 -16.13
CA GLU F 190 21.91 49.03 -16.15
C GLU F 190 21.05 49.77 -15.12
N MET F 191 21.68 50.34 -14.11
CA MET F 191 20.97 51.03 -13.04
C MET F 191 20.47 52.39 -13.51
N ALA F 192 21.41 53.26 -13.90
CA ALA F 192 21.07 54.59 -14.39
C ALA F 192 20.27 54.50 -15.69
N GLU F 193 20.44 53.39 -16.40
CA GLU F 193 19.73 53.15 -17.66
C GLU F 193 18.24 53.06 -17.43
N CYS F 194 17.86 52.36 -16.38
CA CYS F 194 16.47 52.30 -15.98
C CYS F 194 16.07 53.64 -15.37
N SER F 195 16.96 54.22 -14.56
CA SER F 195 16.75 55.56 -14.04
C SER F 195 16.36 56.54 -15.15
N ALA F 196 17.02 56.42 -16.29
CA ALA F 196 16.62 57.19 -17.46
C ALA F 196 15.29 56.69 -17.98
N ALA F 197 15.26 55.42 -18.36
CA ALA F 197 14.09 54.81 -18.98
C ALA F 197 12.85 54.95 -18.10
N CYS F 198 13.03 54.92 -16.79
CA CYS F 198 11.89 55.06 -15.88
C CYS F 198 11.42 56.51 -15.81
N GLY F 199 12.32 57.42 -15.46
CA GLY F 199 12.00 58.84 -15.42
C GLY F 199 11.50 59.36 -16.76
N ALA F 200 11.72 58.56 -17.79
CA ALA F 200 11.28 58.82 -19.16
C ALA F 200 9.77 58.71 -19.31
N MET F 201 9.27 57.50 -19.11
CA MET F 201 7.86 57.17 -19.31
C MET F 201 6.94 58.07 -18.49
N LEU F 202 7.46 58.59 -17.38
CA LEU F 202 6.67 59.44 -16.50
C LEU F 202 6.48 60.82 -17.08
N GLY F 203 7.44 61.21 -17.89
CA GLY F 203 7.38 62.42 -18.67
C GLY F 203 6.32 62.28 -19.75
N GLY F 204 6.18 61.10 -20.31
CA GLY F 204 5.23 60.88 -21.39
C GLY F 204 5.90 60.80 -22.74
N ALA F 205 7.21 60.65 -22.72
CA ALA F 205 8.01 60.56 -23.93
C ALA F 205 7.76 59.35 -24.82
N GLY F 206 7.93 59.57 -26.12
CA GLY F 206 7.76 58.57 -27.15
C GLY F 206 8.85 57.54 -27.22
N PRO F 207 8.54 56.36 -27.87
CA PRO F 207 9.62 55.36 -27.88
C PRO F 207 10.84 55.89 -28.54
N ASP F 208 10.68 56.67 -29.60
CA ASP F 208 11.85 57.17 -30.28
C ASP F 208 12.67 57.93 -29.28
N GLU F 209 12.01 58.76 -28.51
CA GLU F 209 12.71 59.52 -27.50
C GLU F 209 13.29 58.62 -26.41
N GLU F 210 12.52 57.64 -25.98
CA GLU F 210 12.93 56.77 -24.90
C GLU F 210 14.13 55.91 -25.13
N ALA F 211 14.20 55.29 -26.29
CA ALA F 211 15.33 54.43 -26.57
C ALA F 211 16.55 55.28 -26.50
N ALA F 212 16.43 56.50 -26.97
CA ALA F 212 17.55 57.39 -26.95
C ALA F 212 17.93 57.57 -25.53
N LEU F 213 16.95 57.79 -24.67
CA LEU F 213 17.24 57.98 -23.28
C LEU F 213 17.88 56.74 -22.72
N ARG F 214 17.37 55.58 -23.03
CA ARG F 214 18.03 54.46 -22.44
C ARG F 214 19.47 54.47 -22.85
N ARG F 215 19.72 54.73 -24.11
CA ARG F 215 21.09 54.72 -24.59
C ARG F 215 21.96 55.71 -23.82
N TYR F 216 21.36 56.85 -23.52
CA TYR F 216 22.01 57.91 -22.75
C TYR F 216 22.29 57.46 -21.31
N GLY F 217 21.32 56.77 -20.72
CA GLY F 217 21.44 56.29 -19.38
C GLY F 217 22.47 55.23 -19.22
N ARG F 218 22.52 54.28 -20.12
CA ARG F 218 23.48 53.23 -19.98
C ARG F 218 24.85 53.85 -20.00
N THR F 219 25.07 54.75 -20.92
CA THR F 219 26.36 55.37 -21.03
C THR F 219 26.74 56.20 -19.84
N ILE F 220 25.80 56.98 -19.36
CA ILE F 220 26.06 57.83 -18.24
C ILE F 220 26.35 57.02 -17.00
N GLY F 221 25.65 55.93 -16.83
CA GLY F 221 25.86 55.11 -15.67
C GLY F 221 27.24 54.58 -15.68
N VAL F 222 27.72 54.14 -16.84
CA VAL F 222 29.08 53.63 -16.86
C VAL F 222 30.10 54.69 -16.65
N LEU F 223 29.88 55.88 -17.18
CA LEU F 223 30.91 56.89 -17.07
C LEU F 223 31.23 57.31 -15.67
N TYR F 224 30.25 57.68 -14.90
CA TYR F 224 30.55 58.07 -13.52
C TYR F 224 31.38 57.03 -12.79
N GLN F 225 31.13 55.76 -13.06
CA GLN F 225 31.86 54.69 -12.38
C GLN F 225 33.26 54.54 -12.92
N LEU F 226 33.38 54.49 -14.24
CA LEU F 226 34.68 54.31 -14.90
C LEU F 226 35.62 55.46 -14.56
N VAL F 227 35.07 56.61 -14.25
CA VAL F 227 35.85 57.74 -13.82
C VAL F 227 36.36 57.48 -12.43
N ASP F 228 35.55 56.86 -11.60
CA ASP F 228 35.91 56.65 -10.21
C ASP F 228 37.05 55.76 -9.88
N ASP F 229 37.25 54.70 -10.64
CA ASP F 229 38.35 53.80 -10.37
C ASP F 229 39.64 54.59 -10.59
N ILE F 230 39.57 55.49 -11.56
CA ILE F 230 40.73 56.26 -11.97
C ILE F 230 41.18 57.07 -10.80
N ARG F 231 40.30 57.24 -9.82
CA ARG F 231 40.73 57.85 -8.57
C ARG F 231 39.38 57.39 -8.03
N SER F 232 39.00 57.92 -6.88
CA SER F 232 38.19 57.50 -5.73
C SER F 232 38.83 57.63 -4.37
N ASN F 236 32.87 54.78 -1.16
CA ASN F 236 31.66 54.36 -0.46
C ASN F 236 30.56 54.17 -1.47
N GLY F 237 30.84 53.29 -2.41
CA GLY F 237 29.97 52.96 -3.52
C GLY F 237 29.71 51.48 -3.51
N LYS F 238 29.95 50.80 -4.61
CA LYS F 238 29.75 49.38 -4.62
C LYS F 238 31.03 48.84 -5.17
N MET F 239 31.30 47.58 -4.93
CA MET F 239 32.53 46.99 -5.38
C MET F 239 32.75 46.96 -6.89
N ARG F 240 33.92 47.41 -7.34
CA ARG F 240 34.38 47.28 -8.72
C ARG F 240 34.64 45.78 -8.76
N ALA F 243 37.84 45.29 -12.62
CA ALA F 243 38.74 46.40 -12.80
C ALA F 243 38.41 47.17 -14.05
N SER F 244 38.94 48.34 -14.19
CA SER F 244 39.73 48.96 -13.17
C SER F 244 39.32 50.41 -13.28
N VAL F 245 39.55 51.01 -14.44
CA VAL F 245 39.99 50.29 -15.65
C VAL F 245 41.48 50.34 -15.96
N LEU F 246 42.25 50.83 -15.02
CA LEU F 246 43.68 50.90 -15.25
C LEU F 246 44.15 49.50 -15.48
N ARG F 247 43.61 48.57 -14.70
CA ARG F 247 43.99 47.19 -14.79
C ARG F 247 43.69 46.64 -16.16
N ALA F 248 44.69 45.97 -16.70
CA ALA F 248 44.58 45.35 -18.01
C ALA F 248 44.04 46.20 -19.13
N LEU F 249 44.12 47.52 -19.02
CA LEU F 249 43.65 48.34 -20.13
C LEU F 249 44.79 49.00 -20.88
N GLY F 250 45.57 49.83 -20.22
CA GLY F 250 45.32 50.28 -18.88
C GLY F 250 45.48 51.77 -18.93
N MET F 251 44.46 52.51 -18.56
CA MET F 251 44.54 53.94 -18.53
C MET F 251 44.92 54.83 -19.69
N ASP F 252 45.26 54.22 -20.81
CA ASP F 252 45.69 55.00 -21.95
C ASP F 252 44.45 54.66 -22.70
N ARG F 253 44.02 53.43 -22.53
CA ARG F 253 42.81 53.03 -23.17
C ARG F 253 41.71 53.48 -22.23
N ALA F 254 41.93 53.39 -20.92
CA ALA F 254 40.80 53.81 -20.09
C ALA F 254 40.43 55.24 -20.38
N LEU F 255 41.43 56.06 -20.55
CA LEU F 255 41.21 57.44 -20.83
C LEU F 255 40.48 57.54 -22.15
N GLY F 256 40.90 56.75 -23.11
CA GLY F 256 40.28 56.80 -24.40
C GLY F 256 38.83 56.46 -24.27
N ILE F 257 38.55 55.46 -23.46
CA ILE F 257 37.21 55.03 -23.30
C ILE F 257 36.37 56.14 -22.76
N VAL F 258 36.86 56.85 -21.75
CA VAL F 258 36.03 57.89 -21.17
C VAL F 258 35.69 58.85 -22.24
N GLU F 259 36.66 59.21 -23.04
CA GLU F 259 36.33 60.16 -24.08
C GLU F 259 35.26 59.64 -25.00
N GLU F 260 35.39 58.38 -25.41
CA GLU F 260 34.42 57.85 -26.33
C GLU F 260 33.06 57.89 -25.70
N LEU F 261 32.97 57.52 -24.44
CA LEU F 261 31.69 57.52 -23.76
C LEU F 261 31.08 58.90 -23.63
N LYS F 262 31.92 59.89 -23.42
CA LYS F 262 31.44 61.25 -23.30
C LYS F 262 30.78 61.62 -24.60
N ALA F 263 31.39 61.20 -25.69
CA ALA F 263 30.85 61.50 -26.98
C ALA F 263 29.50 60.88 -27.16
N GLN F 264 29.32 59.65 -26.72
CA GLN F 264 28.06 58.98 -26.91
C GLN F 264 26.93 59.72 -26.20
N ALA F 265 27.19 60.13 -24.97
CA ALA F 265 26.19 60.84 -24.22
C ALA F 265 25.88 62.14 -24.91
N LYS F 266 26.92 62.83 -25.35
CA LYS F 266 26.77 64.09 -26.05
C LYS F 266 25.93 63.94 -27.33
N MET F 267 26.14 62.84 -28.06
CA MET F 267 25.40 62.61 -29.27
C MET F 267 23.92 62.43 -28.95
N GLU F 268 23.63 61.63 -27.94
CA GLU F 268 22.24 61.42 -27.59
C GLU F 268 21.58 62.71 -27.11
N ALA F 269 22.33 63.51 -26.35
CA ALA F 269 21.88 64.79 -25.83
C ALA F 269 21.59 65.77 -26.93
N ASP F 270 22.43 65.71 -27.96
CA ASP F 270 22.33 66.50 -29.16
C ASP F 270 21.07 66.15 -29.91
N ARG F 271 20.65 64.88 -29.89
CA ARG F 271 19.34 64.58 -30.47
C ARG F 271 18.53 65.41 -29.50
N ASP F 274 14.76 71.45 -27.96
CA ASP F 274 14.76 72.19 -26.70
C ASP F 274 13.47 72.87 -26.24
N LYS F 275 13.14 72.86 -24.93
CA LYS F 275 13.95 72.40 -23.76
C LYS F 275 15.30 73.03 -23.33
N TYR F 276 15.30 74.30 -22.95
CA TYR F 276 16.56 75.02 -22.70
C TYR F 276 17.81 74.42 -22.03
N GLY F 277 17.72 73.71 -20.91
CA GLY F 277 18.92 73.12 -20.38
C GLY F 277 18.87 71.61 -20.46
N GLU F 278 19.81 71.04 -21.18
CA GLU F 278 19.89 69.62 -21.29
C GLU F 278 20.83 69.25 -20.18
N ARG F 279 20.25 69.35 -19.01
CA ARG F 279 21.05 69.13 -17.86
C ARG F 279 21.77 67.81 -18.06
N VAL F 280 21.45 67.07 -19.11
CA VAL F 280 22.16 65.83 -19.40
C VAL F 280 23.63 66.13 -19.70
N LEU F 281 23.85 67.22 -20.44
CA LEU F 281 25.19 67.65 -20.81
C LEU F 281 25.97 68.07 -19.55
N PRO F 282 25.28 68.78 -18.69
CA PRO F 282 25.85 69.22 -17.42
C PRO F 282 26.16 68.03 -16.56
N LEU F 283 25.30 67.02 -16.58
CA LEU F 283 25.51 65.83 -15.82
C LEU F 283 26.77 65.19 -16.31
N TYR F 284 27.01 65.08 -17.61
CA TYR F 284 28.27 64.47 -18.03
C TYR F 284 29.46 65.27 -17.55
N SER F 285 29.40 66.59 -17.63
CA SER F 285 30.55 67.36 -17.15
C SER F 285 30.79 67.18 -15.63
N PHE F 286 29.73 67.04 -14.87
CA PHE F 286 29.94 66.80 -13.45
C PHE F 286 30.87 65.63 -13.27
N VAL F 287 30.92 64.77 -14.28
CA VAL F 287 31.79 63.64 -14.33
C VAL F 287 33.28 64.00 -14.44
N ASP F 288 33.60 65.06 -15.18
CA ASP F 288 35.02 65.35 -15.46
C ASP F 288 35.66 65.64 -14.15
N TYR F 289 35.05 66.56 -13.43
CA TYR F 289 35.50 66.90 -12.12
C TYR F 289 35.51 65.63 -11.26
#